data_2JXI
# 
_entry.id   2JXI 
# 
_audit_conform.dict_name       mmcif_pdbx.dic 
_audit_conform.dict_version    5.391 
_audit_conform.dict_location   http://mmcif.pdb.org/dictionaries/ascii/mmcif_pdbx.dic 
# 
loop_
_database_2.database_id 
_database_2.database_code 
_database_2.pdbx_database_accession 
_database_2.pdbx_DOI 
PDB   2JXI         pdb_00002jxi 10.2210/pdb2jxi/pdb 
RCSB  RCSB100414   ?            ?                   
WWPDB D_1000100414 ?            ?                   
# 
loop_
_pdbx_audit_revision_history.ordinal 
_pdbx_audit_revision_history.data_content_type 
_pdbx_audit_revision_history.major_revision 
_pdbx_audit_revision_history.minor_revision 
_pdbx_audit_revision_history.revision_date 
1 'Structure model' 1 0 2008-10-21 
2 'Structure model' 1 1 2011-07-13 
3 'Structure model' 1 2 2015-05-27 
4 'Structure model' 1 3 2024-05-01 
# 
_pdbx_audit_revision_details.ordinal             1 
_pdbx_audit_revision_details.revision_ordinal    1 
_pdbx_audit_revision_details.data_content_type   'Structure model' 
_pdbx_audit_revision_details.provider            repository 
_pdbx_audit_revision_details.type                'Initial release' 
_pdbx_audit_revision_details.description         ? 
_pdbx_audit_revision_details.details             ? 
# 
loop_
_pdbx_audit_revision_group.ordinal 
_pdbx_audit_revision_group.revision_ordinal 
_pdbx_audit_revision_group.data_content_type 
_pdbx_audit_revision_group.group 
1 2 'Structure model' 'Version format compliance' 
2 3 'Structure model' 'Source and taxonomy'       
3 4 'Structure model' 'Data collection'           
4 4 'Structure model' 'Database references'       
# 
loop_
_pdbx_audit_revision_category.ordinal 
_pdbx_audit_revision_category.revision_ordinal 
_pdbx_audit_revision_category.data_content_type 
_pdbx_audit_revision_category.category 
1 4 'Structure model' chem_comp_atom        
2 4 'Structure model' chem_comp_bond        
3 4 'Structure model' database_2            
4 4 'Structure model' pdbx_nmr_software     
5 4 'Structure model' pdbx_nmr_spectrometer 
# 
loop_
_pdbx_audit_revision_item.ordinal 
_pdbx_audit_revision_item.revision_ordinal 
_pdbx_audit_revision_item.data_content_type 
_pdbx_audit_revision_item.item 
1 4 'Structure model' '_database_2.pdbx_DOI'                
2 4 'Structure model' '_database_2.pdbx_database_accession' 
3 4 'Structure model' '_pdbx_nmr_software.name'             
4 4 'Structure model' '_pdbx_nmr_spectrometer.model'        
# 
_pdbx_database_status.deposit_site                    BMRB 
_pdbx_database_status.entry_id                        2JXI 
_pdbx_database_status.process_site                    RCSB 
_pdbx_database_status.recvd_initial_deposition_date   2007-11-19 
_pdbx_database_status.SG_entry                        ? 
_pdbx_database_status.status_code                     REL 
_pdbx_database_status.status_code_mr                  REL 
_pdbx_database_status.status_code_sf                  ? 
_pdbx_database_status.status_code_cs                  ? 
_pdbx_database_status.methods_development_category    ? 
_pdbx_database_status.pdb_format_compatible           Y 
_pdbx_database_status.status_code_nmr_data            ? 
# 
loop_
_pdbx_database_related.db_id 
_pdbx_database_related.db_name 
_pdbx_database_related.details 
_pdbx_database_related.content_type 
7082 BMRB . unspecified 
2JXG PDB  . unspecified 
2JXH PDB  . unspecified 
# 
loop_
_audit_author.name 
_audit_author.pdbx_ordinal 
'Halouska, S.' 1 
'Zhou, Y.'     2 
'Becker, D.'   3 
'Powers, R.'   4 
# 
_citation.id                        primary 
_citation.title                     'Solution structure of the Pseudomonas putida protein PpPutA45 and its DNA complex' 
_citation.journal_abbrev            Proteins 
_citation.journal_volume            75 
_citation.page_first                12 
_citation.page_last                 27 
_citation.year                      2008 
_citation.journal_id_ASTM           PSFGEY 
_citation.country                   US 
_citation.journal_id_ISSN           0887-3585 
_citation.journal_id_CSD            0867 
_citation.book_publisher            ? 
_citation.pdbx_database_id_PubMed   18767154 
_citation.pdbx_database_id_DOI      10.1002/prot.22217 
# 
loop_
_citation_author.citation_id 
_citation_author.name 
_citation_author.ordinal 
_citation_author.identifier_ORCID 
primary 'Halouska, S.' 1 ? 
primary 'Zhou, Y.'     2 ? 
primary 'Becker, D.F.' 3 ? 
primary 'Powers, R.'   4 ? 
# 
loop_
_entity.id 
_entity.type 
_entity.src_method 
_entity.pdbx_description 
_entity.formula_weight 
_entity.pdbx_number_of_molecules 
_entity.pdbx_ec 
_entity.pdbx_mutation 
_entity.pdbx_fragment 
_entity.details 
1 polymer nat 'Proline dehydrogenase'                                                  5191.998 2 ? ? ? ? 
2 polymer syn 
;DNA (5'-D(*DGP*DCP*DGP*DGP*DTP*DTP*DGP*DCP*DAP*DCP*DCP*DTP*DTP*DT)-3')
;
4262.764 1 ? ? ? ? 
3 polymer syn 
;DNA (5'-D(*DAP*DAP*DAP*DGP*DGP*DTP*DGP*DCP*DAP*DAP*DCP*DCP*DGP*DC)-3')
;
4298.819 1 ? ? ? ? 
# 
loop_
_entity_poly.entity_id 
_entity_poly.type 
_entity_poly.nstd_linkage 
_entity_poly.nstd_monomer 
_entity_poly.pdbx_seq_one_letter_code 
_entity_poly.pdbx_seq_one_letter_code_can 
_entity_poly.pdbx_strand_id 
_entity_poly.pdbx_target_identifier 
1 'polypeptide(L)'        no no MATTTLGVKLDDPTRERLKAAAQSIDRTPHWLIKQAIFNYLEKLE              
MATTTLGVKLDDPTRERLKAAAQSIDRTPHWLIKQAIFNYLEKLE A,B ? 
2 polydeoxyribonucleotide no no '(DG)(DC)(DG)(DG)(DT)(DT)(DG)(DC)(DA)(DC)(DC)(DT)(DT)(DT)' GCGGTTGCACCTTT C   ? 
3 polydeoxyribonucleotide no no '(DA)(DA)(DA)(DG)(DG)(DT)(DG)(DC)(DA)(DA)(DC)(DC)(DG)(DC)' AAAGGTGCAACCGC D   ? 
# 
loop_
_entity_poly_seq.entity_id 
_entity_poly_seq.num 
_entity_poly_seq.mon_id 
_entity_poly_seq.hetero 
1 1  MET n 
1 2  ALA n 
1 3  THR n 
1 4  THR n 
1 5  THR n 
1 6  LEU n 
1 7  GLY n 
1 8  VAL n 
1 9  LYS n 
1 10 LEU n 
1 11 ASP n 
1 12 ASP n 
1 13 PRO n 
1 14 THR n 
1 15 ARG n 
1 16 GLU n 
1 17 ARG n 
1 18 LEU n 
1 19 LYS n 
1 20 ALA n 
1 21 ALA n 
1 22 ALA n 
1 23 GLN n 
1 24 SER n 
1 25 ILE n 
1 26 ASP n 
1 27 ARG n 
1 28 THR n 
1 29 PRO n 
1 30 HIS n 
1 31 TRP n 
1 32 LEU n 
1 33 ILE n 
1 34 LYS n 
1 35 GLN n 
1 36 ALA n 
1 37 ILE n 
1 38 PHE n 
1 39 ASN n 
1 40 TYR n 
1 41 LEU n 
1 42 GLU n 
1 43 LYS n 
1 44 LEU n 
1 45 GLU n 
2 1  DG  n 
2 2  DC  n 
2 3  DG  n 
2 4  DG  n 
2 5  DT  n 
2 6  DT  n 
2 7  DG  n 
2 8  DC  n 
2 9  DA  n 
2 10 DC  n 
2 11 DC  n 
2 12 DT  n 
2 13 DT  n 
2 14 DT  n 
3 1  DA  n 
3 2  DA  n 
3 3  DA  n 
3 4  DG  n 
3 5  DG  n 
3 6  DT  n 
3 7  DG  n 
3 8  DC  n 
3 9  DA  n 
3 10 DA  n 
3 11 DC  n 
3 12 DC  n 
3 13 DG  n 
3 14 DC  n 
# 
_entity_src_nat.entity_id                  1 
_entity_src_nat.pdbx_src_id                1 
_entity_src_nat.pdbx_alt_source_flag       sample 
_entity_src_nat.pdbx_beg_seq_num           ? 
_entity_src_nat.pdbx_end_seq_num           ? 
_entity_src_nat.common_name                ? 
_entity_src_nat.pdbx_organism_scientific   'Pseudomonas putida' 
_entity_src_nat.pdbx_ncbi_taxonomy_id      303 
_entity_src_nat.genus                      ? 
_entity_src_nat.species                    ? 
_entity_src_nat.strain                     ? 
_entity_src_nat.tissue                     ? 
_entity_src_nat.tissue_fraction            ? 
_entity_src_nat.pdbx_secretion             ? 
_entity_src_nat.pdbx_fragment              ? 
_entity_src_nat.pdbx_variant               ? 
_entity_src_nat.pdbx_cell_line             ? 
_entity_src_nat.pdbx_atcc                  ? 
_entity_src_nat.pdbx_cellular_location     ? 
_entity_src_nat.pdbx_organ                 ? 
_entity_src_nat.pdbx_organelle             ? 
_entity_src_nat.pdbx_cell                  ? 
_entity_src_nat.pdbx_plasmid_name          ? 
_entity_src_nat.pdbx_plasmid_details       ? 
_entity_src_nat.details                    ? 
# 
_pdbx_entity_src_syn.entity_id              2 
_pdbx_entity_src_syn.pdbx_src_id            1 
_pdbx_entity_src_syn.pdbx_alt_source_flag   sample 
_pdbx_entity_src_syn.pdbx_beg_seq_num       ? 
_pdbx_entity_src_syn.pdbx_end_seq_num       ? 
_pdbx_entity_src_syn.organism_scientific    ? 
_pdbx_entity_src_syn.organism_common_name   ? 
_pdbx_entity_src_syn.ncbi_taxonomy_id       32630 
_pdbx_entity_src_syn.details                ? 
# 
loop_
_chem_comp.id 
_chem_comp.type 
_chem_comp.mon_nstd_flag 
_chem_comp.name 
_chem_comp.pdbx_synonyms 
_chem_comp.formula 
_chem_comp.formula_weight 
ALA 'L-peptide linking' y ALANINE                              ? 'C3 H7 N O2'      89.093  
ARG 'L-peptide linking' y ARGININE                             ? 'C6 H15 N4 O2 1'  175.209 
ASN 'L-peptide linking' y ASPARAGINE                           ? 'C4 H8 N2 O3'     132.118 
ASP 'L-peptide linking' y 'ASPARTIC ACID'                      ? 'C4 H7 N O4'      133.103 
DA  'DNA linking'       y "2'-DEOXYADENOSINE-5'-MONOPHOSPHATE" ? 'C10 H14 N5 O6 P' 331.222 
DC  'DNA linking'       y "2'-DEOXYCYTIDINE-5'-MONOPHOSPHATE"  ? 'C9 H14 N3 O7 P'  307.197 
DG  'DNA linking'       y "2'-DEOXYGUANOSINE-5'-MONOPHOSPHATE" ? 'C10 H14 N5 O7 P' 347.221 
DT  'DNA linking'       y "THYMIDINE-5'-MONOPHOSPHATE"         ? 'C10 H15 N2 O8 P' 322.208 
GLN 'L-peptide linking' y GLUTAMINE                            ? 'C5 H10 N2 O3'    146.144 
GLU 'L-peptide linking' y 'GLUTAMIC ACID'                      ? 'C5 H9 N O4'      147.129 
GLY 'peptide linking'   y GLYCINE                              ? 'C2 H5 N O2'      75.067  
HIS 'L-peptide linking' y HISTIDINE                            ? 'C6 H10 N3 O2 1'  156.162 
ILE 'L-peptide linking' y ISOLEUCINE                           ? 'C6 H13 N O2'     131.173 
LEU 'L-peptide linking' y LEUCINE                              ? 'C6 H13 N O2'     131.173 
LYS 'L-peptide linking' y LYSINE                               ? 'C6 H15 N2 O2 1'  147.195 
MET 'L-peptide linking' y METHIONINE                           ? 'C5 H11 N O2 S'   149.211 
PHE 'L-peptide linking' y PHENYLALANINE                        ? 'C9 H11 N O2'     165.189 
PRO 'L-peptide linking' y PROLINE                              ? 'C5 H9 N O2'      115.130 
SER 'L-peptide linking' y SERINE                               ? 'C3 H7 N O3'      105.093 
THR 'L-peptide linking' y THREONINE                            ? 'C4 H9 N O3'      119.119 
TRP 'L-peptide linking' y TRYPTOPHAN                           ? 'C11 H12 N2 O2'   204.225 
TYR 'L-peptide linking' y TYROSINE                             ? 'C9 H11 N O3'     181.189 
VAL 'L-peptide linking' y VALINE                               ? 'C5 H11 N O2'     117.146 
# 
loop_
_pdbx_poly_seq_scheme.asym_id 
_pdbx_poly_seq_scheme.entity_id 
_pdbx_poly_seq_scheme.seq_id 
_pdbx_poly_seq_scheme.mon_id 
_pdbx_poly_seq_scheme.ndb_seq_num 
_pdbx_poly_seq_scheme.pdb_seq_num 
_pdbx_poly_seq_scheme.auth_seq_num 
_pdbx_poly_seq_scheme.pdb_mon_id 
_pdbx_poly_seq_scheme.auth_mon_id 
_pdbx_poly_seq_scheme.pdb_strand_id 
_pdbx_poly_seq_scheme.pdb_ins_code 
_pdbx_poly_seq_scheme.hetero 
A 1 1  MET 1  1  1  MET MET A . n 
A 1 2  ALA 2  2  2  ALA ALA A . n 
A 1 3  THR 3  3  3  THR THR A . n 
A 1 4  THR 4  4  4  THR THR A . n 
A 1 5  THR 5  5  5  THR THR A . n 
A 1 6  LEU 6  6  6  LEU LEU A . n 
A 1 7  GLY 7  7  7  GLY GLY A . n 
A 1 8  VAL 8  8  8  VAL VAL A . n 
A 1 9  LYS 9  9  9  LYS LYS A . n 
A 1 10 LEU 10 10 10 LEU LEU A . n 
A 1 11 ASP 11 11 11 ASP ASP A . n 
A 1 12 ASP 12 12 12 ASP ASP A . n 
A 1 13 PRO 13 13 13 PRO PRO A . n 
A 1 14 THR 14 14 14 THR THR A . n 
A 1 15 ARG 15 15 15 ARG ARG A . n 
A 1 16 GLU 16 16 16 GLU GLU A . n 
A 1 17 ARG 17 17 17 ARG ARG A . n 
A 1 18 LEU 18 18 18 LEU LEU A . n 
A 1 19 LYS 19 19 19 LYS LYS A . n 
A 1 20 ALA 20 20 20 ALA ALA A . n 
A 1 21 ALA 21 21 21 ALA ALA A . n 
A 1 22 ALA 22 22 22 ALA ALA A . n 
A 1 23 GLN 23 23 23 GLN GLN A . n 
A 1 24 SER 24 24 24 SER SER A . n 
A 1 25 ILE 25 25 25 ILE ILE A . n 
A 1 26 ASP 26 26 26 ASP ASP A . n 
A 1 27 ARG 27 27 27 ARG ARG A . n 
A 1 28 THR 28 28 28 THR THR A . n 
A 1 29 PRO 29 29 29 PRO PRO A . n 
A 1 30 HIS 30 30 30 HIS HIS A . n 
A 1 31 TRP 31 31 31 TRP TRP A . n 
A 1 32 LEU 32 32 32 LEU LEU A . n 
A 1 33 ILE 33 33 33 ILE ILE A . n 
A 1 34 LYS 34 34 34 LYS LYS A . n 
A 1 35 GLN 35 35 35 GLN GLN A . n 
A 1 36 ALA 36 36 36 ALA ALA A . n 
A 1 37 ILE 37 37 37 ILE ILE A . n 
A 1 38 PHE 38 38 38 PHE PHE A . n 
A 1 39 ASN 39 39 39 ASN ASN A . n 
A 1 40 TYR 40 40 40 TYR TYR A . n 
A 1 41 LEU 41 41 41 LEU LEU A . n 
A 1 42 GLU 42 42 42 GLU GLU A . n 
A 1 43 LYS 43 43 43 LYS LYS A . n 
A 1 44 LEU 44 44 44 LEU LEU A . n 
A 1 45 GLU 45 45 45 GLU GLU A . n 
B 1 1  MET 1  46 46 MET MET B . n 
B 1 2  ALA 2  47 47 ALA ALA B . n 
B 1 3  THR 3  48 48 THR THR B . n 
B 1 4  THR 4  49 49 THR THR B . n 
B 1 5  THR 5  50 50 THR THR B . n 
B 1 6  LEU 6  51 51 LEU LEU B . n 
B 1 7  GLY 7  52 52 GLY GLY B . n 
B 1 8  VAL 8  53 53 VAL VAL B . n 
B 1 9  LYS 9  54 54 LYS LYS B . n 
B 1 10 LEU 10 55 55 LEU LEU B . n 
B 1 11 ASP 11 56 56 ASP ASP B . n 
B 1 12 ASP 12 57 57 ASP ASP B . n 
B 1 13 PRO 13 58 58 PRO PRO B . n 
B 1 14 THR 14 59 59 THR THR B . n 
B 1 15 ARG 15 60 60 ARG ARG B . n 
B 1 16 GLU 16 61 61 GLU GLU B . n 
B 1 17 ARG 17 62 62 ARG ARG B . n 
B 1 18 LEU 18 63 63 LEU LEU B . n 
B 1 19 LYS 19 64 64 LYS LYS B . n 
B 1 20 ALA 20 65 65 ALA ALA B . n 
B 1 21 ALA 21 66 66 ALA ALA B . n 
B 1 22 ALA 22 67 67 ALA ALA B . n 
B 1 23 GLN 23 68 68 GLN GLN B . n 
B 1 24 SER 24 69 69 SER SER B . n 
B 1 25 ILE 25 70 70 ILE ILE B . n 
B 1 26 ASP 26 71 71 ASP ASP B . n 
B 1 27 ARG 27 72 72 ARG ARG B . n 
B 1 28 THR 28 73 73 THR THR B . n 
B 1 29 PRO 29 74 74 PRO PRO B . n 
B 1 30 HIS 30 75 75 HIS HIS B . n 
B 1 31 TRP 31 76 76 TRP TRP B . n 
B 1 32 LEU 32 77 77 LEU LEU B . n 
B 1 33 ILE 33 78 78 ILE ILE B . n 
B 1 34 LYS 34 79 79 LYS LYS B . n 
B 1 35 GLN 35 80 80 GLN GLN B . n 
B 1 36 ALA 36 81 81 ALA ALA B . n 
B 1 37 ILE 37 82 82 ILE ILE B . n 
B 1 38 PHE 38 83 83 PHE PHE B . n 
B 1 39 ASN 39 84 84 ASN ASN B . n 
B 1 40 TYR 40 85 85 TYR TYR B . n 
B 1 41 LEU 41 86 86 LEU LEU B . n 
B 1 42 GLU 42 87 87 GLU GLU B . n 
B 1 43 LYS 43 88 88 LYS LYS B . n 
B 1 44 LEU 44 89 89 LEU LEU B . n 
B 1 45 GLU 45 90 90 GLU GLU B . n 
C 2 1  DG  1  1  1  DG  DG  C . n 
C 2 2  DC  2  2  2  DC  DC  C . n 
C 2 3  DG  3  3  3  DG  DG  C . n 
C 2 4  DG  4  4  4  DG  DG  C . n 
C 2 5  DT  5  5  5  DT  DT  C . n 
C 2 6  DT  6  6  6  DT  DT  C . n 
C 2 7  DG  7  7  7  DG  DG  C . n 
C 2 8  DC  8  8  8  DC  DC  C . n 
C 2 9  DA  9  9  9  DA  DA  C . n 
C 2 10 DC  10 10 10 DC  DC  C . n 
C 2 11 DC  11 11 11 DC  DC  C . n 
C 2 12 DT  12 12 12 DT  DT  C . n 
C 2 13 DT  13 13 13 DT  DT  C . n 
C 2 14 DT  14 14 14 DT  DT  C . n 
D 3 1  DA  1  15 15 DA  DA  D . n 
D 3 2  DA  2  16 16 DA  DA  D . n 
D 3 3  DA  3  17 17 DA  DA  D . n 
D 3 4  DG  4  18 18 DG  DG  D . n 
D 3 5  DG  5  19 19 DG  DG  D . n 
D 3 6  DT  6  20 20 DT  DT  D . n 
D 3 7  DG  7  21 21 DG  DG  D . n 
D 3 8  DC  8  22 22 DC  DC  D . n 
D 3 9  DA  9  23 23 DA  DA  D . n 
D 3 10 DA  10 24 24 DA  DA  D . n 
D 3 11 DC  11 25 25 DC  DC  D . n 
D 3 12 DC  12 26 26 DC  DC  D . n 
D 3 13 DG  13 27 27 DG  DG  D . n 
D 3 14 DC  14 28 28 DC  DC  D . n 
# 
_exptl.absorpt_coefficient_mu     ? 
_exptl.absorpt_correction_T_max   ? 
_exptl.absorpt_correction_T_min   ? 
_exptl.absorpt_correction_type    ? 
_exptl.absorpt_process_details    ? 
_exptl.crystals_number            ? 
_exptl.details                    ? 
_exptl.entry_id                   2JXI 
_exptl.method                     'SOLUTION NMR' 
_exptl.method_details             ? 
# 
_struct.entry_id                  2JXI 
_struct.title                     
'Solution structure of the DNA-binding domain of Pseudomonas putida Proline utilization A (putA) bound to GTTGCA DNA sequence' 
_struct.pdbx_model_details        ? 
_struct.pdbx_CASP_flag            ? 
_struct.pdbx_model_type_details   'minimized average' 
# 
_struct_keywords.entry_id        2JXI 
_struct_keywords.pdbx_keywords   'DNA BINDING PROTEIN, DNA' 
_struct_keywords.text            'PutA, Proline, Utilization, DNA, DNA BINDING PROTEIN' 
# 
loop_
_struct_asym.id 
_struct_asym.pdbx_blank_PDB_chainid_flag 
_struct_asym.pdbx_modified 
_struct_asym.entity_id 
_struct_asym.details 
A N N 1 ? 
B N N 1 ? 
C N N 2 ? 
D N N 3 ? 
# 
loop_
_struct_ref.id 
_struct_ref.db_name 
_struct_ref.db_code 
_struct_ref.pdbx_db_accession 
_struct_ref.entity_id 
_struct_ref.pdbx_seq_one_letter_code 
_struct_ref.pdbx_align_begin 
_struct_ref.pdbx_db_isoform 
1 UNP Q9R9T7_PSEPU Q9R9T7 1 MATTTLGVKLDDPTRERLKAAAQSIDRTPHWLIKQAIFNYLEKLE 1 ? 
2 PDB 2JXI         2JXI   2 GCGGTTGCACCTTT                                ? ? 
3 PDB 2JXI         2JXI   3 AAAGGTGCAACCGC                                ? ? 
# 
loop_
_struct_ref_seq.align_id 
_struct_ref_seq.ref_id 
_struct_ref_seq.pdbx_PDB_id_code 
_struct_ref_seq.pdbx_strand_id 
_struct_ref_seq.seq_align_beg 
_struct_ref_seq.pdbx_seq_align_beg_ins_code 
_struct_ref_seq.seq_align_end 
_struct_ref_seq.pdbx_seq_align_end_ins_code 
_struct_ref_seq.pdbx_db_accession 
_struct_ref_seq.db_align_beg 
_struct_ref_seq.pdbx_db_align_beg_ins_code 
_struct_ref_seq.db_align_end 
_struct_ref_seq.pdbx_db_align_end_ins_code 
_struct_ref_seq.pdbx_auth_seq_align_beg 
_struct_ref_seq.pdbx_auth_seq_align_end 
1 1 2JXI A 1 ? 45 ? Q9R9T7 1  ? 45 ? 1  45 
2 1 2JXI B 1 ? 45 ? Q9R9T7 1  ? 45 ? 46 90 
3 2 2JXI C 1 ? 14 ? 2JXI   1  ? 14 ? 1  14 
4 3 2JXI D 1 ? 14 ? 2JXI   15 ? 28 ? 15 28 
# 
_pdbx_struct_assembly.id                   1 
_pdbx_struct_assembly.details              author_defined_assembly 
_pdbx_struct_assembly.method_details       ? 
_pdbx_struct_assembly.oligomeric_details   tetrameric 
_pdbx_struct_assembly.oligomeric_count     4 
# 
_pdbx_struct_assembly_gen.assembly_id       1 
_pdbx_struct_assembly_gen.oper_expression   1 
_pdbx_struct_assembly_gen.asym_id_list      A,B,C,D 
# 
_pdbx_struct_oper_list.id                   1 
_pdbx_struct_oper_list.type                 'identity operation' 
_pdbx_struct_oper_list.name                 1_555 
_pdbx_struct_oper_list.symmetry_operation   x,y,z 
_pdbx_struct_oper_list.matrix[1][1]         1.0000000000 
_pdbx_struct_oper_list.matrix[1][2]         0.0000000000 
_pdbx_struct_oper_list.matrix[1][3]         0.0000000000 
_pdbx_struct_oper_list.vector[1]            0.0000000000 
_pdbx_struct_oper_list.matrix[2][1]         0.0000000000 
_pdbx_struct_oper_list.matrix[2][2]         1.0000000000 
_pdbx_struct_oper_list.matrix[2][3]         0.0000000000 
_pdbx_struct_oper_list.vector[2]            0.0000000000 
_pdbx_struct_oper_list.matrix[3][1]         0.0000000000 
_pdbx_struct_oper_list.matrix[3][2]         0.0000000000 
_pdbx_struct_oper_list.matrix[3][3]         1.0000000000 
_pdbx_struct_oper_list.vector[3]            0.0000000000 
# 
_struct_biol.id        1 
_struct_biol.details   ? 
# 
loop_
_struct_conf.conf_type_id 
_struct_conf.id 
_struct_conf.pdbx_PDB_helix_id 
_struct_conf.beg_label_comp_id 
_struct_conf.beg_label_asym_id 
_struct_conf.beg_label_seq_id 
_struct_conf.pdbx_beg_PDB_ins_code 
_struct_conf.end_label_comp_id 
_struct_conf.end_label_asym_id 
_struct_conf.end_label_seq_id 
_struct_conf.pdbx_end_PDB_ins_code 
_struct_conf.beg_auth_comp_id 
_struct_conf.beg_auth_asym_id 
_struct_conf.beg_auth_seq_id 
_struct_conf.end_auth_comp_id 
_struct_conf.end_auth_asym_id 
_struct_conf.end_auth_seq_id 
_struct_conf.pdbx_PDB_helix_class 
_struct_conf.details 
_struct_conf.pdbx_PDB_helix_length 
HELX_P HELX_P1 1 ASP A 12 ? ILE A 25 ? ASP A 12 ILE A 25 1 ? 14 
HELX_P HELX_P2 2 THR A 28 ? GLU A 45 ? THR A 28 GLU A 45 1 ? 18 
HELX_P HELX_P3 3 ASP B 11 ? ILE B 25 ? ASP B 56 ILE B 70 1 ? 15 
HELX_P HELX_P4 4 THR B 28 ? GLU B 45 ? THR B 73 GLU B 90 1 ? 18 
# 
_struct_conf_type.id          HELX_P 
_struct_conf_type.criteria    ? 
_struct_conf_type.reference   ? 
# 
loop_
_struct_conn.id 
_struct_conn.conn_type_id 
_struct_conn.pdbx_leaving_atom_flag 
_struct_conn.pdbx_PDB_id 
_struct_conn.ptnr1_label_asym_id 
_struct_conn.ptnr1_label_comp_id 
_struct_conn.ptnr1_label_seq_id 
_struct_conn.ptnr1_label_atom_id 
_struct_conn.pdbx_ptnr1_label_alt_id 
_struct_conn.pdbx_ptnr1_PDB_ins_code 
_struct_conn.pdbx_ptnr1_standard_comp_id 
_struct_conn.ptnr1_symmetry 
_struct_conn.ptnr2_label_asym_id 
_struct_conn.ptnr2_label_comp_id 
_struct_conn.ptnr2_label_seq_id 
_struct_conn.ptnr2_label_atom_id 
_struct_conn.pdbx_ptnr2_label_alt_id 
_struct_conn.pdbx_ptnr2_PDB_ins_code 
_struct_conn.ptnr1_auth_asym_id 
_struct_conn.ptnr1_auth_comp_id 
_struct_conn.ptnr1_auth_seq_id 
_struct_conn.ptnr2_auth_asym_id 
_struct_conn.ptnr2_auth_comp_id 
_struct_conn.ptnr2_auth_seq_id 
_struct_conn.ptnr2_symmetry 
_struct_conn.pdbx_ptnr3_label_atom_id 
_struct_conn.pdbx_ptnr3_label_seq_id 
_struct_conn.pdbx_ptnr3_label_comp_id 
_struct_conn.pdbx_ptnr3_label_asym_id 
_struct_conn.pdbx_ptnr3_label_alt_id 
_struct_conn.pdbx_ptnr3_PDB_ins_code 
_struct_conn.details 
_struct_conn.pdbx_dist_value 
_struct_conn.pdbx_value_order 
_struct_conn.pdbx_role 
hydrog1  hydrog ? ? C DG 1  N1 ? ? ? 1_555 D DC 14 N3 ? ? C DG 1  D DC 28 1_555 ? ? ? ? ? ? WATSON-CRICK ? ? ? 
hydrog2  hydrog ? ? C DG 1  N2 ? ? ? 1_555 D DC 14 O2 ? ? C DG 1  D DC 28 1_555 ? ? ? ? ? ? WATSON-CRICK ? ? ? 
hydrog3  hydrog ? ? C DG 1  O6 ? ? ? 1_555 D DC 14 N4 ? ? C DG 1  D DC 28 1_555 ? ? ? ? ? ? WATSON-CRICK ? ? ? 
hydrog4  hydrog ? ? C DC 2  O2 ? ? ? 1_555 D DG 13 N1 ? ? C DC 2  D DG 27 1_555 ? ? ? ? ? ? 'DC-DG PAIR' ? ? ? 
hydrog5  hydrog ? ? C DT 6  N3 ? ? ? 1_555 D DA 10 N1 ? ? C DT 6  D DA 24 1_555 ? ? ? ? ? ? 'DT-DA PAIR' ? ? ? 
hydrog6  hydrog ? ? C DG 7  N1 ? ? ? 1_555 D DC 8  N3 ? ? C DG 7  D DC 22 1_555 ? ? ? ? ? ? 'DG-DC PAIR' ? ? ? 
hydrog7  hydrog ? ? C DG 7  N1 ? ? ? 1_555 D DA 9  N1 ? ? C DG 7  D DA 23 1_555 ? ? ? ? ? ? TYPE_8_PAIR  ? ? ? 
hydrog8  hydrog ? ? C DG 7  O6 ? ? ? 1_555 D DA 9  N6 ? ? C DG 7  D DA 23 1_555 ? ? ? ? ? ? TYPE_8_PAIR  ? ? ? 
hydrog9  hydrog ? ? C DA 9  N1 ? ? ? 1_555 D DT 6  N3 ? ? C DA 9  D DT 20 1_555 ? ? ? ? ? ? WATSON-CRICK ? ? ? 
hydrog10 hydrog ? ? C DA 9  N6 ? ? ? 1_555 D DT 6  O4 ? ? C DA 9  D DT 20 1_555 ? ? ? ? ? ? WATSON-CRICK ? ? ? 
hydrog11 hydrog ? ? C DC 10 O2 ? ? ? 1_555 D DG 5  N2 ? ? C DC 10 D DG 19 1_555 ? ? ? ? ? ? 'DC-DG PAIR' ? ? ? 
hydrog12 hydrog ? ? C DC 11 O2 ? ? ? 1_555 D DG 5  N2 ? ? C DC 11 D DG 19 1_555 ? ? ? ? ? ? 'DC-DG PAIR' ? ? ? 
# 
_struct_conn_type.id          hydrog 
_struct_conn_type.criteria    ? 
_struct_conn_type.reference   ? 
# 
loop_
_struct_sheet.id 
_struct_sheet.type 
_struct_sheet.number_strands 
_struct_sheet.details 
A ? 2 ? 
B ? 2 ? 
# 
loop_
_struct_sheet_order.sheet_id 
_struct_sheet_order.range_id_1 
_struct_sheet_order.range_id_2 
_struct_sheet_order.offset 
_struct_sheet_order.sense 
A 1 2 ? anti-parallel 
B 1 2 ? anti-parallel 
# 
loop_
_struct_sheet_range.sheet_id 
_struct_sheet_range.id 
_struct_sheet_range.beg_label_comp_id 
_struct_sheet_range.beg_label_asym_id 
_struct_sheet_range.beg_label_seq_id 
_struct_sheet_range.pdbx_beg_PDB_ins_code 
_struct_sheet_range.end_label_comp_id 
_struct_sheet_range.end_label_asym_id 
_struct_sheet_range.end_label_seq_id 
_struct_sheet_range.pdbx_end_PDB_ins_code 
_struct_sheet_range.beg_auth_comp_id 
_struct_sheet_range.beg_auth_asym_id 
_struct_sheet_range.beg_auth_seq_id 
_struct_sheet_range.end_auth_comp_id 
_struct_sheet_range.end_auth_asym_id 
_struct_sheet_range.end_auth_seq_id 
A 1 THR A 5  ? LEU A 6  ? THR A 5  LEU A 6  
A 2 VAL B 8  ? LYS B 9  ? VAL B 53 LYS B 54 
B 1 LEU A 10 ? ASP A 11 ? LEU A 10 ASP A 11 
B 2 THR B 3  ? THR B 4  ? THR B 48 THR B 49 
# 
loop_
_pdbx_struct_sheet_hbond.sheet_id 
_pdbx_struct_sheet_hbond.range_id_1 
_pdbx_struct_sheet_hbond.range_id_2 
_pdbx_struct_sheet_hbond.range_1_label_atom_id 
_pdbx_struct_sheet_hbond.range_1_label_comp_id 
_pdbx_struct_sheet_hbond.range_1_label_asym_id 
_pdbx_struct_sheet_hbond.range_1_label_seq_id 
_pdbx_struct_sheet_hbond.range_1_PDB_ins_code 
_pdbx_struct_sheet_hbond.range_1_auth_atom_id 
_pdbx_struct_sheet_hbond.range_1_auth_comp_id 
_pdbx_struct_sheet_hbond.range_1_auth_asym_id 
_pdbx_struct_sheet_hbond.range_1_auth_seq_id 
_pdbx_struct_sheet_hbond.range_2_label_atom_id 
_pdbx_struct_sheet_hbond.range_2_label_comp_id 
_pdbx_struct_sheet_hbond.range_2_label_asym_id 
_pdbx_struct_sheet_hbond.range_2_label_seq_id 
_pdbx_struct_sheet_hbond.range_2_PDB_ins_code 
_pdbx_struct_sheet_hbond.range_2_auth_atom_id 
_pdbx_struct_sheet_hbond.range_2_auth_comp_id 
_pdbx_struct_sheet_hbond.range_2_auth_asym_id 
_pdbx_struct_sheet_hbond.range_2_auth_seq_id 
A 1 2 N LEU A 6  ? N LEU A 6  O VAL B 8 ? O VAL B 53 
B 1 2 N LEU A 10 ? N LEU A 10 O THR B 4 ? O THR B 49 
# 
_pdbx_validate_torsion.id              1 
_pdbx_validate_torsion.PDB_model_num   1 
_pdbx_validate_torsion.auth_comp_id    ALA 
_pdbx_validate_torsion.auth_asym_id    A 
_pdbx_validate_torsion.auth_seq_id     2 
_pdbx_validate_torsion.PDB_ins_code    ? 
_pdbx_validate_torsion.label_alt_id    ? 
_pdbx_validate_torsion.phi             -106.22 
_pdbx_validate_torsion.psi             68.98 
# 
_pdbx_nmr_ensemble.average_constraint_violations_per_residue     ? 
_pdbx_nmr_ensemble.average_constraints_per_residue               ? 
_pdbx_nmr_ensemble.average_distance_constraint_violation         ? 
_pdbx_nmr_ensemble.average_torsion_angle_constraint_violation    ? 
_pdbx_nmr_ensemble.conformer_selection_criteria                  'structures with the lowest energy' 
_pdbx_nmr_ensemble.conformers_calculated_total_number            100 
_pdbx_nmr_ensemble.conformers_submitted_total_number             1 
_pdbx_nmr_ensemble.distance_constraint_violation_method          ? 
_pdbx_nmr_ensemble.entry_id                                      2JXI 
_pdbx_nmr_ensemble.maximum_distance_constraint_violation         ? 
_pdbx_nmr_ensemble.maximum_lower_distance_constraint_violation   ? 
_pdbx_nmr_ensemble.maximum_torsion_angle_constraint_violation    ? 
_pdbx_nmr_ensemble.maximum_upper_distance_constraint_violation   ? 
_pdbx_nmr_ensemble.torsion_angle_constraint_violation_method     ? 
# 
_pdbx_nmr_representative.conformer_id         1 
_pdbx_nmr_representative.entry_id             2JXI 
_pdbx_nmr_representative.selection_criteria   'minimized average structure' 
# 
_pdbx_nmr_sample_details.contents         
'82 uM [U-100% 13C; U-100% 15N] PutA45, 82 uM DNA, 200 mM sodium chloride, 90% H2O/10% D2O' 
_pdbx_nmr_sample_details.solution_id      1 
_pdbx_nmr_sample_details.solvent_system   '90% H2O/10% D2O' 
# 
loop_
_pdbx_nmr_exptl_sample.component 
_pdbx_nmr_exptl_sample.concentration 
_pdbx_nmr_exptl_sample.concentration_units 
_pdbx_nmr_exptl_sample.isotopic_labeling 
_pdbx_nmr_exptl_sample.solution_id 
PutA45            82  uM '[U-100% 13C; U-100% 15N]' 1 
DNA               82  uM ?                          1 
'sodium chloride' 200 mM ?                          1 
# 
_pdbx_nmr_exptl_sample_conditions.conditions_id       1 
_pdbx_nmr_exptl_sample_conditions.ionic_strength      '200mM NaCl' 
_pdbx_nmr_exptl_sample_conditions.pH                  6.2 
_pdbx_nmr_exptl_sample_conditions.pressure            ambient 
_pdbx_nmr_exptl_sample_conditions.pressure_units      ? 
_pdbx_nmr_exptl_sample_conditions.temperature         298 
_pdbx_nmr_exptl_sample_conditions.temperature_units   K 
# 
_pdbx_nmr_exptl.conditions_id   1 
_pdbx_nmr_exptl.experiment_id   1 
_pdbx_nmr_exptl.solution_id     1 
_pdbx_nmr_exptl.type            '2D 1H-15N HSQC' 
# 
_pdbx_nmr_refine.entry_id           2JXI 
_pdbx_nmr_refine.method             'simulated annealing' 
_pdbx_nmr_refine.details            ? 
_pdbx_nmr_refine.software_ordinal   1 
# 
loop_
_pdbx_nmr_software.authors 
_pdbx_nmr_software.classification 
_pdbx_nmr_software.name 
_pdbx_nmr_software.version 
_pdbx_nmr_software.ordinal 
'Alexandre Bonvin' 'structure solution' HADDOCK ? 1 
'Alexandre Bonvin' refinement           HADDOCK ? 2 
# 
loop_
_chem_comp_atom.comp_id 
_chem_comp_atom.atom_id 
_chem_comp_atom.type_symbol 
_chem_comp_atom.pdbx_aromatic_flag 
_chem_comp_atom.pdbx_stereo_config 
_chem_comp_atom.pdbx_ordinal 
ALA N      N N N 1   
ALA CA     C N S 2   
ALA C      C N N 3   
ALA O      O N N 4   
ALA CB     C N N 5   
ALA OXT    O N N 6   
ALA H      H N N 7   
ALA H2     H N N 8   
ALA HA     H N N 9   
ALA HB1    H N N 10  
ALA HB2    H N N 11  
ALA HB3    H N N 12  
ALA HXT    H N N 13  
ARG N      N N N 14  
ARG CA     C N S 15  
ARG C      C N N 16  
ARG O      O N N 17  
ARG CB     C N N 18  
ARG CG     C N N 19  
ARG CD     C N N 20  
ARG NE     N N N 21  
ARG CZ     C N N 22  
ARG NH1    N N N 23  
ARG NH2    N N N 24  
ARG OXT    O N N 25  
ARG H      H N N 26  
ARG H2     H N N 27  
ARG HA     H N N 28  
ARG HB2    H N N 29  
ARG HB3    H N N 30  
ARG HG2    H N N 31  
ARG HG3    H N N 32  
ARG HD2    H N N 33  
ARG HD3    H N N 34  
ARG HE     H N N 35  
ARG HH11   H N N 36  
ARG HH12   H N N 37  
ARG HH21   H N N 38  
ARG HH22   H N N 39  
ARG HXT    H N N 40  
ASN N      N N N 41  
ASN CA     C N S 42  
ASN C      C N N 43  
ASN O      O N N 44  
ASN CB     C N N 45  
ASN CG     C N N 46  
ASN OD1    O N N 47  
ASN ND2    N N N 48  
ASN OXT    O N N 49  
ASN H      H N N 50  
ASN H2     H N N 51  
ASN HA     H N N 52  
ASN HB2    H N N 53  
ASN HB3    H N N 54  
ASN HD21   H N N 55  
ASN HD22   H N N 56  
ASN HXT    H N N 57  
ASP N      N N N 58  
ASP CA     C N S 59  
ASP C      C N N 60  
ASP O      O N N 61  
ASP CB     C N N 62  
ASP CG     C N N 63  
ASP OD1    O N N 64  
ASP OD2    O N N 65  
ASP OXT    O N N 66  
ASP H      H N N 67  
ASP H2     H N N 68  
ASP HA     H N N 69  
ASP HB2    H N N 70  
ASP HB3    H N N 71  
ASP HD2    H N N 72  
ASP HXT    H N N 73  
DA  OP3    O N N 74  
DA  P      P N N 75  
DA  OP1    O N N 76  
DA  OP2    O N N 77  
DA  "O5'"  O N N 78  
DA  "C5'"  C N N 79  
DA  "C4'"  C N R 80  
DA  "O4'"  O N N 81  
DA  "C3'"  C N S 82  
DA  "O3'"  O N N 83  
DA  "C2'"  C N N 84  
DA  "C1'"  C N R 85  
DA  N9     N Y N 86  
DA  C8     C Y N 87  
DA  N7     N Y N 88  
DA  C5     C Y N 89  
DA  C6     C Y N 90  
DA  N6     N N N 91  
DA  N1     N Y N 92  
DA  C2     C Y N 93  
DA  N3     N Y N 94  
DA  C4     C Y N 95  
DA  HOP3   H N N 96  
DA  HOP2   H N N 97  
DA  "H5'"  H N N 98  
DA  "H5''" H N N 99  
DA  "H4'"  H N N 100 
DA  "H3'"  H N N 101 
DA  "HO3'" H N N 102 
DA  "H2'"  H N N 103 
DA  "H2''" H N N 104 
DA  "H1'"  H N N 105 
DA  H8     H N N 106 
DA  H61    H N N 107 
DA  H62    H N N 108 
DA  H2     H N N 109 
DC  OP3    O N N 110 
DC  P      P N N 111 
DC  OP1    O N N 112 
DC  OP2    O N N 113 
DC  "O5'"  O N N 114 
DC  "C5'"  C N N 115 
DC  "C4'"  C N R 116 
DC  "O4'"  O N N 117 
DC  "C3'"  C N S 118 
DC  "O3'"  O N N 119 
DC  "C2'"  C N N 120 
DC  "C1'"  C N R 121 
DC  N1     N N N 122 
DC  C2     C N N 123 
DC  O2     O N N 124 
DC  N3     N N N 125 
DC  C4     C N N 126 
DC  N4     N N N 127 
DC  C5     C N N 128 
DC  C6     C N N 129 
DC  HOP3   H N N 130 
DC  HOP2   H N N 131 
DC  "H5'"  H N N 132 
DC  "H5''" H N N 133 
DC  "H4'"  H N N 134 
DC  "H3'"  H N N 135 
DC  "HO3'" H N N 136 
DC  "H2'"  H N N 137 
DC  "H2''" H N N 138 
DC  "H1'"  H N N 139 
DC  H41    H N N 140 
DC  H42    H N N 141 
DC  H5     H N N 142 
DC  H6     H N N 143 
DG  OP3    O N N 144 
DG  P      P N N 145 
DG  OP1    O N N 146 
DG  OP2    O N N 147 
DG  "O5'"  O N N 148 
DG  "C5'"  C N N 149 
DG  "C4'"  C N R 150 
DG  "O4'"  O N N 151 
DG  "C3'"  C N S 152 
DG  "O3'"  O N N 153 
DG  "C2'"  C N N 154 
DG  "C1'"  C N R 155 
DG  N9     N Y N 156 
DG  C8     C Y N 157 
DG  N7     N Y N 158 
DG  C5     C Y N 159 
DG  C6     C N N 160 
DG  O6     O N N 161 
DG  N1     N N N 162 
DG  C2     C N N 163 
DG  N2     N N N 164 
DG  N3     N N N 165 
DG  C4     C Y N 166 
DG  HOP3   H N N 167 
DG  HOP2   H N N 168 
DG  "H5'"  H N N 169 
DG  "H5''" H N N 170 
DG  "H4'"  H N N 171 
DG  "H3'"  H N N 172 
DG  "HO3'" H N N 173 
DG  "H2'"  H N N 174 
DG  "H2''" H N N 175 
DG  "H1'"  H N N 176 
DG  H8     H N N 177 
DG  H1     H N N 178 
DG  H21    H N N 179 
DG  H22    H N N 180 
DT  OP3    O N N 181 
DT  P      P N N 182 
DT  OP1    O N N 183 
DT  OP2    O N N 184 
DT  "O5'"  O N N 185 
DT  "C5'"  C N N 186 
DT  "C4'"  C N R 187 
DT  "O4'"  O N N 188 
DT  "C3'"  C N S 189 
DT  "O3'"  O N N 190 
DT  "C2'"  C N N 191 
DT  "C1'"  C N R 192 
DT  N1     N N N 193 
DT  C2     C N N 194 
DT  O2     O N N 195 
DT  N3     N N N 196 
DT  C4     C N N 197 
DT  O4     O N N 198 
DT  C5     C N N 199 
DT  C7     C N N 200 
DT  C6     C N N 201 
DT  HOP3   H N N 202 
DT  HOP2   H N N 203 
DT  "H5'"  H N N 204 
DT  "H5''" H N N 205 
DT  "H4'"  H N N 206 
DT  "H3'"  H N N 207 
DT  "HO3'" H N N 208 
DT  "H2'"  H N N 209 
DT  "H2''" H N N 210 
DT  "H1'"  H N N 211 
DT  H3     H N N 212 
DT  H71    H N N 213 
DT  H72    H N N 214 
DT  H73    H N N 215 
DT  H6     H N N 216 
GLN N      N N N 217 
GLN CA     C N S 218 
GLN C      C N N 219 
GLN O      O N N 220 
GLN CB     C N N 221 
GLN CG     C N N 222 
GLN CD     C N N 223 
GLN OE1    O N N 224 
GLN NE2    N N N 225 
GLN OXT    O N N 226 
GLN H      H N N 227 
GLN H2     H N N 228 
GLN HA     H N N 229 
GLN HB2    H N N 230 
GLN HB3    H N N 231 
GLN HG2    H N N 232 
GLN HG3    H N N 233 
GLN HE21   H N N 234 
GLN HE22   H N N 235 
GLN HXT    H N N 236 
GLU N      N N N 237 
GLU CA     C N S 238 
GLU C      C N N 239 
GLU O      O N N 240 
GLU CB     C N N 241 
GLU CG     C N N 242 
GLU CD     C N N 243 
GLU OE1    O N N 244 
GLU OE2    O N N 245 
GLU OXT    O N N 246 
GLU H      H N N 247 
GLU H2     H N N 248 
GLU HA     H N N 249 
GLU HB2    H N N 250 
GLU HB3    H N N 251 
GLU HG2    H N N 252 
GLU HG3    H N N 253 
GLU HE2    H N N 254 
GLU HXT    H N N 255 
GLY N      N N N 256 
GLY CA     C N N 257 
GLY C      C N N 258 
GLY O      O N N 259 
GLY OXT    O N N 260 
GLY H      H N N 261 
GLY H2     H N N 262 
GLY HA2    H N N 263 
GLY HA3    H N N 264 
GLY HXT    H N N 265 
HIS N      N N N 266 
HIS CA     C N S 267 
HIS C      C N N 268 
HIS O      O N N 269 
HIS CB     C N N 270 
HIS CG     C Y N 271 
HIS ND1    N Y N 272 
HIS CD2    C Y N 273 
HIS CE1    C Y N 274 
HIS NE2    N Y N 275 
HIS OXT    O N N 276 
HIS H      H N N 277 
HIS H2     H N N 278 
HIS HA     H N N 279 
HIS HB2    H N N 280 
HIS HB3    H N N 281 
HIS HD1    H N N 282 
HIS HD2    H N N 283 
HIS HE1    H N N 284 
HIS HE2    H N N 285 
HIS HXT    H N N 286 
ILE N      N N N 287 
ILE CA     C N S 288 
ILE C      C N N 289 
ILE O      O N N 290 
ILE CB     C N S 291 
ILE CG1    C N N 292 
ILE CG2    C N N 293 
ILE CD1    C N N 294 
ILE OXT    O N N 295 
ILE H      H N N 296 
ILE H2     H N N 297 
ILE HA     H N N 298 
ILE HB     H N N 299 
ILE HG12   H N N 300 
ILE HG13   H N N 301 
ILE HG21   H N N 302 
ILE HG22   H N N 303 
ILE HG23   H N N 304 
ILE HD11   H N N 305 
ILE HD12   H N N 306 
ILE HD13   H N N 307 
ILE HXT    H N N 308 
LEU N      N N N 309 
LEU CA     C N S 310 
LEU C      C N N 311 
LEU O      O N N 312 
LEU CB     C N N 313 
LEU CG     C N N 314 
LEU CD1    C N N 315 
LEU CD2    C N N 316 
LEU OXT    O N N 317 
LEU H      H N N 318 
LEU H2     H N N 319 
LEU HA     H N N 320 
LEU HB2    H N N 321 
LEU HB3    H N N 322 
LEU HG     H N N 323 
LEU HD11   H N N 324 
LEU HD12   H N N 325 
LEU HD13   H N N 326 
LEU HD21   H N N 327 
LEU HD22   H N N 328 
LEU HD23   H N N 329 
LEU HXT    H N N 330 
LYS N      N N N 331 
LYS CA     C N S 332 
LYS C      C N N 333 
LYS O      O N N 334 
LYS CB     C N N 335 
LYS CG     C N N 336 
LYS CD     C N N 337 
LYS CE     C N N 338 
LYS NZ     N N N 339 
LYS OXT    O N N 340 
LYS H      H N N 341 
LYS H2     H N N 342 
LYS HA     H N N 343 
LYS HB2    H N N 344 
LYS HB3    H N N 345 
LYS HG2    H N N 346 
LYS HG3    H N N 347 
LYS HD2    H N N 348 
LYS HD3    H N N 349 
LYS HE2    H N N 350 
LYS HE3    H N N 351 
LYS HZ1    H N N 352 
LYS HZ2    H N N 353 
LYS HZ3    H N N 354 
LYS HXT    H N N 355 
MET N      N N N 356 
MET CA     C N S 357 
MET C      C N N 358 
MET O      O N N 359 
MET CB     C N N 360 
MET CG     C N N 361 
MET SD     S N N 362 
MET CE     C N N 363 
MET OXT    O N N 364 
MET H      H N N 365 
MET H2     H N N 366 
MET HA     H N N 367 
MET HB2    H N N 368 
MET HB3    H N N 369 
MET HG2    H N N 370 
MET HG3    H N N 371 
MET HE1    H N N 372 
MET HE2    H N N 373 
MET HE3    H N N 374 
MET HXT    H N N 375 
PHE N      N N N 376 
PHE CA     C N S 377 
PHE C      C N N 378 
PHE O      O N N 379 
PHE CB     C N N 380 
PHE CG     C Y N 381 
PHE CD1    C Y N 382 
PHE CD2    C Y N 383 
PHE CE1    C Y N 384 
PHE CE2    C Y N 385 
PHE CZ     C Y N 386 
PHE OXT    O N N 387 
PHE H      H N N 388 
PHE H2     H N N 389 
PHE HA     H N N 390 
PHE HB2    H N N 391 
PHE HB3    H N N 392 
PHE HD1    H N N 393 
PHE HD2    H N N 394 
PHE HE1    H N N 395 
PHE HE2    H N N 396 
PHE HZ     H N N 397 
PHE HXT    H N N 398 
PRO N      N N N 399 
PRO CA     C N S 400 
PRO C      C N N 401 
PRO O      O N N 402 
PRO CB     C N N 403 
PRO CG     C N N 404 
PRO CD     C N N 405 
PRO OXT    O N N 406 
PRO H      H N N 407 
PRO HA     H N N 408 
PRO HB2    H N N 409 
PRO HB3    H N N 410 
PRO HG2    H N N 411 
PRO HG3    H N N 412 
PRO HD2    H N N 413 
PRO HD3    H N N 414 
PRO HXT    H N N 415 
SER N      N N N 416 
SER CA     C N S 417 
SER C      C N N 418 
SER O      O N N 419 
SER CB     C N N 420 
SER OG     O N N 421 
SER OXT    O N N 422 
SER H      H N N 423 
SER H2     H N N 424 
SER HA     H N N 425 
SER HB2    H N N 426 
SER HB3    H N N 427 
SER HG     H N N 428 
SER HXT    H N N 429 
THR N      N N N 430 
THR CA     C N S 431 
THR C      C N N 432 
THR O      O N N 433 
THR CB     C N R 434 
THR OG1    O N N 435 
THR CG2    C N N 436 
THR OXT    O N N 437 
THR H      H N N 438 
THR H2     H N N 439 
THR HA     H N N 440 
THR HB     H N N 441 
THR HG1    H N N 442 
THR HG21   H N N 443 
THR HG22   H N N 444 
THR HG23   H N N 445 
THR HXT    H N N 446 
TRP N      N N N 447 
TRP CA     C N S 448 
TRP C      C N N 449 
TRP O      O N N 450 
TRP CB     C N N 451 
TRP CG     C Y N 452 
TRP CD1    C Y N 453 
TRP CD2    C Y N 454 
TRP NE1    N Y N 455 
TRP CE2    C Y N 456 
TRP CE3    C Y N 457 
TRP CZ2    C Y N 458 
TRP CZ3    C Y N 459 
TRP CH2    C Y N 460 
TRP OXT    O N N 461 
TRP H      H N N 462 
TRP H2     H N N 463 
TRP HA     H N N 464 
TRP HB2    H N N 465 
TRP HB3    H N N 466 
TRP HD1    H N N 467 
TRP HE1    H N N 468 
TRP HE3    H N N 469 
TRP HZ2    H N N 470 
TRP HZ3    H N N 471 
TRP HH2    H N N 472 
TRP HXT    H N N 473 
TYR N      N N N 474 
TYR CA     C N S 475 
TYR C      C N N 476 
TYR O      O N N 477 
TYR CB     C N N 478 
TYR CG     C Y N 479 
TYR CD1    C Y N 480 
TYR CD2    C Y N 481 
TYR CE1    C Y N 482 
TYR CE2    C Y N 483 
TYR CZ     C Y N 484 
TYR OH     O N N 485 
TYR OXT    O N N 486 
TYR H      H N N 487 
TYR H2     H N N 488 
TYR HA     H N N 489 
TYR HB2    H N N 490 
TYR HB3    H N N 491 
TYR HD1    H N N 492 
TYR HD2    H N N 493 
TYR HE1    H N N 494 
TYR HE2    H N N 495 
TYR HH     H N N 496 
TYR HXT    H N N 497 
VAL N      N N N 498 
VAL CA     C N S 499 
VAL C      C N N 500 
VAL O      O N N 501 
VAL CB     C N N 502 
VAL CG1    C N N 503 
VAL CG2    C N N 504 
VAL OXT    O N N 505 
VAL H      H N N 506 
VAL H2     H N N 507 
VAL HA     H N N 508 
VAL HB     H N N 509 
VAL HG11   H N N 510 
VAL HG12   H N N 511 
VAL HG13   H N N 512 
VAL HG21   H N N 513 
VAL HG22   H N N 514 
VAL HG23   H N N 515 
VAL HXT    H N N 516 
# 
loop_
_chem_comp_bond.comp_id 
_chem_comp_bond.atom_id_1 
_chem_comp_bond.atom_id_2 
_chem_comp_bond.value_order 
_chem_comp_bond.pdbx_aromatic_flag 
_chem_comp_bond.pdbx_stereo_config 
_chem_comp_bond.pdbx_ordinal 
ALA N     CA     sing N N 1   
ALA N     H      sing N N 2   
ALA N     H2     sing N N 3   
ALA CA    C      sing N N 4   
ALA CA    CB     sing N N 5   
ALA CA    HA     sing N N 6   
ALA C     O      doub N N 7   
ALA C     OXT    sing N N 8   
ALA CB    HB1    sing N N 9   
ALA CB    HB2    sing N N 10  
ALA CB    HB3    sing N N 11  
ALA OXT   HXT    sing N N 12  
ARG N     CA     sing N N 13  
ARG N     H      sing N N 14  
ARG N     H2     sing N N 15  
ARG CA    C      sing N N 16  
ARG CA    CB     sing N N 17  
ARG CA    HA     sing N N 18  
ARG C     O      doub N N 19  
ARG C     OXT    sing N N 20  
ARG CB    CG     sing N N 21  
ARG CB    HB2    sing N N 22  
ARG CB    HB3    sing N N 23  
ARG CG    CD     sing N N 24  
ARG CG    HG2    sing N N 25  
ARG CG    HG3    sing N N 26  
ARG CD    NE     sing N N 27  
ARG CD    HD2    sing N N 28  
ARG CD    HD3    sing N N 29  
ARG NE    CZ     sing N N 30  
ARG NE    HE     sing N N 31  
ARG CZ    NH1    sing N N 32  
ARG CZ    NH2    doub N N 33  
ARG NH1   HH11   sing N N 34  
ARG NH1   HH12   sing N N 35  
ARG NH2   HH21   sing N N 36  
ARG NH2   HH22   sing N N 37  
ARG OXT   HXT    sing N N 38  
ASN N     CA     sing N N 39  
ASN N     H      sing N N 40  
ASN N     H2     sing N N 41  
ASN CA    C      sing N N 42  
ASN CA    CB     sing N N 43  
ASN CA    HA     sing N N 44  
ASN C     O      doub N N 45  
ASN C     OXT    sing N N 46  
ASN CB    CG     sing N N 47  
ASN CB    HB2    sing N N 48  
ASN CB    HB3    sing N N 49  
ASN CG    OD1    doub N N 50  
ASN CG    ND2    sing N N 51  
ASN ND2   HD21   sing N N 52  
ASN ND2   HD22   sing N N 53  
ASN OXT   HXT    sing N N 54  
ASP N     CA     sing N N 55  
ASP N     H      sing N N 56  
ASP N     H2     sing N N 57  
ASP CA    C      sing N N 58  
ASP CA    CB     sing N N 59  
ASP CA    HA     sing N N 60  
ASP C     O      doub N N 61  
ASP C     OXT    sing N N 62  
ASP CB    CG     sing N N 63  
ASP CB    HB2    sing N N 64  
ASP CB    HB3    sing N N 65  
ASP CG    OD1    doub N N 66  
ASP CG    OD2    sing N N 67  
ASP OD2   HD2    sing N N 68  
ASP OXT   HXT    sing N N 69  
DA  OP3   P      sing N N 70  
DA  OP3   HOP3   sing N N 71  
DA  P     OP1    doub N N 72  
DA  P     OP2    sing N N 73  
DA  P     "O5'"  sing N N 74  
DA  OP2   HOP2   sing N N 75  
DA  "O5'" "C5'"  sing N N 76  
DA  "C5'" "C4'"  sing N N 77  
DA  "C5'" "H5'"  sing N N 78  
DA  "C5'" "H5''" sing N N 79  
DA  "C4'" "O4'"  sing N N 80  
DA  "C4'" "C3'"  sing N N 81  
DA  "C4'" "H4'"  sing N N 82  
DA  "O4'" "C1'"  sing N N 83  
DA  "C3'" "O3'"  sing N N 84  
DA  "C3'" "C2'"  sing N N 85  
DA  "C3'" "H3'"  sing N N 86  
DA  "O3'" "HO3'" sing N N 87  
DA  "C2'" "C1'"  sing N N 88  
DA  "C2'" "H2'"  sing N N 89  
DA  "C2'" "H2''" sing N N 90  
DA  "C1'" N9     sing N N 91  
DA  "C1'" "H1'"  sing N N 92  
DA  N9    C8     sing Y N 93  
DA  N9    C4     sing Y N 94  
DA  C8    N7     doub Y N 95  
DA  C8    H8     sing N N 96  
DA  N7    C5     sing Y N 97  
DA  C5    C6     sing Y N 98  
DA  C5    C4     doub Y N 99  
DA  C6    N6     sing N N 100 
DA  C6    N1     doub Y N 101 
DA  N6    H61    sing N N 102 
DA  N6    H62    sing N N 103 
DA  N1    C2     sing Y N 104 
DA  C2    N3     doub Y N 105 
DA  C2    H2     sing N N 106 
DA  N3    C4     sing Y N 107 
DC  OP3   P      sing N N 108 
DC  OP3   HOP3   sing N N 109 
DC  P     OP1    doub N N 110 
DC  P     OP2    sing N N 111 
DC  P     "O5'"  sing N N 112 
DC  OP2   HOP2   sing N N 113 
DC  "O5'" "C5'"  sing N N 114 
DC  "C5'" "C4'"  sing N N 115 
DC  "C5'" "H5'"  sing N N 116 
DC  "C5'" "H5''" sing N N 117 
DC  "C4'" "O4'"  sing N N 118 
DC  "C4'" "C3'"  sing N N 119 
DC  "C4'" "H4'"  sing N N 120 
DC  "O4'" "C1'"  sing N N 121 
DC  "C3'" "O3'"  sing N N 122 
DC  "C3'" "C2'"  sing N N 123 
DC  "C3'" "H3'"  sing N N 124 
DC  "O3'" "HO3'" sing N N 125 
DC  "C2'" "C1'"  sing N N 126 
DC  "C2'" "H2'"  sing N N 127 
DC  "C2'" "H2''" sing N N 128 
DC  "C1'" N1     sing N N 129 
DC  "C1'" "H1'"  sing N N 130 
DC  N1    C2     sing N N 131 
DC  N1    C6     sing N N 132 
DC  C2    O2     doub N N 133 
DC  C2    N3     sing N N 134 
DC  N3    C4     doub N N 135 
DC  C4    N4     sing N N 136 
DC  C4    C5     sing N N 137 
DC  N4    H41    sing N N 138 
DC  N4    H42    sing N N 139 
DC  C5    C6     doub N N 140 
DC  C5    H5     sing N N 141 
DC  C6    H6     sing N N 142 
DG  OP3   P      sing N N 143 
DG  OP3   HOP3   sing N N 144 
DG  P     OP1    doub N N 145 
DG  P     OP2    sing N N 146 
DG  P     "O5'"  sing N N 147 
DG  OP2   HOP2   sing N N 148 
DG  "O5'" "C5'"  sing N N 149 
DG  "C5'" "C4'"  sing N N 150 
DG  "C5'" "H5'"  sing N N 151 
DG  "C5'" "H5''" sing N N 152 
DG  "C4'" "O4'"  sing N N 153 
DG  "C4'" "C3'"  sing N N 154 
DG  "C4'" "H4'"  sing N N 155 
DG  "O4'" "C1'"  sing N N 156 
DG  "C3'" "O3'"  sing N N 157 
DG  "C3'" "C2'"  sing N N 158 
DG  "C3'" "H3'"  sing N N 159 
DG  "O3'" "HO3'" sing N N 160 
DG  "C2'" "C1'"  sing N N 161 
DG  "C2'" "H2'"  sing N N 162 
DG  "C2'" "H2''" sing N N 163 
DG  "C1'" N9     sing N N 164 
DG  "C1'" "H1'"  sing N N 165 
DG  N9    C8     sing Y N 166 
DG  N9    C4     sing Y N 167 
DG  C8    N7     doub Y N 168 
DG  C8    H8     sing N N 169 
DG  N7    C5     sing Y N 170 
DG  C5    C6     sing N N 171 
DG  C5    C4     doub Y N 172 
DG  C6    O6     doub N N 173 
DG  C6    N1     sing N N 174 
DG  N1    C2     sing N N 175 
DG  N1    H1     sing N N 176 
DG  C2    N2     sing N N 177 
DG  C2    N3     doub N N 178 
DG  N2    H21    sing N N 179 
DG  N2    H22    sing N N 180 
DG  N3    C4     sing N N 181 
DT  OP3   P      sing N N 182 
DT  OP3   HOP3   sing N N 183 
DT  P     OP1    doub N N 184 
DT  P     OP2    sing N N 185 
DT  P     "O5'"  sing N N 186 
DT  OP2   HOP2   sing N N 187 
DT  "O5'" "C5'"  sing N N 188 
DT  "C5'" "C4'"  sing N N 189 
DT  "C5'" "H5'"  sing N N 190 
DT  "C5'" "H5''" sing N N 191 
DT  "C4'" "O4'"  sing N N 192 
DT  "C4'" "C3'"  sing N N 193 
DT  "C4'" "H4'"  sing N N 194 
DT  "O4'" "C1'"  sing N N 195 
DT  "C3'" "O3'"  sing N N 196 
DT  "C3'" "C2'"  sing N N 197 
DT  "C3'" "H3'"  sing N N 198 
DT  "O3'" "HO3'" sing N N 199 
DT  "C2'" "C1'"  sing N N 200 
DT  "C2'" "H2'"  sing N N 201 
DT  "C2'" "H2''" sing N N 202 
DT  "C1'" N1     sing N N 203 
DT  "C1'" "H1'"  sing N N 204 
DT  N1    C2     sing N N 205 
DT  N1    C6     sing N N 206 
DT  C2    O2     doub N N 207 
DT  C2    N3     sing N N 208 
DT  N3    C4     sing N N 209 
DT  N3    H3     sing N N 210 
DT  C4    O4     doub N N 211 
DT  C4    C5     sing N N 212 
DT  C5    C7     sing N N 213 
DT  C5    C6     doub N N 214 
DT  C7    H71    sing N N 215 
DT  C7    H72    sing N N 216 
DT  C7    H73    sing N N 217 
DT  C6    H6     sing N N 218 
GLN N     CA     sing N N 219 
GLN N     H      sing N N 220 
GLN N     H2     sing N N 221 
GLN CA    C      sing N N 222 
GLN CA    CB     sing N N 223 
GLN CA    HA     sing N N 224 
GLN C     O      doub N N 225 
GLN C     OXT    sing N N 226 
GLN CB    CG     sing N N 227 
GLN CB    HB2    sing N N 228 
GLN CB    HB3    sing N N 229 
GLN CG    CD     sing N N 230 
GLN CG    HG2    sing N N 231 
GLN CG    HG3    sing N N 232 
GLN CD    OE1    doub N N 233 
GLN CD    NE2    sing N N 234 
GLN NE2   HE21   sing N N 235 
GLN NE2   HE22   sing N N 236 
GLN OXT   HXT    sing N N 237 
GLU N     CA     sing N N 238 
GLU N     H      sing N N 239 
GLU N     H2     sing N N 240 
GLU CA    C      sing N N 241 
GLU CA    CB     sing N N 242 
GLU CA    HA     sing N N 243 
GLU C     O      doub N N 244 
GLU C     OXT    sing N N 245 
GLU CB    CG     sing N N 246 
GLU CB    HB2    sing N N 247 
GLU CB    HB3    sing N N 248 
GLU CG    CD     sing N N 249 
GLU CG    HG2    sing N N 250 
GLU CG    HG3    sing N N 251 
GLU CD    OE1    doub N N 252 
GLU CD    OE2    sing N N 253 
GLU OE2   HE2    sing N N 254 
GLU OXT   HXT    sing N N 255 
GLY N     CA     sing N N 256 
GLY N     H      sing N N 257 
GLY N     H2     sing N N 258 
GLY CA    C      sing N N 259 
GLY CA    HA2    sing N N 260 
GLY CA    HA3    sing N N 261 
GLY C     O      doub N N 262 
GLY C     OXT    sing N N 263 
GLY OXT   HXT    sing N N 264 
HIS N     CA     sing N N 265 
HIS N     H      sing N N 266 
HIS N     H2     sing N N 267 
HIS CA    C      sing N N 268 
HIS CA    CB     sing N N 269 
HIS CA    HA     sing N N 270 
HIS C     O      doub N N 271 
HIS C     OXT    sing N N 272 
HIS CB    CG     sing N N 273 
HIS CB    HB2    sing N N 274 
HIS CB    HB3    sing N N 275 
HIS CG    ND1    sing Y N 276 
HIS CG    CD2    doub Y N 277 
HIS ND1   CE1    doub Y N 278 
HIS ND1   HD1    sing N N 279 
HIS CD2   NE2    sing Y N 280 
HIS CD2   HD2    sing N N 281 
HIS CE1   NE2    sing Y N 282 
HIS CE1   HE1    sing N N 283 
HIS NE2   HE2    sing N N 284 
HIS OXT   HXT    sing N N 285 
ILE N     CA     sing N N 286 
ILE N     H      sing N N 287 
ILE N     H2     sing N N 288 
ILE CA    C      sing N N 289 
ILE CA    CB     sing N N 290 
ILE CA    HA     sing N N 291 
ILE C     O      doub N N 292 
ILE C     OXT    sing N N 293 
ILE CB    CG1    sing N N 294 
ILE CB    CG2    sing N N 295 
ILE CB    HB     sing N N 296 
ILE CG1   CD1    sing N N 297 
ILE CG1   HG12   sing N N 298 
ILE CG1   HG13   sing N N 299 
ILE CG2   HG21   sing N N 300 
ILE CG2   HG22   sing N N 301 
ILE CG2   HG23   sing N N 302 
ILE CD1   HD11   sing N N 303 
ILE CD1   HD12   sing N N 304 
ILE CD1   HD13   sing N N 305 
ILE OXT   HXT    sing N N 306 
LEU N     CA     sing N N 307 
LEU N     H      sing N N 308 
LEU N     H2     sing N N 309 
LEU CA    C      sing N N 310 
LEU CA    CB     sing N N 311 
LEU CA    HA     sing N N 312 
LEU C     O      doub N N 313 
LEU C     OXT    sing N N 314 
LEU CB    CG     sing N N 315 
LEU CB    HB2    sing N N 316 
LEU CB    HB3    sing N N 317 
LEU CG    CD1    sing N N 318 
LEU CG    CD2    sing N N 319 
LEU CG    HG     sing N N 320 
LEU CD1   HD11   sing N N 321 
LEU CD1   HD12   sing N N 322 
LEU CD1   HD13   sing N N 323 
LEU CD2   HD21   sing N N 324 
LEU CD2   HD22   sing N N 325 
LEU CD2   HD23   sing N N 326 
LEU OXT   HXT    sing N N 327 
LYS N     CA     sing N N 328 
LYS N     H      sing N N 329 
LYS N     H2     sing N N 330 
LYS CA    C      sing N N 331 
LYS CA    CB     sing N N 332 
LYS CA    HA     sing N N 333 
LYS C     O      doub N N 334 
LYS C     OXT    sing N N 335 
LYS CB    CG     sing N N 336 
LYS CB    HB2    sing N N 337 
LYS CB    HB3    sing N N 338 
LYS CG    CD     sing N N 339 
LYS CG    HG2    sing N N 340 
LYS CG    HG3    sing N N 341 
LYS CD    CE     sing N N 342 
LYS CD    HD2    sing N N 343 
LYS CD    HD3    sing N N 344 
LYS CE    NZ     sing N N 345 
LYS CE    HE2    sing N N 346 
LYS CE    HE3    sing N N 347 
LYS NZ    HZ1    sing N N 348 
LYS NZ    HZ2    sing N N 349 
LYS NZ    HZ3    sing N N 350 
LYS OXT   HXT    sing N N 351 
MET N     CA     sing N N 352 
MET N     H      sing N N 353 
MET N     H2     sing N N 354 
MET CA    C      sing N N 355 
MET CA    CB     sing N N 356 
MET CA    HA     sing N N 357 
MET C     O      doub N N 358 
MET C     OXT    sing N N 359 
MET CB    CG     sing N N 360 
MET CB    HB2    sing N N 361 
MET CB    HB3    sing N N 362 
MET CG    SD     sing N N 363 
MET CG    HG2    sing N N 364 
MET CG    HG3    sing N N 365 
MET SD    CE     sing N N 366 
MET CE    HE1    sing N N 367 
MET CE    HE2    sing N N 368 
MET CE    HE3    sing N N 369 
MET OXT   HXT    sing N N 370 
PHE N     CA     sing N N 371 
PHE N     H      sing N N 372 
PHE N     H2     sing N N 373 
PHE CA    C      sing N N 374 
PHE CA    CB     sing N N 375 
PHE CA    HA     sing N N 376 
PHE C     O      doub N N 377 
PHE C     OXT    sing N N 378 
PHE CB    CG     sing N N 379 
PHE CB    HB2    sing N N 380 
PHE CB    HB3    sing N N 381 
PHE CG    CD1    doub Y N 382 
PHE CG    CD2    sing Y N 383 
PHE CD1   CE1    sing Y N 384 
PHE CD1   HD1    sing N N 385 
PHE CD2   CE2    doub Y N 386 
PHE CD2   HD2    sing N N 387 
PHE CE1   CZ     doub Y N 388 
PHE CE1   HE1    sing N N 389 
PHE CE2   CZ     sing Y N 390 
PHE CE2   HE2    sing N N 391 
PHE CZ    HZ     sing N N 392 
PHE OXT   HXT    sing N N 393 
PRO N     CA     sing N N 394 
PRO N     CD     sing N N 395 
PRO N     H      sing N N 396 
PRO CA    C      sing N N 397 
PRO CA    CB     sing N N 398 
PRO CA    HA     sing N N 399 
PRO C     O      doub N N 400 
PRO C     OXT    sing N N 401 
PRO CB    CG     sing N N 402 
PRO CB    HB2    sing N N 403 
PRO CB    HB3    sing N N 404 
PRO CG    CD     sing N N 405 
PRO CG    HG2    sing N N 406 
PRO CG    HG3    sing N N 407 
PRO CD    HD2    sing N N 408 
PRO CD    HD3    sing N N 409 
PRO OXT   HXT    sing N N 410 
SER N     CA     sing N N 411 
SER N     H      sing N N 412 
SER N     H2     sing N N 413 
SER CA    C      sing N N 414 
SER CA    CB     sing N N 415 
SER CA    HA     sing N N 416 
SER C     O      doub N N 417 
SER C     OXT    sing N N 418 
SER CB    OG     sing N N 419 
SER CB    HB2    sing N N 420 
SER CB    HB3    sing N N 421 
SER OG    HG     sing N N 422 
SER OXT   HXT    sing N N 423 
THR N     CA     sing N N 424 
THR N     H      sing N N 425 
THR N     H2     sing N N 426 
THR CA    C      sing N N 427 
THR CA    CB     sing N N 428 
THR CA    HA     sing N N 429 
THR C     O      doub N N 430 
THR C     OXT    sing N N 431 
THR CB    OG1    sing N N 432 
THR CB    CG2    sing N N 433 
THR CB    HB     sing N N 434 
THR OG1   HG1    sing N N 435 
THR CG2   HG21   sing N N 436 
THR CG2   HG22   sing N N 437 
THR CG2   HG23   sing N N 438 
THR OXT   HXT    sing N N 439 
TRP N     CA     sing N N 440 
TRP N     H      sing N N 441 
TRP N     H2     sing N N 442 
TRP CA    C      sing N N 443 
TRP CA    CB     sing N N 444 
TRP CA    HA     sing N N 445 
TRP C     O      doub N N 446 
TRP C     OXT    sing N N 447 
TRP CB    CG     sing N N 448 
TRP CB    HB2    sing N N 449 
TRP CB    HB3    sing N N 450 
TRP CG    CD1    doub Y N 451 
TRP CG    CD2    sing Y N 452 
TRP CD1   NE1    sing Y N 453 
TRP CD1   HD1    sing N N 454 
TRP CD2   CE2    doub Y N 455 
TRP CD2   CE3    sing Y N 456 
TRP NE1   CE2    sing Y N 457 
TRP NE1   HE1    sing N N 458 
TRP CE2   CZ2    sing Y N 459 
TRP CE3   CZ3    doub Y N 460 
TRP CE3   HE3    sing N N 461 
TRP CZ2   CH2    doub Y N 462 
TRP CZ2   HZ2    sing N N 463 
TRP CZ3   CH2    sing Y N 464 
TRP CZ3   HZ3    sing N N 465 
TRP CH2   HH2    sing N N 466 
TRP OXT   HXT    sing N N 467 
TYR N     CA     sing N N 468 
TYR N     H      sing N N 469 
TYR N     H2     sing N N 470 
TYR CA    C      sing N N 471 
TYR CA    CB     sing N N 472 
TYR CA    HA     sing N N 473 
TYR C     O      doub N N 474 
TYR C     OXT    sing N N 475 
TYR CB    CG     sing N N 476 
TYR CB    HB2    sing N N 477 
TYR CB    HB3    sing N N 478 
TYR CG    CD1    doub Y N 479 
TYR CG    CD2    sing Y N 480 
TYR CD1   CE1    sing Y N 481 
TYR CD1   HD1    sing N N 482 
TYR CD2   CE2    doub Y N 483 
TYR CD2   HD2    sing N N 484 
TYR CE1   CZ     doub Y N 485 
TYR CE1   HE1    sing N N 486 
TYR CE2   CZ     sing Y N 487 
TYR CE2   HE2    sing N N 488 
TYR CZ    OH     sing N N 489 
TYR OH    HH     sing N N 490 
TYR OXT   HXT    sing N N 491 
VAL N     CA     sing N N 492 
VAL N     H      sing N N 493 
VAL N     H2     sing N N 494 
VAL CA    C      sing N N 495 
VAL CA    CB     sing N N 496 
VAL CA    HA     sing N N 497 
VAL C     O      doub N N 498 
VAL C     OXT    sing N N 499 
VAL CB    CG1    sing N N 500 
VAL CB    CG2    sing N N 501 
VAL CB    HB     sing N N 502 
VAL CG1   HG11   sing N N 503 
VAL CG1   HG12   sing N N 504 
VAL CG1   HG13   sing N N 505 
VAL CG2   HG21   sing N N 506 
VAL CG2   HG22   sing N N 507 
VAL CG2   HG23   sing N N 508 
VAL OXT   HXT    sing N N 509 
# 
loop_
_ndb_struct_conf_na.entry_id 
_ndb_struct_conf_na.feature 
2JXI 'double helix'         
2JXI 'mismatched base pair' 
2JXI 'internal loop'        
# 
_pdbx_nmr_spectrometer.field_strength    600 
_pdbx_nmr_spectrometer.manufacturer      Bruker 
_pdbx_nmr_spectrometer.model             AVANCE 
_pdbx_nmr_spectrometer.spectrometer_id   1 
_pdbx_nmr_spectrometer.type              'Bruker Avance' 
# 
_atom_sites.entry_id                    2JXI 
_atom_sites.fract_transf_matrix[1][1]   1.000000 
_atom_sites.fract_transf_matrix[1][2]   0.000000 
_atom_sites.fract_transf_matrix[1][3]   0.000000 
_atom_sites.fract_transf_matrix[2][1]   0.000000 
_atom_sites.fract_transf_matrix[2][2]   1.000000 
_atom_sites.fract_transf_matrix[2][3]   0.000000 
_atom_sites.fract_transf_matrix[3][1]   0.000000 
_atom_sites.fract_transf_matrix[3][2]   0.000000 
_atom_sites.fract_transf_matrix[3][3]   1.000000 
_atom_sites.fract_transf_vector[1]      0.00000 
_atom_sites.fract_transf_vector[2]      0.00000 
_atom_sites.fract_transf_vector[3]      0.00000 
# 
loop_
_atom_type.symbol 
C 
H 
N 
O 
P 
S 
# 
loop_
_atom_site.group_PDB 
_atom_site.id 
_atom_site.type_symbol 
_atom_site.label_atom_id 
_atom_site.label_alt_id 
_atom_site.label_comp_id 
_atom_site.label_asym_id 
_atom_site.label_entity_id 
_atom_site.label_seq_id 
_atom_site.pdbx_PDB_ins_code 
_atom_site.Cartn_x 
_atom_site.Cartn_y 
_atom_site.Cartn_z 
_atom_site.occupancy 
_atom_site.B_iso_or_equiv 
_atom_site.pdbx_formal_charge 
_atom_site.auth_seq_id 
_atom_site.auth_comp_id 
_atom_site.auth_asym_id 
_atom_site.auth_atom_id 
_atom_site.pdbx_PDB_model_num 
ATOM 1    N N      . MET A 1 1  ? -6.337  -13.926 6.309   1.00 0.99 ? 1  MET A N      1 
ATOM 2    C CA     . MET A 1 1  ? -5.743  -13.033 5.290   1.00 0.82 ? 1  MET A CA     1 
ATOM 3    C C      . MET A 1 1  ? -4.889  -13.845 4.330   1.00 0.75 ? 1  MET A C      1 
ATOM 4    O O      . MET A 1 1  ? -3.898  -14.453 4.735   1.00 0.87 ? 1  MET A O      1 
ATOM 5    C CB     . MET A 1 1  ? -4.888  -11.959 5.969   1.00 0.83 ? 1  MET A CB     1 
ATOM 6    C CG     . MET A 1 1  ? -4.622  -10.733 5.111   1.00 1.10 ? 1  MET A CG     1 
ATOM 7    S SD     . MET A 1 1  ? -3.612  -9.503  5.962   1.00 1.52 ? 1  MET A SD     1 
ATOM 8    C CE     . MET A 1 1  ? -3.936  -8.054  4.959   1.00 2.41 ? 1  MET A CE     1 
ATOM 9    H H1     . MET A 1 1  ? -5.589  -14.475 6.779   1.00 1.40 ? 1  MET A H1     1 
ATOM 10   H H2     . MET A 1 1  ? -7.005  -14.585 5.861   1.00 1.18 ? 1  MET A H2     1 
ATOM 11   H H3     . MET A 1 1  ? -6.843  -13.366 7.024   1.00 1.15 ? 1  MET A H3     1 
ATOM 12   N N      . ALA A 1 2  ? -5.275  -13.855 3.065   1.00 0.75 ? 2  ALA A N      1 
ATOM 13   C CA     . ALA A 1 2  ? -4.550  -14.596 2.047   1.00 0.81 ? 2  ALA A CA     1 
ATOM 14   C C      . ALA A 1 2  ? -3.779  -13.625 1.170   1.00 0.95 ? 2  ALA A C      1 
ATOM 15   O O      . ALA A 1 2  ? -4.100  -13.424 0.000   1.00 1.75 ? 2  ALA A O      1 
ATOM 16   C CB     . ALA A 1 2  ? -5.506  -15.442 1.218   1.00 0.98 ? 2  ALA A CB     1 
ATOM 17   H H      . ALA A 1 2  ? -6.051  -13.304 2.793   1.00 0.86 ? 2  ALA A H      1 
ATOM 18   N N      . THR A 1 3  ? -2.765  -13.017 1.757   1.00 0.94 ? 3  THR A N      1 
ATOM 19   C CA     . THR A 1 3  ? -1.946  -12.050 1.059   1.00 1.03 ? 3  THR A CA     1 
ATOM 20   C C      . THR A 1 3  ? -0.969  -12.741 0.118   1.00 0.96 ? 3  THR A C      1 
ATOM 21   O O      . THR A 1 3  ? -0.003  -13.367 0.558   1.00 1.16 ? 3  THR A O      1 
ATOM 22   C CB     . THR A 1 3  ? -1.164  -11.194 2.067   1.00 1.39 ? 3  THR A CB     1 
ATOM 23   O OG1    . THR A 1 3  ? -0.842  -11.998 3.216   1.00 1.43 ? 3  THR A OG1    1 
ATOM 24   C CG2    . THR A 1 3  ? -1.998  -10.001 2.505   1.00 1.73 ? 3  THR A CG2    1 
ATOM 25   H H      . THR A 1 3  ? -2.562  -13.225 2.690   1.00 1.46 ? 3  THR A H      1 
ATOM 26   H HG1    . THR A 1 3  ? -0.396  -12.802 2.920   1.00 1.69 ? 3  THR A HG1    1 
ATOM 27   N N      . THR A 1 4  ? -1.231  -12.622 -1.170  1.00 0.91 ? 4  THR A N      1 
ATOM 28   C CA     . THR A 1 4  ? -0.386  -13.226 -2.181  1.00 1.08 ? 4  THR A CA     1 
ATOM 29   C C      . THR A 1 4  ? 0.575   -12.181 -2.743  1.00 0.99 ? 4  THR A C      1 
ATOM 30   O O      . THR A 1 4  ? 0.274   -10.986 -2.739  1.00 0.83 ? 4  THR A O      1 
ATOM 31   C CB     . THR A 1 4  ? -1.240  -13.811 -3.321  1.00 1.29 ? 4  THR A CB     1 
ATOM 32   O OG1    . THR A 1 4  ? -2.536  -14.148 -2.805  1.00 1.57 ? 4  THR A OG1    1 
ATOM 33   C CG2    . THR A 1 4  ? -0.588  -15.072 -3.868  1.00 1.68 ? 4  THR A CG2    1 
ATOM 34   H H      . THR A 1 4  ? -2.025  -12.116 -1.454  1.00 0.94 ? 4  THR A H      1 
ATOM 35   H HG1    . THR A 1 4  ? -3.212  -13.676 -3.302  1.00 1.75 ? 4  THR A HG1    1 
ATOM 36   N N      . THR A 1 5  ? 1.728   -12.628 -3.214  1.00 1.13 ? 5  THR A N      1 
ATOM 37   C CA     . THR A 1 5  ? 2.726   -11.725 -3.764  1.00 1.07 ? 5  THR A CA     1 
ATOM 38   C C      . THR A 1 5  ? 2.260   -11.148 -5.101  1.00 1.02 ? 5  THR A C      1 
ATOM 39   O O      . THR A 1 5  ? 2.175   -11.857 -6.102  1.00 1.03 ? 5  THR A O      1 
ATOM 40   C CB     . THR A 1 5  ? 4.071   -12.452 -3.950  1.00 1.23 ? 5  THR A CB     1 
ATOM 41   O OG1    . THR A 1 5  ? 4.372   -13.206 -2.762  1.00 1.36 ? 5  THR A OG1    1 
ATOM 42   C CG2    . THR A 1 5  ? 5.189   -11.452 -4.200  1.00 1.29 ? 5  THR A CG2    1 
ATOM 43   H H      . THR A 1 5  ? 1.910   -13.589 -3.197  1.00 1.29 ? 5  THR A H      1 
ATOM 44   H HG1    . THR A 1 5  ? 4.378   -14.150 -2.976  1.00 1.61 ? 5  THR A HG1    1 
ATOM 45   N N      . LEU A 1 6  ? 1.971   -9.854  -5.109  1.00 1.03 ? 6  LEU A N      1 
ATOM 46   C CA     . LEU A 1 6  ? 1.504   -9.172  -6.305  1.00 1.06 ? 6  LEU A CA     1 
ATOM 47   C C      . LEU A 1 6  ? 2.543   -8.169  -6.790  1.00 1.02 ? 6  LEU A C      1 
ATOM 48   O O      . LEU A 1 6  ? 3.544   -7.926  -6.113  1.00 1.11 ? 6  LEU A O      1 
ATOM 49   C CB     . LEU A 1 6  ? 0.173   -8.464  -6.039  1.00 0.97 ? 6  LEU A CB     1 
ATOM 50   C CG     . LEU A 1 6  ? -0.967  -9.333  -5.495  1.00 1.09 ? 6  LEU A CG     1 
ATOM 51   C CD1    . LEU A 1 6  ? -2.253  -8.531  -5.412  1.00 1.20 ? 6  LEU A CD1    1 
ATOM 52   C CD2    . LEU A 1 6  ? -1.166  -10.577 -6.343  1.00 1.19 ? 6  LEU A CD2    1 
ATOM 53   H H      . LEU A 1 6  ? 2.081   -9.333  -4.278  1.00 1.08 ? 6  LEU A H      1 
ATOM 54   N N      . GLY A 1 7  ? 2.308   -7.597  -7.966  1.00 1.27 ? 7  GLY A N      1 
ATOM 55   C CA     . GLY A 1 7  ? 3.238   -6.633  -8.520  1.00 1.25 ? 7  GLY A CA     1 
ATOM 56   C C      . GLY A 1 7  ? 2.865   -5.209  -8.163  1.00 1.10 ? 7  GLY A C      1 
ATOM 57   O O      . GLY A 1 7  ? 2.176   -4.529  -8.925  1.00 1.19 ? 7  GLY A O      1 
ATOM 58   H H      . GLY A 1 7  ? 1.484   -7.812  -8.450  1.00 1.62 ? 7  GLY A H      1 
ATOM 59   N N      . VAL A 1 8  ? 3.332   -4.756  -7.012  1.00 1.03 ? 8  VAL A N      1 
ATOM 60   C CA     . VAL A 1 8  ? 3.046   -3.409  -6.541  1.00 1.03 ? 8  VAL A CA     1 
ATOM 61   C C      . VAL A 1 8  ? 4.275   -2.525  -6.706  1.00 0.97 ? 8  VAL A C      1 
ATOM 62   O O      . VAL A 1 8  ? 5.385   -2.917  -6.353  1.00 1.18 ? 8  VAL A O      1 
ATOM 63   C CB     . VAL A 1 8  ? 2.595   -3.412  -5.063  1.00 1.04 ? 8  VAL A CB     1 
ATOM 64   C CG1    . VAL A 1 8  ? 2.404   -1.995  -4.539  1.00 1.32 ? 8  VAL A CG1    1 
ATOM 65   C CG2    . VAL A 1 8  ? 1.313   -4.216  -4.905  1.00 1.04 ? 8  VAL A CG2    1 
ATOM 66   H H      . VAL A 1 8  ? 3.896   -5.343  -6.462  1.00 1.11 ? 8  VAL A H      1 
ATOM 67   N N      . LYS A 1 9  ? 4.076   -1.344  -7.268  1.00 0.82 ? 9  LYS A N      1 
ATOM 68   C CA     . LYS A 1 9  ? 5.173   -0.415  -7.492  1.00 0.79 ? 9  LYS A CA     1 
ATOM 69   C C      . LYS A 1 9  ? 5.387   0.520   -6.306  1.00 0.66 ? 9  LYS A C      1 
ATOM 70   O O      . LYS A 1 9  ? 4.490   1.269   -5.921  1.00 0.66 ? 9  LYS A O      1 
ATOM 71   C CB     . LYS A 1 9  ? 4.962   0.376   -8.786  1.00 0.87 ? 9  LYS A CB     1 
ATOM 72   C CG     . LYS A 1 9  ? 5.329   -0.389  -10.049 1.00 1.03 ? 9  LYS A CG     1 
ATOM 73   C CD     . LYS A 1 9  ? 4.953   0.388   -11.301 1.00 1.54 ? 9  LYS A CD     1 
ATOM 74   C CE     . LYS A 1 9  ? 5.884   0.068   -12.465 1.00 1.98 ? 9  LYS A CE     1 
ATOM 75   N NZ     . LYS A 1 9  ? 5.941   -1.390  -12.775 1.00 2.56 ? 9  LYS A NZ     1 
ATOM 76   H H      . LYS A 1 9  ? 3.168   -1.082  -7.519  1.00 0.85 ? 9  LYS A H      1 
ATOM 77   H HZ1    . LYS A 1 9  ? 5.005   -1.819  -12.660 1.00 2.97 ? 9  LYS A HZ1    1 
ATOM 78   H HZ2    . LYS A 1 9  ? 6.614   -1.869  -12.138 1.00 3.01 ? 9  LYS A HZ2    1 
ATOM 79   H HZ3    . LYS A 1 9  ? 6.256   -1.530  -13.760 1.00 2.56 ? 9  LYS A HZ3    1 
ATOM 80   N N      . LEU A 1 10 ? 6.587   0.464   -5.742  1.00 0.66 ? 10 LEU A N      1 
ATOM 81   C CA     . LEU A 1 10 ? 6.959   1.294   -4.603  1.00 0.60 ? 10 LEU A CA     1 
ATOM 82   C C      . LEU A 1 10 ? 8.260   2.036   -4.877  1.00 0.61 ? 10 LEU A C      1 
ATOM 83   O O      . LEU A 1 10 ? 9.150   1.514   -5.543  1.00 0.70 ? 10 LEU A O      1 
ATOM 84   C CB     . LEU A 1 10 ? 7.103   0.449   -3.336  1.00 0.58 ? 10 LEU A CB     1 
ATOM 85   C CG     . LEU A 1 10 ? 5.830   0.203   -2.529  1.00 0.89 ? 10 LEU A CG     1 
ATOM 86   C CD1    . LEU A 1 10 ? 6.025   -0.965  -1.577  1.00 1.28 ? 10 LEU A CD1    1 
ATOM 87   C CD2    . LEU A 1 10 ? 5.473   1.455   -1.749  1.00 1.50 ? 10 LEU A CD2    1 
ATOM 88   H H      . LEU A 1 10 ? 7.257   -0.156  -6.113  1.00 0.76 ? 10 LEU A H      1 
ATOM 89   N N      . ASP A 1 11 ? 8.351   3.255   -4.363  1.00 0.62 ? 11 ASP A N      1 
ATOM 90   C CA     . ASP A 1 11 ? 9.541   4.086   -4.542  1.00 0.69 ? 11 ASP A CA     1 
ATOM 91   C C      . ASP A 1 11 ? 10.579  3.735   -3.473  1.00 0.65 ? 11 ASP A C      1 
ATOM 92   O O      . ASP A 1 11 ? 10.225  3.201   -2.414  1.00 0.55 ? 11 ASP A O      1 
ATOM 93   C CB     . ASP A 1 11 ? 9.146   5.565   -4.434  1.00 0.74 ? 11 ASP A CB     1 
ATOM 94   C CG     . ASP A 1 11 ? 9.928   6.477   -5.362  1.00 1.16 ? 11 ASP A CG     1 
ATOM 95   O OD1    . ASP A 1 11 ? 11.170  6.471   -5.302  1.00 1.63 ? 11 ASP A OD1    1 
ATOM 96   O OD2    . ASP A 1 11 ? 9.292   7.217   -6.151  1.00 1.74 ? 11 ASP A OD2    1 
ATOM 97   H H      . ASP A 1 11 ? 7.602   3.611   -3.847  1.00 0.64 ? 11 ASP A H      1 
ATOM 98   N N      . ASP A 1 12 ? 11.847  4.045   -3.742  1.00 0.75 ? 12 ASP A N      1 
ATOM 99   C CA     . ASP A 1 12 ? 12.941  3.747   -2.805  1.00 0.76 ? 12 ASP A CA     1 
ATOM 100  C C      . ASP A 1 12 ? 12.720  4.370   -1.418  1.00 0.70 ? 12 ASP A C      1 
ATOM 101  O O      . ASP A 1 12 ? 12.652  3.646   -0.422  1.00 0.66 ? 12 ASP A O      1 
ATOM 102  C CB     . ASP A 1 12 ? 14.314  4.162   -3.365  1.00 0.89 ? 12 ASP A CB     1 
ATOM 103  C CG     . ASP A 1 12 ? 14.928  3.153   -4.318  1.00 1.82 ? 12 ASP A CG     1 
ATOM 104  O OD1    . ASP A 1 12 ? 14.541  3.137   -5.501  1.00 2.71 ? 12 ASP A OD1    1 
ATOM 105  O OD2    . ASP A 1 12 ? 15.824  2.395   -3.885  1.00 2.23 ? 12 ASP A OD2    1 
ATOM 106  H H      . ASP A 1 12 ? 12.058  4.489   -4.594  1.00 0.86 ? 12 ASP A H      1 
ATOM 107  N N      . PRO A 1 13 ? 12.573  5.714   -1.319  1.00 0.72 ? 13 PRO A N      1 
ATOM 108  C CA     . PRO A 1 13 ? 12.367  6.384   -0.027  1.00 0.72 ? 13 PRO A CA     1 
ATOM 109  C C      . PRO A 1 13 ? 11.062  5.952   0.635   1.00 0.66 ? 13 PRO A C      1 
ATOM 110  O O      . PRO A 1 13 ? 10.953  5.908   1.862   1.00 0.67 ? 13 PRO A O      1 
ATOM 111  C CB     . PRO A 1 13 ? 12.317  7.874   -0.385  1.00 0.82 ? 13 PRO A CB     1 
ATOM 112  C CG     . PRO A 1 13 ? 11.980  7.908   -1.837  1.00 0.86 ? 13 PRO A CG     1 
ATOM 113  C CD     . PRO A 1 13 ? 12.603  6.682   -2.434  1.00 0.80 ? 13 PRO A CD     1 
ATOM 114  N N      . THR A 1 14 ? 10.068  5.633   -0.189  1.00 0.63 ? 14 THR A N      1 
ATOM 115  C CA     . THR A 1 14 ? 8.778   5.188   0.305   1.00 0.63 ? 14 THR A CA     1 
ATOM 116  C C      . THR A 1 14 ? 8.950   3.855   1.029   1.00 0.59 ? 14 THR A C      1 
ATOM 117  O O      . THR A 1 14 ? 8.352   3.618   2.081   1.00 0.61 ? 14 THR A O      1 
ATOM 118  C CB     . THR A 1 14 ? 7.778   5.036   -0.855  1.00 0.67 ? 14 THR A CB     1 
ATOM 119  O OG1    . THR A 1 14 ? 7.747   6.257   -1.603  1.00 0.76 ? 14 THR A OG1    1 
ATOM 120  C CG2    . THR A 1 14 ? 6.380   4.746   -0.327  1.00 0.72 ? 14 THR A CG2    1 
ATOM 121  H H      . THR A 1 14 ? 10.213  5.699   -1.157  1.00 0.64 ? 14 THR A H      1 
ATOM 122  H HG1    . THR A 1 14 ? 7.266   6.926   -1.108  1.00 1.22 ? 14 THR A HG1    1 
ATOM 123  N N      . ARG A 1 15 ? 9.793   2.999   0.464   1.00 0.59 ? 15 ARG A N      1 
ATOM 124  C CA     . ARG A 1 15 ? 10.080  1.698   1.048   1.00 0.62 ? 15 ARG A CA     1 
ATOM 125  C C      . ARG A 1 15 ? 10.741  1.859   2.416   1.00 0.60 ? 15 ARG A C      1 
ATOM 126  O O      . ARG A 1 15 ? 10.433  1.121   3.355   1.00 0.60 ? 15 ARG A O      1 
ATOM 127  C CB     . ARG A 1 15 ? 10.952  0.860   0.095   1.00 0.75 ? 15 ARG A CB     1 
ATOM 128  C CG     . ARG A 1 15 ? 12.170  0.203   0.738   1.00 1.04 ? 15 ARG A CG     1 
ATOM 129  C CD     . ARG A 1 15 ? 12.012  -1.306  0.827   1.00 1.44 ? 15 ARG A CD     1 
ATOM 130  N NE     . ARG A 1 15 ? 10.828  -1.695  1.595   1.00 1.59 ? 15 ARG A NE     1 
ATOM 131  C CZ     . ARG A 1 15 ? 10.826  -2.639  2.535   1.00 1.70 ? 15 ARG A CZ     1 
ATOM 132  N NH1    . ARG A 1 15 ? 11.950  -3.264  2.855   1.00 2.11 ? 15 ARG A NH1    1 
ATOM 133  N NH2    . ARG A 1 15 ? 9.699   -2.965  3.155   1.00 2.23 ? 15 ARG A NH2    1 
ATOM 134  H H      . ARG A 1 15 ? 10.244  3.252   -0.375  1.00 0.61 ? 15 ARG A H      1 
ATOM 135  H HE     . ARG A 1 15 ? 9.988   -1.241  1.378   1.00 2.19 ? 15 ARG A HE     1 
ATOM 136  H HH11   . ARG A 1 15 ? 12.806  -3.029  2.392   1.00 2.32 ? 15 ARG A HH11   1 
ATOM 137  H HH12   . ARG A 1 15 ? 11.939  -3.998  3.542   1.00 2.62 ? 15 ARG A HH12   1 
ATOM 138  H HH21   . ARG A 1 15 ? 8.843   -2.504  2.925   1.00 2.73 ? 15 ARG A HH21   1 
ATOM 139  H HH22   . ARG A 1 15 ? 9.702   -3.692  3.854   1.00 2.46 ? 15 ARG A HH22   1 
ATOM 140  N N      . GLU A 1 16 ? 11.648  2.827   2.523   1.00 0.61 ? 16 GLU A N      1 
ATOM 141  C CA     . GLU A 1 16 ? 12.340  3.078   3.781   1.00 0.64 ? 16 GLU A CA     1 
ATOM 142  C C      . GLU A 1 16 ? 11.383  3.632   4.829   1.00 0.60 ? 16 GLU A C      1 
ATOM 143  O O      . GLU A 1 16 ? 11.443  3.246   5.997   1.00 0.64 ? 16 GLU A O      1 
ATOM 144  C CB     . GLU A 1 16 ? 13.525  4.022   3.591   1.00 0.69 ? 16 GLU A CB     1 
ATOM 145  C CG     . GLU A 1 16 ? 14.687  3.413   2.828   1.00 1.11 ? 16 GLU A CG     1 
ATOM 146  C CD     . GLU A 1 16 ? 15.891  4.329   2.800   1.00 1.55 ? 16 GLU A CD     1 
ATOM 147  O OE1    . GLU A 1 16 ? 15.899  5.280   1.990   1.00 2.14 ? 16 GLU A OE1    1 
ATOM 148  O OE2    . GLU A 1 16 ? 16.822  4.106   3.600   1.00 2.00 ? 16 GLU A OE2    1 
ATOM 149  H H      . GLU A 1 16 ? 11.862  3.379   1.736   1.00 0.63 ? 16 GLU A H      1 
ATOM 150  N N      . ARG A 1 17 ? 10.483  4.520   4.411   1.00 0.55 ? 17 ARG A N      1 
ATOM 151  C CA     . ARG A 1 17 ? 9.503   5.080   5.335   1.00 0.55 ? 17 ARG A CA     1 
ATOM 152  C C      . ARG A 1 17 ? 8.595   3.983   5.860   1.00 0.53 ? 17 ARG A C      1 
ATOM 153  O O      . ARG A 1 17 ? 8.167   4.015   7.010   1.00 0.54 ? 17 ARG A O      1 
ATOM 154  C CB     . ARG A 1 17 ? 8.681   6.223   4.731   1.00 0.56 ? 17 ARG A CB     1 
ATOM 155  C CG     . ARG A 1 17 ? 9.392   7.566   4.713   1.00 0.95 ? 17 ARG A CG     1 
ATOM 156  C CD     . ARG A 1 17 ? 8.412   8.714   4.924   1.00 1.14 ? 17 ARG A CD     1 
ATOM 157  N NE     . ARG A 1 17 ? 8.009   8.839   6.331   1.00 1.17 ? 17 ARG A NE     1 
ATOM 158  C CZ     . ARG A 1 17 ? 6.917   9.492   6.752   1.00 1.29 ? 17 ARG A CZ     1 
ATOM 159  N NH1    . ARG A 1 17 ? 6.102   10.072  5.879   1.00 1.42 ? 17 ARG A NH1    1 
ATOM 160  N NH2    . ARG A 1 17 ? 6.640   9.570   8.051   1.00 1.62 ? 17 ARG A NH2    1 
ATOM 161  H H      . ARG A 1 17 ? 10.487  4.806   3.470   1.00 0.54 ? 17 ARG A H      1 
ATOM 162  H HE     . ARG A 1 17 ? 8.595   8.423   7.000   1.00 1.38 ? 17 ARG A HE     1 
ATOM 163  H HH11   . ARG A 1 17 ? 6.297   10.027  4.899   1.00 1.52 ? 17 ARG A HH11   1 
ATOM 164  H HH12   . ARG A 1 17 ? 5.290   10.571  6.204   1.00 1.62 ? 17 ARG A HH12   1 
ATOM 165  H HH21   . ARG A 1 17 ? 7.242   9.144   8.726   1.00 1.87 ? 17 ARG A HH21   1 
ATOM 166  H HH22   . ARG A 1 17 ? 5.815   10.081  8.365   1.00 1.77 ? 17 ARG A HH22   1 
ATOM 167  N N      . LEU A 1 18 ? 8.298   3.023   4.992   1.00 0.51 ? 18 LEU A N      1 
ATOM 168  C CA     . LEU A 1 18 ? 7.460   1.889   5.348   1.00 0.51 ? 18 LEU A CA     1 
ATOM 169  C C      . LEU A 1 18 ? 8.115   1.115   6.494   1.00 0.52 ? 18 LEU A C      1 
ATOM 170  O O      . LEU A 1 18 ? 7.458   0.722   7.457   1.00 0.53 ? 18 LEU A O      1 
ATOM 171  C CB     . LEU A 1 18 ? 7.284   0.987   4.124   1.00 0.52 ? 18 LEU A CB     1 
ATOM 172  C CG     . LEU A 1 18 ? 6.087   0.036   4.139   1.00 0.68 ? 18 LEU A CG     1 
ATOM 173  C CD1    . LEU A 1 18 ? 4.791   0.829   4.137   1.00 1.22 ? 18 LEU A CD1    1 
ATOM 174  C CD2    . LEU A 1 18 ? 6.140   -0.900  2.941   1.00 0.81 ? 18 LEU A CD2    1 
ATOM 175  H H      . LEU A 1 18 ? 8.647   3.084   4.078   1.00 0.51 ? 18 LEU A H      1 
ATOM 176  N N      . LYS A 1 19 ? 9.433   0.923   6.384   1.00 0.54 ? 19 LYS A N      1 
ATOM 177  C CA     . LYS A 1 19 ? 10.198  0.221   7.410   1.00 0.58 ? 19 LYS A CA     1 
ATOM 178  C C      . LYS A 1 19 ? 10.229  1.043   8.701   1.00 0.59 ? 19 LYS A C      1 
ATOM 179  O O      . LYS A 1 19 ? 10.127  0.497   9.801   1.00 0.60 ? 19 LYS A O      1 
ATOM 180  C CB     . LYS A 1 19 ? 11.622  -0.080  6.916   1.00 0.64 ? 19 LYS A CB     1 
ATOM 181  C CG     . LYS A 1 19 ? 12.459  -0.926  7.871   1.00 1.15 ? 19 LYS A CG     1 
ATOM 182  C CD     . LYS A 1 19 ? 13.851  -1.185  7.313   1.00 1.32 ? 19 LYS A CD     1 
ATOM 183  C CE     . LYS A 1 19 ? 14.691  -2.028  8.263   1.00 1.76 ? 19 LYS A CE     1 
ATOM 184  N NZ     . LYS A 1 19 ? 16.025  -2.366  7.686   1.00 2.12 ? 19 LYS A NZ     1 
ATOM 185  H H      . LYS A 1 19 ? 9.896   1.264   5.593   1.00 0.55 ? 19 LYS A H      1 
ATOM 186  H HZ1    . LYS A 1 19 ? 15.911  -2.964  6.844   1.00 2.56 ? 19 LYS A HZ1    1 
ATOM 187  H HZ2    . LYS A 1 19 ? 16.601  -2.879  8.386   1.00 2.61 ? 19 LYS A HZ2    1 
ATOM 188  H HZ3    . LYS A 1 19 ? 16.528  -1.496  7.416   1.00 2.25 ? 19 LYS A HZ3    1 
ATOM 189  N N      . ALA A 1 20 ? 10.372  2.357   8.555   1.00 0.60 ? 20 ALA A N      1 
ATOM 190  C CA     . ALA A 1 20 ? 10.403  3.266   9.697   1.00 0.63 ? 20 ALA A CA     1 
ATOM 191  C C      . ALA A 1 20 ? 9.058   3.259   10.423  1.00 0.60 ? 20 ALA A C      1 
ATOM 192  O O      . ALA A 1 20 ? 8.997   3.288   11.655  1.00 0.62 ? 20 ALA A O      1 
ATOM 193  C CB     . ALA A 1 20 ? 10.762  4.675   9.248   1.00 0.67 ? 20 ALA A CB     1 
ATOM 194  H H      . ALA A 1 20 ? 10.466  2.727   7.648   1.00 0.60 ? 20 ALA A H      1 
ATOM 195  N N      . ALA A 1 21 ? 7.978   3.221   9.649   1.00 0.57 ? 21 ALA A N      1 
ATOM 196  C CA     . ALA A 1 21 ? 6.631   3.186   10.205  1.00 0.57 ? 21 ALA A CA     1 
ATOM 197  C C      . ALA A 1 21 ? 6.432   1.899   10.995  1.00 0.54 ? 21 ALA A C      1 
ATOM 198  O O      . ALA A 1 21 ? 5.759   1.885   12.028  1.00 0.54 ? 21 ALA A O      1 
ATOM 199  C CB     . ALA A 1 21 ? 5.592   3.304   9.100   1.00 0.57 ? 21 ALA A CB     1 
ATOM 200  H H      . ALA A 1 21 ? 8.092   3.222   8.672   1.00 0.57 ? 21 ALA A H      1 
ATOM 201  N N      . ALA A 1 22 ? 7.032   0.826   10.498  1.00 0.52 ? 22 ALA A N      1 
ATOM 202  C CA     . ALA A 1 22 ? 6.957   -0.482  11.137  1.00 0.51 ? 22 ALA A CA     1 
ATOM 203  C C      . ALA A 1 22 ? 7.522   -0.427  12.549  1.00 0.52 ? 22 ALA A C      1 
ATOM 204  O O      . ALA A 1 22 ? 6.982   -1.032  13.471  1.00 0.53 ? 22 ALA A O      1 
ATOM 205  C CB     . ALA A 1 22 ? 7.693   -1.521  10.310  1.00 0.52 ? 22 ALA A CB     1 
ATOM 206  H H      . ALA A 1 22 ? 7.549   0.914   9.666   1.00 0.53 ? 22 ALA A H      1 
ATOM 207  N N      . GLN A 1 23 ? 8.615   0.311   12.706  1.00 0.54 ? 23 GLN A N      1 
ATOM 208  C CA     . GLN A 1 23 ? 9.268   0.454   14.002  1.00 0.57 ? 23 GLN A CA     1 
ATOM 209  C C      . GLN A 1 23 ? 8.363   1.206   14.975  1.00 0.58 ? 23 GLN A C      1 
ATOM 210  O O      . GLN A 1 23 ? 8.351   0.932   16.171  1.00 0.60 ? 23 GLN A O      1 
ATOM 211  C CB     . GLN A 1 23 ? 10.599  1.195   13.842  1.00 0.63 ? 23 GLN A CB     1 
ATOM 212  C CG     . GLN A 1 23 ? 11.591  0.496   12.924  1.00 0.67 ? 23 GLN A CG     1 
ATOM 213  C CD     . GLN A 1 23 ? 11.910  -0.919  13.362  1.00 0.79 ? 23 GLN A CD     1 
ATOM 214  O OE1    . GLN A 1 23 ? 12.806  -1.145  14.169  1.00 0.99 ? 23 GLN A OE1    1 
ATOM 215  N NE2    . GLN A 1 23 ? 11.173  -1.882  12.830  1.00 0.94 ? 23 GLN A NE2    1 
ATOM 216  H H      . GLN A 1 23 ? 8.991   0.776   11.929  1.00 0.55 ? 23 GLN A H      1 
ATOM 217  H HE21   . GLN A 1 23 ? 10.474  -1.632  12.192  1.00 1.03 ? 23 GLN A HE21   1 
ATOM 218  H HE22   . GLN A 1 23 ? 11.354  -2.803  13.105  1.00 1.10 ? 23 GLN A HE22   1 
ATOM 219  N N      . SER A 1 24 ? 7.609   2.161   14.443  1.00 0.59 ? 24 SER A N      1 
ATOM 220  C CA     . SER A 1 24 ? 6.698   2.965   15.248  1.00 0.63 ? 24 SER A CA     1 
ATOM 221  C C      . SER A 1 24 ? 5.502   2.145   15.744  1.00 0.62 ? 24 SER A C      1 
ATOM 222  O O      . SER A 1 24 ? 4.971   2.395   16.824  1.00 0.66 ? 24 SER A O      1 
ATOM 223  C CB     . SER A 1 24 ? 6.220   4.177   14.442  1.00 0.67 ? 24 SER A CB     1 
ATOM 224  O OG     . SER A 1 24 ? 7.323   4.927   13.957  1.00 0.84 ? 24 SER A OG     1 
ATOM 225  H H      . SER A 1 24 ? 7.663   2.324   13.478  1.00 0.58 ? 24 SER A H      1 
ATOM 226  H HG     . SER A 1 24 ? 7.639   4.539   13.134  1.00 1.45 ? 24 SER A HG     1 
ATOM 227  N N      . ILE A 1 25 ? 5.081   1.169   14.947  1.00 0.60 ? 25 ILE A N      1 
ATOM 228  C CA     . ILE A 1 25 ? 3.944   0.322   15.304  1.00 0.61 ? 25 ILE A CA     1 
ATOM 229  C C      . ILE A 1 25 ? 4.404   -0.982  15.977  1.00 0.61 ? 25 ILE A C      1 
ATOM 230  O O      . ILE A 1 25 ? 3.583   -1.837  16.328  1.00 0.65 ? 25 ILE A O      1 
ATOM 231  C CB     . ILE A 1 25 ? 3.050   0.026   14.070  1.00 0.58 ? 25 ILE A CB     1 
ATOM 232  C CG1    . ILE A 1 25 ? 1.706   -0.593  14.481  1.00 0.66 ? 25 ILE A CG1    1 
ATOM 233  C CG2    . ILE A 1 25 ? 3.774   -0.856  13.064  1.00 0.51 ? 25 ILE A CG2    1 
ATOM 234  C CD1    . ILE A 1 25 ? 0.718   -0.732  13.341  1.00 0.68 ? 25 ILE A CD1    1 
ATOM 235  H H      . ILE A 1 25 ? 5.546   1.012   14.097  1.00 0.61 ? 25 ILE A H      1 
ATOM 236  N N      . ASP A 1 26 ? 5.719   -1.111  16.161  1.00 0.61 ? 26 ASP A N      1 
ATOM 237  C CA     . ASP A 1 26 ? 6.324   -2.297  16.784  1.00 0.66 ? 26 ASP A CA     1 
ATOM 238  C C      . ASP A 1 26 ? 6.006   -3.563  15.984  1.00 0.64 ? 26 ASP A C      1 
ATOM 239  O O      . ASP A 1 26 ? 5.582   -4.584  16.525  1.00 0.69 ? 26 ASP A O      1 
ATOM 240  C CB     . ASP A 1 26 ? 5.897   -2.438  18.256  1.00 0.77 ? 26 ASP A CB     1 
ATOM 241  C CG     . ASP A 1 26 ? 6.872   -3.259  19.087  1.00 1.17 ? 26 ASP A CG     1 
ATOM 242  O OD1    . ASP A 1 26 ? 7.985   -2.764  19.364  1.00 1.88 ? 26 ASP A OD1    1 
ATOM 243  O OD2    . ASP A 1 26 ? 6.524   -4.395  19.479  1.00 1.65 ? 26 ASP A OD2    1 
ATOM 244  H H      . ASP A 1 26 ? 6.307   -0.382  15.876  1.00 0.60 ? 26 ASP A H      1 
ATOM 245  N N      . ARG A 1 27 ? 6.192   -3.477  14.670  1.00 0.63 ? 27 ARG A N      1 
ATOM 246  C CA     . ARG A 1 27 ? 5.934   -4.601  13.777  1.00 0.63 ? 27 ARG A CA     1 
ATOM 247  C C      . ARG A 1 27 ? 7.110   -4.837  12.839  1.00 0.58 ? 27 ARG A C      1 
ATOM 248  O O      . ARG A 1 27 ? 7.884   -3.922  12.557  1.00 0.57 ? 27 ARG A O      1 
ATOM 249  C CB     . ARG A 1 27 ? 4.674   -4.355  12.939  1.00 0.63 ? 27 ARG A CB     1 
ATOM 250  C CG     . ARG A 1 27 ? 3.432   -5.092  13.417  1.00 0.94 ? 27 ARG A CG     1 
ATOM 251  C CD     . ARG A 1 27 ? 2.861   -4.465  14.676  1.00 1.15 ? 27 ARG A CD     1 
ATOM 252  N NE     . ARG A 1 27 ? 1.603   -5.089  15.083  1.00 1.34 ? 27 ARG A NE     1 
ATOM 253  C CZ     . ARG A 1 27 ? 0.907   -4.716  16.158  1.00 1.62 ? 27 ARG A CZ     1 
ATOM 254  N NH1    . ARG A 1 27 ? 1.354   -3.729  16.929  1.00 2.26 ? 27 ARG A NH1    1 
ATOM 255  N NH2    . ARG A 1 27 ? -0.231  -5.333  16.467  1.00 1.89 ? 27 ARG A NH2    1 
ATOM 256  H H      . ARG A 1 27 ? 6.527   -2.632  14.292  1.00 0.64 ? 27 ARG A H      1 
ATOM 257  H HE     . ARG A 1 27 ? 1.264   -5.824  14.529  1.00 1.76 ? 27 ARG A HE     1 
ATOM 258  H HH11   . ARG A 1 27 ? 2.220   -3.261  16.705  1.00 2.49 ? 27 ARG A HH11   1 
ATOM 259  H HH12   . ARG A 1 27 ? 0.842   -3.451  17.745  1.00 2.78 ? 27 ARG A HH12   1 
ATOM 260  H HH21   . ARG A 1 27 ? -0.572  -6.083  15.897  1.00 2.19 ? 27 ARG A HH21   1 
ATOM 261  H HH22   . ARG A 1 27 ? -0.750  -5.053  17.280  1.00 2.15 ? 27 ARG A HH22   1 
ATOM 262  N N      . THR A 1 28 ? 7.242   -6.070  12.363  1.00 0.61 ? 28 THR A N      1 
ATOM 263  C CA     . THR A 1 28 ? 8.301   -6.416  11.429  1.00 0.61 ? 28 THR A CA     1 
ATOM 264  C C      . THR A 1 28 ? 7.997   -5.803  10.063  1.00 0.52 ? 28 THR A C      1 
ATOM 265  O O      . THR A 1 28 ? 6.842   -5.791  9.628   1.00 0.53 ? 28 THR A O      1 
ATOM 266  C CB     . THR A 1 28 ? 8.496   -7.952  11.304  1.00 0.72 ? 28 THR A CB     1 
ATOM 267  O OG1    . THR A 1 28 ? 9.282   -8.265  10.143  1.00 1.50 ? 28 THR A OG1    1 
ATOM 268  C CG2    . THR A 1 28 ? 7.162   -8.678  11.229  1.00 1.17 ? 28 THR A CG2    1 
ATOM 269  H H      . THR A 1 28 ? 6.610   -6.760  12.644  1.00 0.66 ? 28 THR A H      1 
ATOM 270  H HG1    . THR A 1 28 ? 9.576   -9.187  10.188  1.00 1.91 ? 28 THR A HG1    1 
ATOM 271  N N      . PRO A 1 29 ? 9.024   -5.262  9.387   1.00 0.50 ? 29 PRO A N      1 
ATOM 272  C CA     . PRO A 1 29 ? 8.872   -4.631  8.069   1.00 0.47 ? 29 PRO A CA     1 
ATOM 273  C C      . PRO A 1 29 ? 8.142   -5.526  7.066   1.00 0.53 ? 29 PRO A C      1 
ATOM 274  O O      . PRO A 1 29 ? 7.369   -5.040  6.240   1.00 0.55 ? 29 PRO A O      1 
ATOM 275  C CB     . PRO A 1 29 ? 10.317  -4.395  7.624   1.00 0.54 ? 29 PRO A CB     1 
ATOM 276  C CG     . PRO A 1 29 ? 11.087  -4.288  8.893   1.00 0.58 ? 29 PRO A CG     1 
ATOM 277  C CD     . PRO A 1 29 ? 10.421  -5.224  9.859   1.00 0.57 ? 29 PRO A CD     1 
ATOM 278  N N      . HIS A 1 30 ? 8.377   -6.832  7.156   1.00 0.64 ? 30 HIS A N      1 
ATOM 279  C CA     . HIS A 1 30 ? 7.746   -7.793  6.256   1.00 0.78 ? 30 HIS A CA     1 
ATOM 280  C C      . HIS A 1 30 ? 6.230   -7.791  6.432   1.00 0.74 ? 30 HIS A C      1 
ATOM 281  O O      . HIS A 1 30 ? 5.477   -7.866  5.460   1.00 0.86 ? 30 HIS A O      1 
ATOM 282  C CB     . HIS A 1 30 ? 8.291   -9.199  6.519   1.00 0.97 ? 30 HIS A CB     1 
ATOM 283  C CG     . HIS A 1 30 ? 8.153   -10.138 5.359   1.00 1.29 ? 30 HIS A CG     1 
ATOM 284  N ND1    . HIS A 1 30 ? 8.134   -11.509 5.497   1.00 1.57 ? 30 HIS A ND1    1 
ATOM 285  C CD2    . HIS A 1 30 ? 8.053   -9.897  4.032   1.00 1.63 ? 30 HIS A CD2    1 
ATOM 286  C CE1    . HIS A 1 30 ? 8.031   -12.066 4.308   1.00 1.83 ? 30 HIS A CE1    1 
ATOM 287  N NE2    . HIS A 1 30 ? 7.981   -11.113 3.392   1.00 1.87 ? 30 HIS A NE2    1 
ATOM 288  H H      . HIS A 1 30 ? 8.996   -7.157  7.846   1.00 0.67 ? 30 HIS A H      1 
ATOM 289  H HD1    . HIS A 1 30 ? 8.224   -12.003 6.346   1.00 1.72 ? 30 HIS A HD1    1 
ATOM 290  H HE2    . HIS A 1 30 ? 8.212   -11.251 2.450   1.00 2.27 ? 30 HIS A HE2    1 
ATOM 291  N N      . TRP A 1 31 ? 5.798   -7.718  7.680   1.00 0.65 ? 31 TRP A N      1 
ATOM 292  C CA     . TRP A 1 31 ? 4.380   -7.707  8.006   1.00 0.68 ? 31 TRP A CA     1 
ATOM 293  C C      . TRP A 1 31 ? 3.759   -6.349  7.684   1.00 0.57 ? 31 TRP A C      1 
ATOM 294  O O      . TRP A 1 31 ? 2.624   -6.266  7.211   1.00 0.56 ? 31 TRP A O      1 
ATOM 295  C CB     . TRP A 1 31 ? 4.187   -8.034  9.490   1.00 0.77 ? 31 TRP A CB     1 
ATOM 296  C CG     . TRP A 1 31 ? 2.849   -8.619  9.824   1.00 0.98 ? 31 TRP A CG     1 
ATOM 297  C CD1    . TRP A 1 31 ? 1.777   -7.970  10.364  1.00 1.21 ? 31 TRP A CD1    1 
ATOM 298  C CD2    . TRP A 1 31 ? 2.445   -9.982  9.648   1.00 1.22 ? 31 TRP A CD2    1 
ATOM 299  N NE1    . TRP A 1 31 ? 0.727   -8.842  10.527  1.00 1.47 ? 31 TRP A NE1    1 
ATOM 300  C CE2    . TRP A 1 31 ? 1.114   -10.085 10.098  1.00 1.47 ? 31 TRP A CE2    1 
ATOM 301  C CE3    . TRP A 1 31 ? 3.081   -11.124 9.152   1.00 1.46 ? 31 TRP A CE3    1 
ATOM 302  C CZ2    . TRP A 1 31 ? 0.408   -11.285 10.066  1.00 1.82 ? 31 TRP A CZ2    1 
ATOM 303  C CZ3    . TRP A 1 31 ? 2.379   -12.313 9.122   1.00 1.85 ? 31 TRP A CZ3    1 
ATOM 304  C CH2    . TRP A 1 31 ? 1.056   -12.386 9.576   1.00 1.98 ? 31 TRP A CH2    1 
ATOM 305  H H      . TRP A 1 31 ? 6.454   -7.659  8.406   1.00 0.62 ? 31 TRP A H      1 
ATOM 306  H HE1    . TRP A 1 31 ? -0.154  -8.613  10.895  1.00 1.71 ? 31 TRP A HE1    1 
ATOM 307  N N      . LEU A 1 32 ? 4.525   -5.292  7.925   1.00 0.53 ? 32 LEU A N      1 
ATOM 308  C CA     . LEU A 1 32 ? 4.062   -3.924  7.706   1.00 0.47 ? 32 LEU A CA     1 
ATOM 309  C C      . LEU A 1 32 ? 3.771   -3.615  6.238   1.00 0.41 ? 32 LEU A C      1 
ATOM 310  O O      . LEU A 1 32 ? 2.950   -2.749  5.941   1.00 0.38 ? 32 LEU A O      1 
ATOM 311  C CB     . LEU A 1 32 ? 5.046   -2.909  8.292   1.00 0.50 ? 32 LEU A CB     1 
ATOM 312  C CG     . LEU A 1 32 ? 4.442   -1.629  8.890   1.00 0.55 ? 32 LEU A CG     1 
ATOM 313  C CD1    . LEU A 1 32 ? 4.338   -0.526  7.849   1.00 0.64 ? 32 LEU A CD1    1 
ATOM 314  C CD2    . LEU A 1 32 ? 3.089   -1.904  9.530   1.00 0.75 ? 32 LEU A CD2    1 
ATOM 315  H H      . LEU A 1 32 ? 5.437   -5.435  8.263   1.00 0.56 ? 32 LEU A H      1 
ATOM 316  N N      . ILE A 1 33 ? 4.413   -4.336  5.324   1.00 0.46 ? 33 ILE A N      1 
ATOM 317  C CA     . ILE A 1 33 ? 4.205   -4.107  3.896   1.00 0.48 ? 33 ILE A CA     1 
ATOM 318  C C      . ILE A 1 33 ? 2.738   -4.325  3.529   1.00 0.44 ? 33 ILE A C      1 
ATOM 319  O O      . ILE A 1 33 ? 2.125   -3.501  2.850   1.00 0.55 ? 33 ILE A O      1 
ATOM 320  C CB     . ILE A 1 33 ? 5.086   -5.051  3.038   1.00 0.62 ? 33 ILE A CB     1 
ATOM 321  C CG1    . ILE A 1 33 ? 6.563   -4.681  3.168   1.00 1.05 ? 33 ILE A CG1    1 
ATOM 322  C CG2    . ILE A 1 33 ? 4.659   -5.027  1.576   1.00 1.43 ? 33 ILE A CG2    1 
ATOM 323  C CD1    . ILE A 1 33 ? 7.497   -5.690  2.535   1.00 1.14 ? 33 ILE A CD1    1 
ATOM 324  H H      . ILE A 1 33 ? 5.052   -5.021  5.614   1.00 0.52 ? 33 ILE A H      1 
ATOM 325  N N      . LYS A 1 34 ? 2.174   -5.423  4.006   1.00 0.45 ? 34 LYS A N      1 
ATOM 326  C CA     . LYS A 1 34 ? 0.785   -5.748  3.728   1.00 0.43 ? 34 LYS A CA     1 
ATOM 327  C C      . LYS A 1 34 ? -0.168  -5.036  4.687   1.00 0.37 ? 34 LYS A C      1 
ATOM 328  O O      . LYS A 1 34 ? -1.339  -4.830  4.379   1.00 0.38 ? 34 LYS A O      1 
ATOM 329  C CB     . LYS A 1 34 ? 0.568   -7.263  3.735   1.00 0.59 ? 34 LYS A CB     1 
ATOM 330  C CG     . LYS A 1 34 ? 0.680   -7.916  5.102   1.00 0.71 ? 34 LYS A CG     1 
ATOM 331  C CD     . LYS A 1 34 ? 0.698   -9.431  4.980   1.00 0.69 ? 34 LYS A CD     1 
ATOM 332  C CE     . LYS A 1 34 ? 0.559   -10.108 6.333   1.00 0.89 ? 34 LYS A CE     1 
ATOM 333  N NZ     . LYS A 1 34 ? -0.781  -9.893  6.933   1.00 1.38 ? 34 LYS A NZ     1 
ATOM 334  H H      . LYS A 1 34 ? 2.706   -6.031  4.560   1.00 0.55 ? 34 LYS A H      1 
ATOM 335  H HZ1    . LYS A 1 34 ? -0.884  -10.462 7.793   1.00 1.88 ? 34 LYS A HZ1    1 
ATOM 336  H HZ2    . LYS A 1 34 ? -1.527  -10.168 6.259   1.00 1.75 ? 34 LYS A HZ2    1 
ATOM 337  H HZ3    . LYS A 1 34 ? -0.911  -8.888  7.179   1.00 1.87 ? 34 LYS A HZ3    1 
ATOM 338  N N      . GLN A 1 35 ? 0.337   -4.679  5.861   1.00 0.40 ? 35 GLN A N      1 
ATOM 339  C CA     . GLN A 1 35 ? -0.474  -3.988  6.854   1.00 0.43 ? 35 GLN A CA     1 
ATOM 340  C C      . GLN A 1 35 ? -0.709  -2.525  6.498   1.00 0.39 ? 35 GLN A C      1 
ATOM 341  O O      . GLN A 1 35 ? -1.784  -1.993  6.750   1.00 0.45 ? 35 GLN A O      1 
ATOM 342  C CB     . GLN A 1 35 ? 0.104   -4.122  8.262   1.00 0.54 ? 35 GLN A CB     1 
ATOM 343  C CG     . GLN A 1 35 ? 0.004   -5.527  8.834   1.00 0.84 ? 35 GLN A CG     1 
ATOM 344  C CD     . GLN A 1 35 ? -1.421  -6.041  8.943   1.00 0.89 ? 35 GLN A CD     1 
ATOM 345  O OE1    . GLN A 1 35 ? -1.666  -7.239  8.795   1.00 1.24 ? 35 GLN A OE1    1 
ATOM 346  N NE2    . GLN A 1 35 ? -2.365  -5.151  9.214   1.00 1.04 ? 35 GLN A NE2    1 
ATOM 347  H H      . GLN A 1 35 ? 1.276   -4.883  6.063   1.00 0.45 ? 35 GLN A H      1 
ATOM 348  H HE21   . GLN A 1 35 ? -2.102  -4.212  9.328   1.00 1.25 ? 35 GLN A HE21   1 
ATOM 349  H HE22   . GLN A 1 35 ? -3.291  -5.467  9.289   1.00 1.19 ? 35 GLN A HE22   1 
ATOM 350  N N      . ALA A 1 36 ? 0.297   -1.883  5.915   1.00 0.36 ? 36 ALA A N      1 
ATOM 351  C CA     . ALA A 1 36 ? 0.199   -0.472  5.547   1.00 0.42 ? 36 ALA A CA     1 
ATOM 352  C C      . ALA A 1 36 ? -0.935  -0.223  4.561   1.00 0.39 ? 36 ALA A C      1 
ATOM 353  O O      . ALA A 1 36 ? -1.779  0.645   4.779   1.00 0.54 ? 36 ALA A O      1 
ATOM 354  C CB     . ALA A 1 36 ? 1.515   0.009   4.964   1.00 0.50 ? 36 ALA A CB     1 
ATOM 355  H H      . ALA A 1 36 ? 1.133   -2.369  5.730   1.00 0.36 ? 36 ALA A H      1 
ATOM 356  N N      . ILE A 1 37 ? -0.959  -0.995  3.489   1.00 0.32 ? 37 ILE A N      1 
ATOM 357  C CA     . ILE A 1 37 ? -1.994  -0.867  2.471   1.00 0.39 ? 37 ILE A CA     1 
ATOM 358  C C      . ILE A 1 37 ? -3.371  -1.224  3.040   1.00 0.38 ? 37 ILE A C      1 
ATOM 359  O O      . ILE A 1 37 ? -4.371  -0.569  2.744   1.00 0.46 ? 37 ILE A O      1 
ATOM 360  C CB     . ILE A 1 37 ? -1.673  -1.721  1.226   1.00 0.50 ? 37 ILE A CB     1 
ATOM 361  C CG1    . ILE A 1 37 ? -2.782  -1.626  0.170   1.00 0.52 ? 37 ILE A CG1    1 
ATOM 362  C CG2    . ILE A 1 37 ? -1.385  -3.162  1.607   1.00 0.65 ? 37 ILE A CG2    1 
ATOM 363  C CD1    . ILE A 1 37 ? -2.873  -0.279  -0.509  1.00 0.63 ? 37 ILE A CD1    1 
ATOM 364  H H      . ILE A 1 37 ? -0.256  -1.672  3.371   1.00 0.35 ? 37 ILE A H      1 
ATOM 365  N N      . PHE A 1 38 ? -3.410  -2.265  3.865   1.00 0.33 ? 38 PHE A N      1 
ATOM 366  C CA     . PHE A 1 38 ? -4.653  -2.710  4.478   1.00 0.40 ? 38 PHE A CA     1 
ATOM 367  C C      . PHE A 1 38 ? -5.175  -1.653  5.451   1.00 0.40 ? 38 PHE A C      1 
ATOM 368  O O      . PHE A 1 38 ? -6.372  -1.368  5.492   1.00 0.46 ? 38 PHE A O      1 
ATOM 369  C CB     . PHE A 1 38 ? -4.435  -4.046  5.192   1.00 0.42 ? 38 PHE A CB     1 
ATOM 370  C CG     . PHE A 1 38 ? -5.698  -4.729  5.630   1.00 0.69 ? 38 PHE A CG     1 
ATOM 371  C CD1    . PHE A 1 38 ? -6.508  -5.365  4.704   1.00 1.10 ? 38 PHE A CD1    1 
ATOM 372  C CD2    . PHE A 1 38 ? -6.075  -4.741  6.963   1.00 1.04 ? 38 PHE A CD2    1 
ATOM 373  C CE1    . PHE A 1 38 ? -7.670  -6.001  5.095   1.00 1.55 ? 38 PHE A CE1    1 
ATOM 374  C CE2    . PHE A 1 38 ? -7.236  -5.374  7.363   1.00 1.45 ? 38 PHE A CE2    1 
ATOM 375  C CZ     . PHE A 1 38 ? -8.034  -6.005  6.428   1.00 1.64 ? 38 PHE A CZ     1 
ATOM 376  H H      . PHE A 1 38 ? -2.578  -2.747  4.064   1.00 0.30 ? 38 PHE A H      1 
ATOM 377  N N      . ASN A 1 39 ? -4.261  -1.063  6.214   1.00 0.36 ? 39 ASN A N      1 
ATOM 378  C CA     . ASN A 1 39 ? -4.611  -0.030  7.184   1.00 0.39 ? 39 ASN A CA     1 
ATOM 379  C C      . ASN A 1 39 ? -5.036  1.250   6.478   1.00 0.34 ? 39 ASN A C      1 
ATOM 380  O O      . ASN A 1 39 ? -5.813  2.039   7.014   1.00 0.35 ? 39 ASN A O      1 
ATOM 381  C CB     . ASN A 1 39 ? -3.457  0.238   8.154   1.00 0.43 ? 39 ASN A CB     1 
ATOM 382  C CG     . ASN A 1 39 ? -3.843  1.177   9.284   1.00 0.52 ? 39 ASN A CG     1 
ATOM 383  O OD1    . ASN A 1 39 ? -3.543  2.372   9.249   1.00 0.57 ? 39 ASN A OD1    1 
ATOM 384  N ND2    . ASN A 1 39 ? -4.524  0.647   10.289  1.00 0.73 ? 39 ASN A ND2    1 
ATOM 385  H H      . ASN A 1 39 ? -3.320  -1.333  6.126   1.00 0.33 ? 39 ASN A H      1 
ATOM 386  H HD21   . ASN A 1 39 ? -4.745  -0.312  10.250  1.00 0.88 ? 39 ASN A HD21   1 
ATOM 387  H HD22   . ASN A 1 39 ? -4.786  1.225   11.031  1.00 0.80 ? 39 ASN A HD22   1 
ATOM 388  N N      . TYR A 1 40 ? -4.514  1.454   5.274   1.00 0.31 ? 40 TYR A N      1 
ATOM 389  C CA     . TYR A 1 40 ? -4.860  2.624   4.479   1.00 0.30 ? 40 TYR A CA     1 
ATOM 390  C C      . TYR A 1 40 ? -6.360  2.629   4.224   1.00 0.30 ? 40 TYR A C      1 
ATOM 391  O O      . TYR A 1 40 ? -7.035  3.641   4.406   1.00 0.32 ? 40 TYR A O      1 
ATOM 392  C CB     . TYR A 1 40 ? -4.096  2.604   3.150   1.00 0.33 ? 40 TYR A CB     1 
ATOM 393  C CG     . TYR A 1 40 ? -4.510  3.685   2.176   1.00 0.30 ? 40 TYR A CG     1 
ATOM 394  C CD1    . TYR A 1 40 ? -4.259  5.023   2.444   1.00 0.33 ? 40 TYR A CD1    1 
ATOM 395  C CD2    . TYR A 1 40 ? -5.153  3.364   0.985   1.00 0.32 ? 40 TYR A CD2    1 
ATOM 396  C CE1    . TYR A 1 40 ? -4.635  6.012   1.556   1.00 0.36 ? 40 TYR A CE1    1 
ATOM 397  C CE2    . TYR A 1 40 ? -5.532  4.347   0.091   1.00 0.34 ? 40 TYR A CE2    1 
ATOM 398  C CZ     . TYR A 1 40 ? -5.271  5.669   0.381   1.00 0.35 ? 40 TYR A CZ     1 
ATOM 399  O OH     . TYR A 1 40 ? -5.651  6.652   -0.504  1.00 0.42 ? 40 TYR A OH     1 
ATOM 400  H H      . TYR A 1 40 ? -3.875  0.803   4.914   1.00 0.31 ? 40 TYR A H      1 
ATOM 401  H HH     . TYR A 1 40 ? -6.418  6.355   -1.000  1.00 1.02 ? 40 TYR A HH     1 
ATOM 402  N N      . LEU A 1 41 ? -6.874  1.477   3.820   1.00 0.31 ? 41 LEU A N      1 
ATOM 403  C CA     . LEU A 1 41 ? -8.294  1.318   3.558   1.00 0.35 ? 41 LEU A CA     1 
ATOM 404  C C      . LEU A 1 41 ? -9.083  1.376   4.863   1.00 0.36 ? 41 LEU A C      1 
ATOM 405  O O      . LEU A 1 41 ? -10.244 1.760   4.879   1.00 0.44 ? 41 LEU A O      1 
ATOM 406  C CB     . LEU A 1 41 ? -8.560  0.011   2.812   1.00 0.44 ? 41 LEU A CB     1 
ATOM 407  C CG     . LEU A 1 41 ? -7.949  -0.099  1.411   1.00 0.53 ? 41 LEU A CG     1 
ATOM 408  C CD1    . LEU A 1 41 ? -8.230  -1.464  0.804   1.00 0.66 ? 41 LEU A CD1    1 
ATOM 409  C CD2    . LEU A 1 41 ? -8.464  1.011   0.507   1.00 0.61 ? 41 LEU A CD2    1 
ATOM 410  H H      . LEU A 1 41 ? -6.277  0.704   3.704   1.00 0.31 ? 41 LEU A H      1 
ATOM 411  N N      . GLU A 1 42 ? -8.433  0.956   5.946   1.00 0.37 ? 42 GLU A N      1 
ATOM 412  C CA     . GLU A 1 42 ? -9.038  0.953   7.277   1.00 0.44 ? 42 GLU A CA     1 
ATOM 413  C C      . GLU A 1 42 ? -9.227  2.386   7.808   1.00 0.44 ? 42 GLU A C      1 
ATOM 414  O O      . GLU A 1 42 ? -10.187 2.673   8.516   1.00 0.56 ? 42 GLU A O      1 
ATOM 415  C CB     . GLU A 1 42 ? -8.179  0.111   8.231   1.00 0.52 ? 42 GLU A CB     1 
ATOM 416  C CG     . GLU A 1 42 ? -8.832  -0.225  9.563   1.00 1.09 ? 42 GLU A CG     1 
ATOM 417  C CD     . GLU A 1 42 ? -8.037  -1.241  10.365  1.00 1.15 ? 42 GLU A CD     1 
ATOM 418  O OE1    . GLU A 1 42 ? -7.084  -0.836  11.061  1.00 1.49 ? 42 GLU A OE1    1 
ATOM 419  O OE2    . GLU A 1 42 ? -8.375  -2.446  10.308  1.00 1.23 ? 42 GLU A OE2    1 
ATOM 420  H H      . GLU A 1 42 ? -7.514  0.631   5.846   1.00 0.38 ? 42 GLU A H      1 
ATOM 421  N N      . LYS A 1 43 ? -8.282  3.270   7.490   1.00 0.38 ? 43 LYS A N      1 
ATOM 422  C CA     . LYS A 1 43 ? -8.349  4.667   7.925   1.00 0.46 ? 43 LYS A CA     1 
ATOM 423  C C      . LYS A 1 43 ? -9.443  5.480   7.232   1.00 0.54 ? 43 LYS A C      1 
ATOM 424  O O      . LYS A 1 43 ? -10.004 6.400   7.825   1.00 0.74 ? 43 LYS A O      1 
ATOM 425  C CB     . LYS A 1 43 ? -6.995  5.377   7.817   1.00 0.46 ? 43 LYS A CB     1 
ATOM 426  C CG     . LYS A 1 43 ? -6.034  5.084   8.961   1.00 0.52 ? 43 LYS A CG     1 
ATOM 427  C CD     . LYS A 1 43 ? -4.719  5.828   8.778   1.00 1.18 ? 43 LYS A CD     1 
ATOM 428  C CE     . LYS A 1 43 ? -3.943  5.942   10.085  1.00 1.28 ? 43 LYS A CE     1 
ATOM 429  N NZ     . LYS A 1 43 ? -3.605  4.615   10.666  1.00 0.61 ? 43 LYS A NZ     1 
ATOM 430  H H      . LYS A 1 43 ? -7.516  2.972   6.952   1.00 0.34 ? 43 LYS A H      1 
ATOM 431  H HZ1    . LYS A 1 43 ? -4.458  4.169   11.058  1.00 0.93 ? 43 LYS A HZ1    1 
ATOM 432  H HZ2    . LYS A 1 43 ? -2.904  4.723   11.426  1.00 0.84 ? 43 LYS A HZ2    1 
ATOM 433  H HZ3    . LYS A 1 43 ? -3.210  3.988   9.930   1.00 1.07 ? 43 LYS A HZ3    1 
ATOM 434  N N      . LEU A 1 44 ? -9.718  5.170   5.970   1.00 0.49 ? 44 LEU A N      1 
ATOM 435  C CA     . LEU A 1 44 ? -10.736 5.904   5.223   1.00 0.58 ? 44 LEU A CA     1 
ATOM 436  C C      . LEU A 1 44 ? -12.095 5.205   5.237   1.00 0.57 ? 44 LEU A C      1 
ATOM 437  O O      . LEU A 1 44 ? -13.129 5.866   5.170   1.00 0.68 ? 44 LEU A O      1 
ATOM 438  C CB     . LEU A 1 44 ? -10.278 6.192   3.785   1.00 0.63 ? 44 LEU A CB     1 
ATOM 439  C CG     . LEU A 1 44 ? -9.604  5.043   3.026   1.00 0.62 ? 44 LEU A CG     1 
ATOM 440  C CD1    . LEU A 1 44 ? -10.622 4.255   2.214   1.00 0.69 ? 44 LEU A CD1    1 
ATOM 441  C CD2    . LEU A 1 44 ? -8.501  5.575   2.127   1.00 0.76 ? 44 LEU A CD2    1 
ATOM 442  H H      . LEU A 1 44 ? -9.240  4.432   5.540   1.00 0.50 ? 44 LEU A H      1 
ATOM 443  N N      . GLU A 1 45 ? -12.066 3.877   5.331   1.00 0.51 ? 45 GLU A N      1 
ATOM 444  C CA     . GLU A 1 45 ? -13.274 3.050   5.337   1.00 0.58 ? 45 GLU A CA     1 
ATOM 445  C C      . GLU A 1 45 ? -14.173 3.323   4.128   1.00 0.64 ? 45 GLU A C      1 
ATOM 446  O O      . GLU A 1 45 ? -15.281 3.871   4.302   1.00 1.07 ? 45 GLU A O      1 
ATOM 447  C CB     . GLU A 1 45 ? -14.041 3.106   6.668   1.00 0.69 ? 45 GLU A CB     1 
ATOM 448  C CG     . GLU A 1 45 ? -13.320 2.411   7.820   1.00 0.97 ? 45 GLU A CG     1 
ATOM 449  C CD     . GLU A 1 45 ? -14.222 2.119   9.011   1.00 1.41 ? 45 GLU A CD     1 
ATOM 450  O OE1    . GLU A 1 45 ? -14.480 3.042   9.820   1.00 2.06 ? 45 GLU A OE1    1 
ATOM 451  O OE2    . GLU A 1 45 ? -14.664 0.955   9.150   1.00 1.91 ? 45 GLU A OE2    1 
ATOM 452  O OXT    . GLU A 1 45 ? -13.751 2.980   3.000   1.00 0.84 ? 45 GLU A OXT    1 
ATOM 453  H H      . GLU A 1 45 ? -11.200 3.430   5.397   1.00 0.48 ? 45 GLU A H      1 
ATOM 454  N N      . MET B 1 1  ? 8.767   10.341  -9.417  1.00 0.96 ? 46 MET B N      1 
ATOM 455  C CA     . MET B 1 1  ? 8.583   9.030   -8.741  1.00 0.89 ? 46 MET B CA     1 
ATOM 456  C C      . MET B 1 1  ? 9.358   7.942   -9.468  1.00 0.85 ? 46 MET B C      1 
ATOM 457  O O      . MET B 1 1  ? 9.380   7.908   -10.697 1.00 0.91 ? 46 MET B O      1 
ATOM 458  C CB     . MET B 1 1  ? 7.101   8.651   -8.661  1.00 1.16 ? 46 MET B CB     1 
ATOM 459  C CG     . MET B 1 1  ? 6.290   9.473   -7.673  1.00 1.23 ? 46 MET B CG     1 
ATOM 460  S SD     . MET B 1 1  ? 4.555   8.979   -7.622  1.00 1.78 ? 46 MET B SD     1 
ATOM 461  C CE     . MET B 1 1  ? 3.921   10.110  -6.383  1.00 2.02 ? 46 MET B CE     1 
ATOM 462  H H1     . MET B 1 1  ? 8.428   10.286  -10.399 1.00 1.14 ? 46 MET B H1     1 
ATOM 463  H H2     . MET B 1 1  ? 9.776   10.594  -9.427  1.00 1.06 ? 46 MET B H2     1 
ATOM 464  H H3     . MET B 1 1  ? 8.240   11.082  -8.918  1.00 1.03 ? 46 MET B H3     1 
ATOM 465  N N      . ALA B 1 2  ? 9.988   7.068   -8.704  1.00 0.96 ? 47 ALA B N      1 
ATOM 466  C CA     . ALA B 1 2  ? 10.763  5.964   -9.254  1.00 1.08 ? 47 ALA B CA     1 
ATOM 467  C C      . ALA B 1 2  ? 10.216  4.659   -8.698  1.00 1.13 ? 47 ALA B C      1 
ATOM 468  O O      . ALA B 1 2  ? 10.959  3.790   -8.260  1.00 1.73 ? 47 ALA B O      1 
ATOM 469  C CB     . ALA B 1 2  ? 12.235  6.129   -8.900  1.00 1.27 ? 47 ALA B CB     1 
ATOM 470  H H      . ALA B 1 2  ? 9.920   7.154   -7.718  1.00 1.06 ? 47 ALA B H      1 
ATOM 471  N N      . THR B 1 3  ? 8.896   4.549   -8.719  1.00 0.85 ? 48 THR B N      1 
ATOM 472  C CA     . THR B 1 3  ? 8.202   3.381   -8.207  1.00 0.82 ? 48 THR B CA     1 
ATOM 473  C C      . THR B 1 3  ? 8.570   2.112   -8.972  1.00 0.89 ? 48 THR B C      1 
ATOM 474  O O      . THR B 1 3  ? 8.107   1.890   -10.095 1.00 1.01 ? 48 THR B O      1 
ATOM 475  C CB     . THR B 1 3  ? 6.682   3.601   -8.291  1.00 0.80 ? 48 THR B CB     1 
ATOM 476  O OG1    . THR B 1 3  ? 6.374   4.238   -9.542  1.00 0.88 ? 48 THR B OG1    1 
ATOM 477  C CG2    . THR B 1 3  ? 6.208   4.486   -7.148  1.00 0.73 ? 48 THR B CG2    1 
ATOM 478  H H      . THR B 1 3  ? 8.369   5.281   -9.094  1.00 1.06 ? 48 THR B H      1 
ATOM 479  H HG1    . THR B 1 3  ? 6.936   3.862   -10.234 1.00 0.93 ? 48 THR B HG1    1 
ATOM 480  N N      . THR B 1 4  ? 9.395   1.282   -8.353  1.00 0.88 ? 49 THR B N      1 
ATOM 481  C CA     . THR B 1 4  ? 9.827   0.033   -8.952  1.00 0.96 ? 49 THR B CA     1 
ATOM 482  C C      . THR B 1 4  ? 8.880   -1.096  -8.544  1.00 0.91 ? 49 THR B C      1 
ATOM 483  O O      . THR B 1 4  ? 8.158   -0.982  -7.554  1.00 0.83 ? 49 THR B O      1 
ATOM 484  C CB     . THR B 1 4  ? 11.271  -0.307  -8.534  1.00 1.00 ? 49 THR B CB     1 
ATOM 485  O OG1    . THR B 1 4  ? 12.018  0.912   -8.421  1.00 1.18 ? 49 THR B OG1    1 
ATOM 486  C CG2    . THR B 1 4  ? 11.934  -1.191  -9.580  1.00 1.29 ? 49 THR B CG2    1 
ATOM 487  H H      . THR B 1 4  ? 9.734   1.523   -7.461  1.00 0.86 ? 49 THR B H      1 
ATOM 488  H HG1    . THR B 1 4  ? 12.466  0.941   -7.567  1.00 1.51 ? 49 THR B HG1    1 
ATOM 489  N N      . THR B 1 5  ? 8.874   -2.173  -9.313  1.00 1.06 ? 50 THR B N      1 
ATOM 490  C CA     . THR B 1 5  ? 8.002   -3.303  -9.034  1.00 1.06 ? 50 THR B CA     1 
ATOM 491  C C      . THR B 1 5  ? 8.538   -4.125  -7.862  1.00 0.96 ? 50 THR B C      1 
ATOM 492  O O      . THR B 1 5  ? 9.598   -4.739  -7.959  1.00 0.94 ? 50 THR B O      1 
ATOM 493  C CB     . THR B 1 5  ? 7.880   -4.202  -10.280 1.00 1.28 ? 50 THR B CB     1 
ATOM 494  O OG1    . THR B 1 5  ? 7.750   -3.375  -11.457 1.00 1.59 ? 50 THR B OG1    1 
ATOM 495  C CG2    . THR B 1 5  ? 6.669   -5.115  -10.168 1.00 1.48 ? 50 THR B CG2    1 
ATOM 496  H H      . THR B 1 5  ? 9.486   -2.219  -10.076 1.00 1.22 ? 50 THR B H      1 
ATOM 497  H HG1    . THR B 1 5  ? 8.517   -3.519  -12.026 1.00 1.68 ? 50 THR B HG1    1 
ATOM 498  N N      . LEU B 1 6  ? 7.797   -4.132  -6.760  1.00 1.02 ? 51 LEU B N      1 
ATOM 499  C CA     . LEU B 1 6  ? 8.198   -4.866  -5.569  1.00 1.01 ? 51 LEU B CA     1 
ATOM 500  C C      . LEU B 1 6  ? 7.220   -5.999  -5.263  1.00 1.04 ? 51 LEU B C      1 
ATOM 501  O O      . LEU B 1 6  ? 6.058   -5.960  -5.677  1.00 1.04 ? 51 LEU B O      1 
ATOM 502  C CB     . LEU B 1 6  ? 8.328   -3.926  -4.367  1.00 1.02 ? 51 LEU B CB     1 
ATOM 503  C CG     . LEU B 1 6  ? 9.347   -2.789  -4.506  1.00 1.03 ? 51 LEU B CG     1 
ATOM 504  C CD1    . LEU B 1 6  ? 9.440   -1.986  -3.220  1.00 1.08 ? 51 LEU B CD1    1 
ATOM 505  C CD2    . LEU B 1 6  ? 10.713  -3.322  -4.906  1.00 1.04 ? 51 LEU B CD2    1 
ATOM 506  H H      . LEU B 1 6  ? 6.950   -3.629  -6.745  1.00 1.14 ? 51 LEU B H      1 
ATOM 507  N N      . GLY B 1 7  ? 7.696   -7.000  -4.532  1.00 1.11 ? 52 GLY B N      1 
ATOM 508  C CA     . GLY B 1 7  ? 6.870   -8.148  -4.195  1.00 1.17 ? 52 GLY B CA     1 
ATOM 509  C C      . GLY B 1 7  ? 5.979   -7.916  -2.989  1.00 1.15 ? 52 GLY B C      1 
ATOM 510  O O      . GLY B 1 7  ? 6.156   -8.550  -1.942  1.00 1.42 ? 52 GLY B O      1 
ATOM 511  H H      . GLY B 1 7  ? 8.620   -6.954  -4.207  1.00 1.16 ? 52 GLY B H      1 
ATOM 512  N N      . VAL B 1 8  ? 5.015   -7.024  -3.142  1.00 0.88 ? 53 VAL B N      1 
ATOM 513  C CA     . VAL B 1 8  ? 4.080   -6.700  -2.073  1.00 0.85 ? 53 VAL B CA     1 
ATOM 514  C C      . VAL B 1 8  ? 2.955   -7.731  -2.029  1.00 0.79 ? 53 VAL B C      1 
ATOM 515  O O      . VAL B 1 8  ? 2.447   -8.150  -3.068  1.00 0.78 ? 53 VAL B O      1 
ATOM 516  C CB     . VAL B 1 8  ? 3.485   -5.288  -2.270  1.00 0.78 ? 53 VAL B CB     1 
ATOM 517  C CG1    . VAL B 1 8  ? 2.451   -4.965  -1.197  1.00 0.81 ? 53 VAL B CG1    1 
ATOM 518  C CG2    . VAL B 1 8  ? 4.592   -4.246  -2.280  1.00 0.89 ? 53 VAL B CG2    1 
ATOM 519  H H      . VAL B 1 8  ? 4.923   -6.570  -4.009  1.00 0.78 ? 53 VAL B H      1 
ATOM 520  N N      . LYS B 1 9  ? 2.582   -8.153  -0.831  1.00 0.87 ? 54 LYS B N      1 
ATOM 521  C CA     . LYS B 1 9  ? 1.524   -9.139  -0.671  1.00 0.86 ? 54 LYS B CA     1 
ATOM 522  C C      . LYS B 1 9  ? 0.178   -8.472  -0.433  1.00 0.75 ? 54 LYS B C      1 
ATOM 523  O O      . LYS B 1 9  ? 0.023   -7.677  0.492   1.00 0.80 ? 54 LYS B O      1 
ATOM 524  C CB     . LYS B 1 9  ? 1.843   -10.115 0.467   1.00 1.11 ? 54 LYS B CB     1 
ATOM 525  C CG     . LYS B 1 9  ? 2.967   -11.091 0.163   1.00 1.31 ? 54 LYS B CG     1 
ATOM 526  C CD     . LYS B 1 9  ? 4.260   -10.689 0.853   1.00 1.74 ? 54 LYS B CD     1 
ATOM 527  C CE     . LYS B 1 9  ? 5.348   -11.729 0.638   1.00 2.04 ? 54 LYS B CE     1 
ATOM 528  N NZ     . LYS B 1 9  ? 5.734   -11.845 -0.794  1.00 2.72 ? 54 LYS B NZ     1 
ATOM 529  H H      . LYS B 1 9  ? 3.010   -7.776  -0.036  1.00 0.98 ? 54 LYS B H      1 
ATOM 530  H HZ1    . LYS B 1 9  ? 6.584   -12.436 -0.891  1.00 2.77 ? 54 LYS B HZ1    1 
ATOM 531  H HZ2    . LYS B 1 9  ? 5.931   -10.904 -1.191  1.00 3.34 ? 54 LYS B HZ2    1 
ATOM 532  H HZ3    . LYS B 1 9  ? 4.959   -12.284 -1.342  1.00 3.03 ? 54 LYS B HZ3    1 
ATOM 533  N N      . LEU B 1 10 ? -0.792  -8.808  -1.270  1.00 0.72 ? 55 LEU B N      1 
ATOM 534  C CA     . LEU B 1 10 ? -2.134  -8.254  -1.161  1.00 0.74 ? 55 LEU B CA     1 
ATOM 535  C C      . LEU B 1 10 ? -3.172  -9.365  -1.187  1.00 0.74 ? 55 LEU B C      1 
ATOM 536  O O      . LEU B 1 10 ? -2.947  -10.417 -1.787  1.00 0.85 ? 55 LEU B O      1 
ATOM 537  C CB     . LEU B 1 10 ? -2.414  -7.251  -2.284  1.00 0.78 ? 55 LEU B CB     1 
ATOM 538  C CG     . LEU B 1 10 ? -1.643  -5.934  -2.228  1.00 1.03 ? 55 LEU B CG     1 
ATOM 539  C CD1    . LEU B 1 10 ? -1.939  -5.089  -3.457  1.00 1.16 ? 55 LEU B CD1    1 
ATOM 540  C CD2    . LEU B 1 10 ? -2.002  -5.175  -0.967  1.00 1.79 ? 55 LEU B CD2    1 
ATOM 541  H H      . LEU B 1 10 ? -0.604  -9.463  -1.982  1.00 0.75 ? 55 LEU B H      1 
ATOM 542  N N      . ASP B 1 11 ? -4.293  -9.129  -0.522  1.00 0.76 ? 56 ASP B N      1 
ATOM 543  C CA     . ASP B 1 11 ? -5.371  -10.108 -0.458  1.00 0.81 ? 56 ASP B CA     1 
ATOM 544  C C      . ASP B 1 11 ? -6.290  -9.960  -1.670  1.00 0.72 ? 56 ASP B C      1 
ATOM 545  O O      . ASP B 1 11 ? -6.311  -8.905  -2.314  1.00 0.62 ? 56 ASP B O      1 
ATOM 546  C CB     . ASP B 1 11 ? -6.168  -9.929  0.839   1.00 0.87 ? 56 ASP B CB     1 
ATOM 547  C CG     . ASP B 1 11 ? -6.671  -11.239 1.419   1.00 1.21 ? 56 ASP B CG     1 
ATOM 548  O OD1    . ASP B 1 11 ? -7.252  -12.044 0.668   1.00 1.71 ? 56 ASP B OD1    1 
ATOM 549  O OD2    . ASP B 1 11 ? -6.483  -11.466 2.637   1.00 1.58 ? 56 ASP B OD2    1 
ATOM 550  H H      . ASP B 1 11 ? -4.405  -8.272  -0.067  1.00 0.83 ? 56 ASP B H      1 
ATOM 551  N N      . ASP B 1 12 ? -7.050  -11.007 -1.965  1.00 0.83 ? 57 ASP B N      1 
ATOM 552  C CA     . ASP B 1 12 ? -7.962  -11.017 -3.114  1.00 0.82 ? 57 ASP B CA     1 
ATOM 553  C C      . ASP B 1 12 ? -9.071  -9.956  -3.015  1.00 0.69 ? 57 ASP B C      1 
ATOM 554  O O      . ASP B 1 12 ? -9.195  -9.109  -3.898  1.00 0.65 ? 57 ASP B O      1 
ATOM 555  C CB     . ASP B 1 12 ? -8.538  -12.418 -3.363  1.00 1.00 ? 57 ASP B CB     1 
ATOM 556  C CG     . ASP B 1 12 ? -9.231  -12.551 -4.708  1.00 1.77 ? 57 ASP B CG     1 
ATOM 557  O OD1    . ASP B 1 12 ? -8.604  -12.229 -5.739  1.00 2.56 ? 57 ASP B OD1    1 
ATOM 558  O OD2    . ASP B 1 12 ? -10.396 -13.004 -4.733  1.00 2.34 ? 57 ASP B OD2    1 
ATOM 559  H H      . ASP B 1 12 ? -7.014  -11.797 -1.377  1.00 0.97 ? 57 ASP B H      1 
ATOM 560  N N      . PRO B 1 13 ? -9.884  -9.951  -1.932  1.00 0.69 ? 58 PRO B N      1 
ATOM 561  C CA     . PRO B 1 13 ? -10.965 -8.967  -1.771  1.00 0.63 ? 58 PRO B CA     1 
ATOM 562  C C      . PRO B 1 13 ? -10.421 -7.546  -1.629  1.00 0.55 ? 58 PRO B C      1 
ATOM 563  O O      . PRO B 1 13 ? -11.077 -6.570  -2.002  1.00 0.55 ? 58 PRO B O      1 
ATOM 564  C CB     . PRO B 1 13 ? -11.662 -9.398  -0.475  1.00 0.69 ? 58 PRO B CB     1 
ATOM 565  C CG     . PRO B 1 13 ? -10.639 -10.195 0.258   1.00 0.90 ? 58 PRO B CG     1 
ATOM 566  C CD     . PRO B 1 13 ? -9.832  -10.893 -0.797  1.00 0.80 ? 58 PRO B CD     1 
ATOM 567  N N      . THR B 1 14 ? -9.215  -7.436  -1.091  1.00 0.58 ? 59 THR B N      1 
ATOM 568  C CA     . THR B 1 14 ? -8.572  -6.148  -0.905  1.00 0.58 ? 59 THR B CA     1 
ATOM 569  C C      . THR B 1 14 ? -8.194  -5.573  -2.271  1.00 0.52 ? 59 THR B C      1 
ATOM 570  O O      . THR B 1 14 ? -8.187  -4.358  -2.471  1.00 0.47 ? 59 THR B O      1 
ATOM 571  C CB     . THR B 1 14 ? -7.322  -6.294  -0.017  1.00 0.75 ? 59 THR B CB     1 
ATOM 572  O OG1    . THR B 1 14 ? -7.683  -7.029  1.161   1.00 0.86 ? 59 THR B OG1    1 
ATOM 573  C CG2    . THR B 1 14 ? -6.795  -4.930  0.402   1.00 1.05 ? 59 THR B CG2    1 
ATOM 574  H H      . THR B 1 14 ? -8.737  -8.252  -0.820  1.00 0.65 ? 59 THR B H      1 
ATOM 575  H HG1    . THR B 1 14 ? -8.585  -6.810  1.411   1.00 1.14 ? 59 THR B HG1    1 
ATOM 576  N N      . ARG B 1 15 ? -7.895  -6.472  -3.205  1.00 0.58 ? 60 ARG B N      1 
ATOM 577  C CA     . ARG B 1 15 ? -7.537  -6.095  -4.565  1.00 0.64 ? 60 ARG B CA     1 
ATOM 578  C C      . ARG B 1 15 ? -8.683  -5.352  -5.237  1.00 0.59 ? 60 ARG B C      1 
ATOM 579  O O      . ARG B 1 15 ? -8.508  -4.247  -5.751  1.00 0.63 ? 60 ARG B O      1 
ATOM 580  C CB     . ARG B 1 15 ? -7.255  -7.355  -5.378  1.00 0.83 ? 60 ARG B CB     1 
ATOM 581  C CG     . ARG B 1 15 ? -5.794  -7.667  -5.579  1.00 1.24 ? 60 ARG B CG     1 
ATOM 582  C CD     . ARG B 1 15 ? -5.452  -7.591  -7.051  1.00 2.11 ? 60 ARG B CD     1 
ATOM 583  N NE     . ARG B 1 15 ? -5.169  -6.224  -7.484  1.00 2.30 ? 60 ARG B NE     1 
ATOM 584  C CZ     . ARG B 1 15 ? -5.705  -5.654  -8.560  1.00 3.04 ? 60 ARG B CZ     1 
ATOM 585  N NH1    . ARG B 1 15 ? -6.633  -6.292  -9.268  1.00 3.77 ? 60 ARG B NH1    1 
ATOM 586  N NH2    . ARG B 1 15 ? -5.313  -4.440  -8.919  1.00 3.32 ? 60 ARG B NH2    1 
ATOM 587  H H      . ARG B 1 15 ? -7.917  -7.428  -2.969  1.00 0.64 ? 60 ARG B H      1 
ATOM 588  H HE     . ARG B 1 15 ? -4.510  -5.722  -6.963  1.00 2.19 ? 60 ARG B HE     1 
ATOM 589  H HH11   . ARG B 1 15 ? -6.934  -7.209  -8.992  1.00 3.75 ? 60 ARG B HH11   1 
ATOM 590  H HH12   . ARG B 1 15 ? -7.013  -5.872  -10.090 1.00 4.47 ? 60 ARG B HH12   1 
ATOM 591  H HH21   . ARG B 1 15 ? -4.623  -3.956  -8.379  1.00 3.10 ? 60 ARG B HH21   1 
ATOM 592  H HH22   . ARG B 1 15 ? -5.685  -4.006  -9.751  1.00 3.94 ? 60 ARG B HH22   1 
ATOM 593  N N      . GLU B 1 16 ? -9.857  -5.974  -5.222  1.00 0.59 ? 61 GLU B N      1 
ATOM 594  C CA     . GLU B 1 16 ? -11.046 -5.391  -5.826  1.00 0.66 ? 61 GLU B CA     1 
ATOM 595  C C      . GLU B 1 16 ? -11.403 -4.061  -5.171  1.00 0.58 ? 61 GLU B C      1 
ATOM 596  O O      . GLU B 1 16 ? -11.789 -3.108  -5.847  1.00 0.64 ? 61 GLU B O      1 
ATOM 597  C CB     . GLU B 1 16 ? -12.223 -6.371  -5.795  1.00 0.80 ? 61 GLU B CB     1 
ATOM 598  C CG     . GLU B 1 16 ? -12.046 -7.562  -6.731  1.00 1.30 ? 61 GLU B CG     1 
ATOM 599  C CD     . GLU B 1 16 ? -13.239 -8.499  -6.737  1.00 1.81 ? 61 GLU B CD     1 
ATOM 600  O OE1    . GLU B 1 16 ? -13.687 -8.900  -5.643  1.00 1.93 ? 61 GLU B OE1    1 
ATOM 601  O OE2    . GLU B 1 16 ? -13.732 -8.827  -7.839  1.00 2.58 ? 61 GLU B OE2    1 
ATOM 602  H H      . GLU B 1 16 ? -9.920  -6.859  -4.799  1.00 0.61 ? 61 GLU B H      1 
ATOM 603  N N      . ARG B 1 17 ? -11.244 -4.000  -3.852  1.00 0.49 ? 62 ARG B N      1 
ATOM 604  C CA     . ARG B 1 17 ? -11.536 -2.786  -3.098  1.00 0.51 ? 62 ARG B CA     1 
ATOM 605  C C      . ARG B 1 17 ? -10.652 -1.633  -3.575  1.00 0.46 ? 62 ARG B C      1 
ATOM 606  O O      . ARG B 1 17 ? -11.110 -0.493  -3.679  1.00 0.49 ? 62 ARG B O      1 
ATOM 607  C CB     . ARG B 1 17 ? -11.325 -3.023  -1.599  1.00 0.55 ? 62 ARG B CB     1 
ATOM 608  C CG     . ARG B 1 17 ? -12.394 -2.393  -0.717  1.00 0.71 ? 62 ARG B CG     1 
ATOM 609  C CD     . ARG B 1 17 ? -12.188 -0.895  -0.560  1.00 0.84 ? 62 ARG B CD     1 
ATOM 610  N NE     . ARG B 1 17 ? -13.399 -0.232  -0.076  1.00 1.04 ? 62 ARG B NE     1 
ATOM 611  C CZ     . ARG B 1 17 ? -13.429 0.646   0.930   1.00 0.89 ? 62 ARG B CZ     1 
ATOM 612  N NH1    . ARG B 1 17 ? -12.327 0.945   1.605   1.00 0.72 ? 62 ARG B NH1    1 
ATOM 613  N NH2    . ARG B 1 17 ? -14.572 1.222   1.275   1.00 1.48 ? 62 ARG B NH2    1 
ATOM 614  H H      . ARG B 1 17 ? -10.937 -4.800  -3.373  1.00 0.48 ? 62 ARG B H      1 
ATOM 615  H HE     . ARG B 1 17 ? -14.239 -0.443  -0.539  1.00 1.59 ? 62 ARG B HE     1 
ATOM 616  H HH11   . ARG B 1 17 ? -11.458 0.517   1.372   1.00 1.10 ? 62 ARG B HH11   1 
ATOM 617  H HH12   . ARG B 1 17 ? -12.372 1.620   2.358   1.00 0.79 ? 62 ARG B HH12   1 
ATOM 618  H HH21   . ARG B 1 17 ? -15.419 1.006   0.793   1.00 2.11 ? 62 ARG B HH21   1 
ATOM 619  H HH22   . ARG B 1 17 ? -14.583 1.903   2.033   1.00 1.40 ? 62 ARG B HH22   1 
ATOM 620  N N      . LEU B 1 18 ? -9.396  -1.938  -3.858  1.00 0.43 ? 63 LEU B N      1 
ATOM 621  C CA     . LEU B 1 18 ? -8.443  -0.939  -4.326  1.00 0.44 ? 63 LEU B CA     1 
ATOM 622  C C      . LEU B 1 18 ? -8.842  -0.441  -5.719  1.00 0.48 ? 63 LEU B C      1 
ATOM 623  O O      . LEU B 1 18 ? -8.759  0.750   -6.015  1.00 0.52 ? 63 LEU B O      1 
ATOM 624  C CB     . LEU B 1 18 ? -7.028  -1.519  -4.338  1.00 0.50 ? 63 LEU B CB     1 
ATOM 625  C CG     . LEU B 1 18 ? -5.879  -0.510  -4.391  1.00 0.48 ? 63 LEU B CG     1 
ATOM 626  C CD1    . LEU B 1 18 ? -5.844  0.313   -3.110  1.00 0.82 ? 63 LEU B CD1    1 
ATOM 627  C CD2    . LEU B 1 18 ? -4.553  -1.219  -4.606  1.00 0.55 ? 63 LEU B CD2    1 
ATOM 628  H H      . LEU B 1 18 ? -9.092  -2.867  -3.747  1.00 0.43 ? 63 LEU B H      1 
ATOM 629  N N      . LYS B 1 19 ? -9.286  -1.372  -6.563  1.00 0.53 ? 64 LYS B N      1 
ATOM 630  C CA     . LYS B 1 19 ? -9.708  -1.037  -7.921  1.00 0.63 ? 64 LYS B CA     1 
ATOM 631  C C      . LYS B 1 19 ? -10.971 -0.171  -7.887  1.00 0.69 ? 64 LYS B C      1 
ATOM 632  O O      . LYS B 1 19 ? -11.115 0.771   -8.670  1.00 0.78 ? 64 LYS B O      1 
ATOM 633  C CB     . LYS B 1 19 ? -9.928  -2.318  -8.745  1.00 0.76 ? 64 LYS B CB     1 
ATOM 634  C CG     . LYS B 1 19 ? -10.134 -2.091  -10.239 1.00 0.95 ? 64 LYS B CG     1 
ATOM 635  C CD     . LYS B 1 19 ? -10.275 -3.412  -10.986 1.00 1.34 ? 64 LYS B CD     1 
ATOM 636  C CE     . LYS B 1 19 ? -10.382 -3.196  -12.491 1.00 1.55 ? 64 LYS B CE     1 
ATOM 637  N NZ     . LYS B 1 19 ? -10.462 -4.482  -13.241 1.00 2.36 ? 64 LYS B NZ     1 
ATOM 638  H H      . LYS B 1 19 ? -9.342  -2.300  -6.257  1.00 0.53 ? 64 LYS B H      1 
ATOM 639  H HZ1    . LYS B 1 19 ? -11.051 -4.361  -14.098 1.00 2.90 ? 64 LYS B HZ1    1 
ATOM 640  H HZ2    . LYS B 1 19 ? -10.887 -5.221  -12.649 1.00 2.75 ? 64 LYS B HZ2    1 
ATOM 641  H HZ3    . LYS B 1 19 ? -9.512  -4.791  -13.536 1.00 2.63 ? 64 LYS B HZ3    1 
ATOM 642  N N      . ALA B 1 20 ? -11.879 -0.499  -6.971  1.00 0.68 ? 65 ALA B N      1 
ATOM 643  C CA     . ALA B 1 20 ? -13.121 0.251   -6.802  1.00 0.80 ? 65 ALA B CA     1 
ATOM 644  C C      . ALA B 1 20 ? -12.823 1.677   -6.340  1.00 0.76 ? 65 ALA B C      1 
ATOM 645  O O      . ALA B 1 20 ? -13.469 2.636   -6.772  1.00 0.87 ? 65 ALA B O      1 
ATOM 646  C CB     . ALA B 1 20 ? -14.037 -0.453  -5.812  1.00 0.87 ? 65 ALA B CB     1 
ATOM 647  H H      . ALA B 1 20 ? -11.711 -1.280  -6.397  1.00 0.63 ? 65 ALA B H      1 
ATOM 648  N N      . ALA B 1 21 ? -11.841 1.804   -5.451  1.00 0.64 ? 66 ALA B N      1 
ATOM 649  C CA     . ALA B 1 21 ? -11.430 3.105   -4.934  1.00 0.65 ? 66 ALA B CA     1 
ATOM 650  C C      . ALA B 1 21 ? -10.891 3.976   -6.063  1.00 0.62 ? 66 ALA B C      1 
ATOM 651  O O      . ALA B 1 21 ? -11.108 5.190   -6.086  1.00 0.65 ? 66 ALA B O      1 
ATOM 652  C CB     . ALA B 1 21 ? -10.383 2.938   -3.845  1.00 0.61 ? 66 ALA B CB     1 
ATOM 653  H H      . ALA B 1 21 ? -11.380 0.998   -5.132  1.00 0.58 ? 66 ALA B H      1 
ATOM 654  N N      . ALA B 1 22 ? -10.203 3.339   -7.006  1.00 0.57 ? 67 ALA B N      1 
ATOM 655  C CA     . ALA B 1 22 ? -9.632  4.029   -8.155  1.00 0.58 ? 67 ALA B CA     1 
ATOM 656  C C      . ALA B 1 22 ? -10.720 4.716   -8.968  1.00 0.65 ? 67 ALA B C      1 
ATOM 657  O O      . ALA B 1 22 ? -10.542 5.833   -9.449  1.00 0.64 ? 67 ALA B O      1 
ATOM 658  C CB     . ALA B 1 22 ? -8.864  3.047   -9.025  1.00 0.58 ? 67 ALA B CB     1 
ATOM 659  H H      . ALA B 1 22 ? -10.069 2.369   -6.919  1.00 0.56 ? 67 ALA B H      1 
ATOM 660  N N      . GLN B 1 23 ? -11.850 4.038   -9.116  1.00 0.75 ? 68 GLN B N      1 
ATOM 661  C CA     . GLN B 1 23 ? -12.979 4.579   -9.862  1.00 0.84 ? 68 GLN B CA     1 
ATOM 662  C C      . GLN B 1 23 ? -13.551 5.796   -9.144  1.00 0.85 ? 68 GLN B C      1 
ATOM 663  O O      . GLN B 1 23 ? -13.935 6.781   -9.769  1.00 0.87 ? 68 GLN B O      1 
ATOM 664  C CB     . GLN B 1 23 ? -14.048 3.504   -10.040 1.00 0.94 ? 68 GLN B CB     1 
ATOM 665  C CG     . GLN B 1 23 ? -13.587 2.315   -10.869 1.00 0.97 ? 68 GLN B CG     1 
ATOM 666  C CD     . GLN B 1 23 ? -13.249 2.693   -12.299 1.00 1.19 ? 68 GLN B CD     1 
ATOM 667  O OE1    . GLN B 1 23 ? -14.111 2.678   -13.172 1.00 1.53 ? 68 GLN B OE1    1 
ATOM 668  N NE2    . GLN B 1 23 ? -11.993 3.039   -12.546 1.00 1.49 ? 68 GLN B NE2    1 
ATOM 669  H H      . GLN B 1 23 ? -11.932 3.153   -8.700  1.00 0.78 ? 68 GLN B H      1 
ATOM 670  H HE21   . GLN B 1 23 ? -11.354 3.034   -11.803 1.00 1.61 ? 68 GLN B HE21   1 
ATOM 671  H HE22   . GLN B 1 23 ? -11.757 3.294   -13.464 1.00 1.82 ? 68 GLN B HE22   1 
ATOM 672  N N      . SER B 1 24 ? -13.611 5.705   -7.822  1.00 0.86 ? 69 SER B N      1 
ATOM 673  C CA     . SER B 1 24 ? -14.124 6.787   -6.991  1.00 0.91 ? 69 SER B CA     1 
ATOM 674  C C      . SER B 1 24 ? -13.274 8.060   -7.115  1.00 0.86 ? 69 SER B C      1 
ATOM 675  O O      . SER B 1 24 ? -13.807 9.169   -7.146  1.00 0.93 ? 69 SER B O      1 
ATOM 676  C CB     . SER B 1 24 ? -14.192 6.329   -5.532  1.00 0.97 ? 69 SER B CB     1 
ATOM 677  O OG     . SER B 1 24 ? -15.054 5.209   -5.399  1.00 1.11 ? 69 SER B OG     1 
ATOM 678  H H      . SER B 1 24 ? -13.304 4.880   -7.391  1.00 0.86 ? 69 SER B H      1 
ATOM 679  H HG     . SER B 1 24 ? -14.602 4.417   -5.706  1.00 1.54 ? 69 SER B HG     1 
ATOM 680  N N      . ILE B 1 25 ? -11.957 7.890   -7.183  1.00 0.81 ? 70 ILE B N      1 
ATOM 681  C CA     . ILE B 1 25 ? -11.034 9.024   -7.288  1.00 0.82 ? 70 ILE B CA     1 
ATOM 682  C C      . ILE B 1 25 ? -10.763 9.413   -8.751  1.00 0.81 ? 70 ILE B C      1 
ATOM 683  O O      . ILE B 1 25 ? -9.995  10.339  -9.027  1.00 0.89 ? 70 ILE B O      1 
ATOM 684  C CB     . ILE B 1 25 ? -9.704  8.743   -6.537  1.00 0.82 ? 70 ILE B CB     1 
ATOM 685  C CG1    . ILE B 1 25 ? -8.868  10.022  -6.381  1.00 0.96 ? 70 ILE B CG1    1 
ATOM 686  C CG2    . ILE B 1 25 ? -8.904  7.648   -7.230  1.00 0.70 ? 70 ILE B CG2    1 
ATOM 687  C CD1    . ILE B 1 25 ? -7.666  9.868   -5.473  1.00 1.35 ? 70 ILE B CD1    1 
ATOM 688  H H      . ILE B 1 25 ? -11.591 6.978   -7.159  1.00 0.79 ? 70 ILE B H      1 
ATOM 689  N N      . ASP B 1 26 ? -11.410 8.707   -9.678  1.00 0.77 ? 71 ASP B N      1 
ATOM 690  C CA     . ASP B 1 26 ? -11.247 8.958   -11.115 1.00 0.80 ? 71 ASP B CA     1 
ATOM 691  C C      . ASP B 1 26 ? -9.793  8.772   -11.557 1.00 0.78 ? 71 ASP B C      1 
ATOM 692  O O      . ASP B 1 26 ? -9.172  9.662   -12.143 1.00 0.89 ? 71 ASP B O      1 
ATOM 693  C CB     . ASP B 1 26 ? -11.782 10.342  -11.516 1.00 0.93 ? 71 ASP B CB     1 
ATOM 694  C CG     . ASP B 1 26 ? -11.957 10.501  -13.020 1.00 1.15 ? 71 ASP B CG     1 
ATOM 695  O OD1    . ASP B 1 26 ? -12.749 9.735   -13.613 1.00 1.50 ? 71 ASP B OD1    1 
ATOM 696  O OD2    . ASP B 1 26 ? -11.315 11.403  -13.605 1.00 1.60 ? 71 ASP B OD2    1 
ATOM 697  H H      . ASP B 1 26 ? -12.019 7.995   -9.390  1.00 0.76 ? 71 ASP B H      1 
ATOM 698  N N      . ARG B 1 27 ? -9.239  7.612   -11.225 1.00 0.69 ? 72 ARG B N      1 
ATOM 699  C CA     . ARG B 1 27 ? -7.868  7.281   -11.585 1.00 0.69 ? 72 ARG B CA     1 
ATOM 700  C C      . ARG B 1 27 ? -7.769  5.827   -12.021 1.00 0.62 ? 72 ARG B C      1 
ATOM 701  O O      . ARG B 1 27 ? -8.575  4.994   -11.608 1.00 0.62 ? 72 ARG B O      1 
ATOM 702  C CB     . ARG B 1 27 ? -6.912  7.529   -10.410 1.00 0.71 ? 72 ARG B CB     1 
ATOM 703  C CG     . ARG B 1 27 ? -6.775  8.986   -9.993  1.00 0.90 ? 72 ARG B CG     1 
ATOM 704  C CD     . ARG B 1 27 ? -6.032  9.796   -11.044 1.00 0.83 ? 72 ARG B CD     1 
ATOM 705  N NE     . ARG B 1 27 ? -5.769  11.165  -10.601 1.00 0.99 ? 72 ARG B NE     1 
ATOM 706  C CZ     . ARG B 1 27 ? -6.619  12.184  -10.774 1.00 1.09 ? 72 ARG B CZ     1 
ATOM 707  N NH1    . ARG B 1 27 ? -7.793  11.986  -11.364 1.00 1.46 ? 72 ARG B NH1    1 
ATOM 708  N NH2    . ARG B 1 27 ? -6.295  13.401  -10.349 1.00 1.50 ? 72 ARG B NH2    1 
ATOM 709  H H      . ARG B 1 27 ? -9.776  6.954   -10.727 1.00 0.67 ? 72 ARG B H      1 
ATOM 710  H HE     . ARG B 1 27 ? -4.911  11.336  -10.158 1.00 1.50 ? 72 ARG B HE     1 
ATOM 711  H HH11   . ARG B 1 27 ? -8.055  11.065  -11.687 1.00 1.63 ? 72 ARG B HH11   1 
ATOM 712  H HH12   . ARG B 1 27 ? -8.431  12.749  -11.495 1.00 1.89 ? 72 ARG B HH12   1 
ATOM 713  H HH21   . ARG B 1 27 ? -5.416  13.566  -9.900  1.00 1.89 ? 72 ARG B HH21   1 
ATOM 714  H HH22   . ARG B 1 27 ? -6.936  14.164  -10.477 1.00 1.70 ? 72 ARG B HH22   1 
ATOM 715  N N      . THR B 1 28 ? -6.787  5.525   -12.861 1.00 0.61 ? 73 THR B N      1 
ATOM 716  C CA     . THR B 1 28 ? -6.583  4.163   -13.328 1.00 0.57 ? 73 THR B CA     1 
ATOM 717  C C      . THR B 1 28 ? -6.070  3.283   -12.187 1.00 0.51 ? 73 THR B C      1 
ATOM 718  O O      . THR B 1 28 ? -5.250  3.726   -11.378 1.00 0.52 ? 73 THR B O      1 
ATOM 719  C CB     . THR B 1 28 ? -5.633  4.087   -14.550 1.00 0.63 ? 73 THR B CB     1 
ATOM 720  O OG1    . THR B 1 28 ? -5.219  2.731   -14.766 1.00 1.38 ? 73 THR B OG1    1 
ATOM 721  C CG2    . THR B 1 28 ? -4.411  4.971   -14.363 1.00 1.33 ? 73 THR B CG2    1 
ATOM 722  H H      . THR B 1 28 ? -6.190  6.233   -13.171 1.00 0.66 ? 73 THR B H      1 
ATOM 723  H HG1    . THR B 1 28 ? -4.600  2.691   -15.513 1.00 1.49 ? 73 THR B HG1    1 
ATOM 724  N N      . PRO B 1 29 ? -6.570  2.037   -12.103 1.00 0.51 ? 74 PRO B N      1 
ATOM 725  C CA     . PRO B 1 29 ? -6.187  1.079   -11.058 1.00 0.49 ? 74 PRO B CA     1 
ATOM 726  C C      . PRO B 1 29 ? -4.673  0.968   -10.858 1.00 0.50 ? 74 PRO B C      1 
ATOM 727  O O      . PRO B 1 29 ? -4.189  0.964   -9.727  1.00 0.49 ? 74 PRO B O      1 
ATOM 728  C CB     . PRO B 1 29 ? -6.753  -0.241  -11.579 1.00 0.54 ? 74 PRO B CB     1 
ATOM 729  C CG     . PRO B 1 29 ? -7.931  0.159   -12.395 1.00 0.64 ? 74 PRO B CG     1 
ATOM 730  C CD     . PRO B 1 29 ? -7.562  1.465   -13.035 1.00 0.59 ? 74 PRO B CD     1 
ATOM 731  N N      . HIS B 1 30 ? -3.932  0.898   -11.959 1.00 0.59 ? 75 HIS B N      1 
ATOM 732  C CA     . HIS B 1 30 ? -2.476  0.783   -11.902 1.00 0.68 ? 75 HIS B CA     1 
ATOM 733  C C      . HIS B 1 30 ? -1.856  1.986   -11.196 1.00 0.67 ? 75 HIS B C      1 
ATOM 734  O O      . HIS B 1 30 ? -0.899  1.850   -10.429 1.00 0.76 ? 75 HIS B O      1 
ATOM 735  C CB     . HIS B 1 30 ? -1.900  0.656   -13.312 1.00 0.85 ? 75 HIS B CB     1 
ATOM 736  C CG     . HIS B 1 30 ? -0.523  0.071   -13.366 1.00 0.98 ? 75 HIS B CG     1 
ATOM 737  N ND1    . HIS B 1 30 ? 0.229   0.023   -14.520 1.00 1.31 ? 75 HIS B ND1    1 
ATOM 738  C CD2    . HIS B 1 30 ? 0.237   -0.499  -12.404 1.00 1.43 ? 75 HIS B CD2    1 
ATOM 739  C CE1    . HIS B 1 30 ? 1.388   -0.551  -14.265 1.00 1.33 ? 75 HIS B CE1    1 
ATOM 740  N NE2    . HIS B 1 30 ? 1.424   -0.882  -12.984 1.00 1.39 ? 75 HIS B NE2    1 
ATOM 741  H H      . HIS B 1 30 ? -4.377  0.921   -12.836 1.00 0.63 ? 75 HIS B H      1 
ATOM 742  H HD1    . HIS B 1 30 ? -0.059  0.346   -15.409 1.00 1.80 ? 75 HIS B HD1    1 
ATOM 743  H HE2    . HIS B 1 30 ? 2.034   -1.544  -12.604 1.00 1.80 ? 75 HIS B HE2    1 
ATOM 744  N N      . TRP B 1 31 ? -2.392  3.160   -11.477 1.00 0.63 ? 76 TRP B N      1 
ATOM 745  C CA     . TRP B 1 31 ? -1.906  4.394   -10.877 1.00 0.68 ? 76 TRP B CA     1 
ATOM 746  C C      . TRP B 1 31 ? -2.311  4.457   -9.411  1.00 0.59 ? 76 TRP B C      1 
ATOM 747  O O      . TRP B 1 31 ? -1.536  4.887   -8.555  1.00 0.62 ? 76 TRP B O      1 
ATOM 748  C CB     . TRP B 1 31 ? -2.463  5.598   -11.633 1.00 0.75 ? 76 TRP B CB     1 
ATOM 749  C CG     . TRP B 1 31 ? -1.602  6.821   -11.562 1.00 1.11 ? 76 TRP B CG     1 
ATOM 750  C CD1    . TRP B 1 31 ? -1.656  7.814   -10.629 1.00 1.44 ? 76 TRP B CD1    1 
ATOM 751  C CD2    . TRP B 1 31 ? -0.560  7.184   -12.474 1.00 1.51 ? 76 TRP B CD2    1 
ATOM 752  N NE1    . TRP B 1 31 ? -0.708  8.770   -10.899 1.00 1.84 ? 76 TRP B NE1    1 
ATOM 753  C CE2    . TRP B 1 31 ? -0.023  8.407   -12.030 1.00 1.89 ? 76 TRP B CE2    1 
ATOM 754  C CE3    . TRP B 1 31 ? -0.028  6.591   -13.623 1.00 1.79 ? 76 TRP B CE3    1 
ATOM 755  C CZ2    . TRP B 1 31 ? 1.020   9.048   -12.693 1.00 2.38 ? 76 TRP B CZ2    1 
ATOM 756  C CZ3    . TRP B 1 31 ? 1.006   7.229   -14.281 1.00 2.34 ? 76 TRP B CZ3    1 
ATOM 757  C CH2    . TRP B 1 31 ? 1.520   8.445   -13.815 1.00 2.58 ? 76 TRP B CH2    1 
ATOM 758  H H      . TRP B 1 31 ? -3.158  3.198   -12.091 1.00 0.63 ? 76 TRP B H      1 
ATOM 759  H HE1    . TRP B 1 31 ? -0.550  9.582   -10.371 1.00 2.16 ? 76 TRP B HE1    1 
ATOM 760  N N      . LEU B 1 32 ? -3.538  4.023   -9.140  1.00 0.52 ? 77 LEU B N      1 
ATOM 761  C CA     . LEU B 1 32 ? -4.093  4.028   -7.792  1.00 0.46 ? 77 LEU B CA     1 
ATOM 762  C C      . LEU B 1 32 ? -3.275  3.168   -6.833  1.00 0.44 ? 77 LEU B C      1 
ATOM 763  O O      . LEU B 1 32 ? -3.173  3.487   -5.651  1.00 0.45 ? 77 LEU B O      1 
ATOM 764  C CB     . LEU B 1 32 ? -5.564  3.598   -7.803  1.00 0.41 ? 77 LEU B CB     1 
ATOM 765  C CG     . LEU B 1 32 ? -6.436  4.062   -6.625  1.00 0.48 ? 77 LEU B CG     1 
ATOM 766  C CD1    . LEU B 1 32 ? -6.350  3.098   -5.453  1.00 0.46 ? 77 LEU B CD1    1 
ATOM 767  C CD2    . LEU B 1 32 ? -6.075  5.477   -6.195  1.00 0.62 ? 77 LEU B CD2    1 
ATOM 768  H H      . LEU B 1 32 ? -4.093  3.684   -9.879  1.00 0.52 ? 77 LEU B H      1 
ATOM 769  N N      . ILE B 1 33 ? -2.684  2.090   -7.336  1.00 0.47 ? 78 ILE B N      1 
ATOM 770  C CA     . ILE B 1 33 ? -1.874  1.211   -6.498  1.00 0.52 ? 78 ILE B CA     1 
ATOM 771  C C      . ILE B 1 33 ? -0.724  2.003   -5.879  1.00 0.57 ? 78 ILE B C      1 
ATOM 772  O O      . ILE B 1 33 ? -0.456  1.910   -4.681  1.00 0.63 ? 78 ILE B O      1 
ATOM 773  C CB     . ILE B 1 33 ? -1.305  0.018   -7.303  1.00 0.61 ? 78 ILE B CB     1 
ATOM 774  C CG1    . ILE B 1 33 ? -2.425  -0.931  -7.739  1.00 1.12 ? 78 ILE B CG1    1 
ATOM 775  C CG2    . ILE B 1 33 ? -0.254  -0.737  -6.501  1.00 1.14 ? 78 ILE B CG2    1 
ATOM 776  C CD1    . ILE B 1 33 ? -1.982  -1.988  -8.728  1.00 1.29 ? 78 ILE B CD1    1 
ATOM 777  H H      . ILE B 1 33 ? -2.804  1.873   -8.288  1.00 0.49 ? 78 ILE B H      1 
ATOM 778  N N      . LYS B 1 34 ? -0.064  2.800   -6.708  1.00 0.59 ? 79 LYS B N      1 
ATOM 779  C CA     . LYS B 1 34 ? 1.053   3.623   -6.263  1.00 0.68 ? 79 LYS B CA     1 
ATOM 780  C C      . LYS B 1 34 ? 0.559   4.744   -5.351  1.00 0.65 ? 79 LYS B C      1 
ATOM 781  O O      . LYS B 1 34 ? 1.196   5.086   -4.356  1.00 0.72 ? 79 LYS B O      1 
ATOM 782  C CB     . LYS B 1 34 ? 1.768   4.235   -7.465  1.00 0.82 ? 79 LYS B CB     1 
ATOM 783  C CG     . LYS B 1 34 ? 2.333   3.224   -8.449  1.00 0.74 ? 79 LYS B CG     1 
ATOM 784  C CD     . LYS B 1 34 ? 3.077   3.917   -9.580  1.00 0.85 ? 79 LYS B CD     1 
ATOM 785  C CE     . LYS B 1 34 ? 2.223   4.992   -10.237 1.00 1.41 ? 79 LYS B CE     1 
ATOM 786  N NZ     . LYS B 1 34 ? 2.825   6.344   -10.071 1.00 1.93 ? 79 LYS B NZ     1 
ATOM 787  H H      . LYS B 1 34 ? -0.341  2.841   -7.646  1.00 0.57 ? 79 LYS B H      1 
ATOM 788  H HZ1    . LYS B 1 34 ? 3.083   6.501   -9.075  1.00 2.17 ? 79 LYS B HZ1    1 
ATOM 789  H HZ2    . LYS B 1 34 ? 2.147   7.078   -10.359 1.00 2.31 ? 79 LYS B HZ2    1 
ATOM 790  H HZ3    . LYS B 1 34 ? 3.680   6.427   -10.656 1.00 2.49 ? 79 LYS B HZ3    1 
ATOM 791  N N      . GLN B 1 35 ? -0.583  5.321   -5.714  1.00 0.62 ? 80 GLN B N      1 
ATOM 792  C CA     . GLN B 1 35 ? -1.168  6.422   -4.960  1.00 0.64 ? 80 GLN B CA     1 
ATOM 793  C C      . GLN B 1 35 ? -1.641  5.987   -3.580  1.00 0.55 ? 80 GLN B C      1 
ATOM 794  O O      . GLN B 1 35 ? -1.496  6.726   -2.616  1.00 0.57 ? 80 GLN B O      1 
ATOM 795  C CB     . GLN B 1 35 ? -2.327  7.065   -5.726  1.00 0.72 ? 80 GLN B CB     1 
ATOM 796  C CG     . GLN B 1 35 ? -1.917  7.791   -6.997  1.00 0.86 ? 80 GLN B CG     1 
ATOM 797  C CD     . GLN B 1 35 ? -0.867  8.860   -6.759  1.00 1.61 ? 80 GLN B CD     1 
ATOM 798  O OE1    . GLN B 1 35 ? 0.326   8.626   -6.946  1.00 2.24 ? 80 GLN B OE1    1 
ATOM 799  N NE2    . GLN B 1 35 ? -1.302  10.041  -6.346  1.00 1.92 ? 80 GLN B NE2    1 
ATOM 800  H H      . GLN B 1 35 ? -1.051  4.985   -6.507  1.00 0.61 ? 80 GLN B H      1 
ATOM 801  H HE21   . GLN B 1 35 ? -2.265  10.161  -6.216  1.00 1.71 ? 80 GLN B HE21   1 
ATOM 802  H HE22   . GLN B 1 35 ? -0.639  10.744  -6.182  1.00 2.55 ? 80 GLN B HE22   1 
ATOM 803  N N      . ALA B 1 36 ? -2.200  4.788   -3.495  1.00 0.49 ? 81 ALA B N      1 
ATOM 804  C CA     . ALA B 1 36 ? -2.718  4.269   -2.236  1.00 0.45 ? 81 ALA B CA     1 
ATOM 805  C C      . ALA B 1 36 ? -1.640  4.211   -1.163  1.00 0.43 ? 81 ALA B C      1 
ATOM 806  O O      . ALA B 1 36 ? -1.839  4.699   -0.050  1.00 0.47 ? 81 ALA B O      1 
ATOM 807  C CB     . ALA B 1 36 ? -3.330  2.896   -2.443  1.00 0.46 ? 81 ALA B CB     1 
ATOM 808  H H      . ALA B 1 36 ? -2.270  4.236   -4.306  1.00 0.51 ? 81 ALA B H      1 
ATOM 809  N N      . ILE B 1 37 ? -0.500  3.634   -1.496  1.00 0.44 ? 82 ILE B N      1 
ATOM 810  C CA     . ILE B 1 37 ? 0.594   3.527   -0.544  1.00 0.50 ? 82 ILE B CA     1 
ATOM 811  C C      . ILE B 1 37 ? 1.227   4.895   -0.258  1.00 0.54 ? 82 ILE B C      1 
ATOM 812  O O      . ILE B 1 37 ? 1.572   5.204   0.883   1.00 0.62 ? 82 ILE B O      1 
ATOM 813  C CB     . ILE B 1 37 ? 1.655   2.486   -0.958  1.00 0.58 ? 82 ILE B CB     1 
ATOM 814  C CG1    . ILE B 1 37 ? 2.646   2.235   0.183   1.00 0.67 ? 82 ILE B CG1    1 
ATOM 815  C CG2    . ILE B 1 37 ? 2.375   2.891   -2.236  1.00 0.61 ? 82 ILE B CG2    1 
ATOM 816  C CD1    . ILE B 1 37 ? 2.049   1.496   1.361   1.00 0.73 ? 82 ILE B CD1    1 
ATOM 817  H H      . ILE B 1 37 ? -0.387  3.274   -2.404  1.00 0.46 ? 82 ILE B H      1 
ATOM 818  N N      . PHE B 1 38 ? 1.363   5.714   -1.298  1.00 0.54 ? 83 PHE B N      1 
ATOM 819  C CA     . PHE B 1 38 ? 1.947   7.040   -1.152  1.00 0.62 ? 83 PHE B CA     1 
ATOM 820  C C      . PHE B 1 38 ? 1.052   7.952   -0.313  1.00 0.61 ? 83 PHE B C      1 
ATOM 821  O O      . PHE B 1 38 ? 1.533   8.684   0.553   1.00 0.65 ? 83 PHE B O      1 
ATOM 822  C CB     . PHE B 1 38 ? 2.216   7.657   -2.531  1.00 0.70 ? 83 PHE B CB     1 
ATOM 823  C CG     . PHE B 1 38 ? 3.022   8.924   -2.492  1.00 0.95 ? 83 PHE B CG     1 
ATOM 824  C CD1    . PHE B 1 38 ? 4.403   8.874   -2.391  1.00 1.22 ? 83 PHE B CD1    1 
ATOM 825  C CD2    . PHE B 1 38 ? 2.402   10.163  -2.551  1.00 1.03 ? 83 PHE B CD2    1 
ATOM 826  C CE1    . PHE B 1 38 ? 5.152   10.034  -2.352  1.00 1.48 ? 83 PHE B CE1    1 
ATOM 827  C CE2    . PHE B 1 38 ? 3.147   11.327  -2.513  1.00 1.31 ? 83 PHE B CE2    1 
ATOM 828  C CZ     . PHE B 1 38 ? 4.523   11.263  -2.412  1.00 1.49 ? 83 PHE B CZ     1 
ATOM 829  H H      . PHE B 1 38 ? 1.068   5.413   -2.185  1.00 0.50 ? 83 PHE B H      1 
ATOM 830  N N      . ASN B 1 39 ? -0.252  7.882   -0.556  1.00 0.56 ? 84 ASN B N      1 
ATOM 831  C CA     . ASN B 1 39 ? -1.219  8.698   0.174   1.00 0.57 ? 84 ASN B CA     1 
ATOM 832  C C      . ASN B 1 39 ? -1.326  8.245   1.620   1.00 0.52 ? 84 ASN B C      1 
ATOM 833  O O      . ASN B 1 39 ? -1.681  9.028   2.501   1.00 0.57 ? 84 ASN B O      1 
ATOM 834  C CB     . ASN B 1 39 ? -2.588  8.689   -0.506  1.00 0.58 ? 84 ASN B CB     1 
ATOM 835  C CG     . ASN B 1 39 ? -3.560  9.677   0.114   1.00 0.59 ? 84 ASN B CG     1 
ATOM 836  O OD1    . ASN B 1 39 ? -4.460  9.299   0.867   1.00 0.61 ? 84 ASN B OD1    1 
ATOM 837  N ND2    . ASN B 1 39 ? -3.382  10.954  -0.185  1.00 0.71 ? 84 ASN B ND2    1 
ATOM 838  H H      . ASN B 1 39 ? -0.579  7.261   -1.247  1.00 0.53 ? 84 ASN B H      1 
ATOM 839  H HD21   . ASN B 1 39 ? -2.636  11.195  -0.783  1.00 0.79 ? 84 ASN B HD21   1 
ATOM 840  H HD22   . ASN B 1 39 ? -3.988  11.614  0.205   1.00 0.76 ? 84 ASN B HD22   1 
ATOM 841  N N      . TYR B 1 40 ? -1.030  6.976   1.861   1.00 0.47 ? 85 TYR B N      1 
ATOM 842  C CA     . TYR B 1 40 ? -1.060  6.427   3.207   1.00 0.46 ? 85 TYR B CA     1 
ATOM 843  C C      . TYR B 1 40 ? -0.084  7.202   4.079   1.00 0.52 ? 85 TYR B C      1 
ATOM 844  O O      . TYR B 1 40 ? -0.405  7.619   5.188   1.00 0.58 ? 85 TYR B O      1 
ATOM 845  C CB     . TYR B 1 40 ? -0.695  4.941   3.189   1.00 0.45 ? 85 TYR B CB     1 
ATOM 846  C CG     . TYR B 1 40 ? -0.596  4.308   4.559   1.00 0.49 ? 85 TYR B CG     1 
ATOM 847  C CD1    . TYR B 1 40 ? -1.724  4.141   5.351   1.00 0.59 ? 85 TYR B CD1    1 
ATOM 848  C CD2    . TYR B 1 40 ? 0.625   3.877   5.060   1.00 0.53 ? 85 TYR B CD2    1 
ATOM 849  C CE1    . TYR B 1 40 ? -1.639  3.564   6.602   1.00 0.68 ? 85 TYR B CE1    1 
ATOM 850  C CE2    . TYR B 1 40 ? 0.720   3.298   6.311   1.00 0.62 ? 85 TYR B CE2    1 
ATOM 851  C CZ     . TYR B 1 40 ? -0.415  3.144   7.078   1.00 0.67 ? 85 TYR B CZ     1 
ATOM 852  O OH     . TYR B 1 40 ? -0.328  2.569   8.326   1.00 0.80 ? 85 TYR B OH     1 
ATOM 853  H H      . TYR B 1 40 ? -0.782  6.391   1.111   1.00 0.46 ? 85 TYR B H      1 
ATOM 854  H HH     . TYR B 1 40 ? 0.420   2.944   8.800   1.00 0.75 ? 85 TYR B HH     1 
ATOM 855  N N      . LEU B 1 41 ? 1.115   7.398   3.547   1.00 0.56 ? 86 LEU B N      1 
ATOM 856  C CA     . LEU B 1 41 ? 2.144   8.141   4.247   1.00 0.65 ? 86 LEU B CA     1 
ATOM 857  C C      . LEU B 1 41 ? 1.782   9.627   4.314   1.00 0.71 ? 86 LEU B C      1 
ATOM 858  O O      . LEU B 1 41 ? 2.196   10.331  5.226   1.00 0.81 ? 86 LEU B O      1 
ATOM 859  C CB     . LEU B 1 41 ? 3.508   7.922   3.587   1.00 0.72 ? 86 LEU B CB     1 
ATOM 860  C CG     . LEU B 1 41 ? 4.027   6.478   3.610   1.00 0.76 ? 86 LEU B CG     1 
ATOM 861  C CD1    . LEU B 1 41 ? 5.358   6.366   2.882   1.00 0.88 ? 86 LEU B CD1    1 
ATOM 862  C CD2    . LEU B 1 41 ? 4.149   5.967   5.039   1.00 0.78 ? 86 LEU B CD2    1 
ATOM 863  H H      . LEU B 1 41 ? 1.307   7.033   2.657   1.00 0.55 ? 86 LEU B H      1 
ATOM 864  N N      . GLU B 1 42 ? 1.026   10.090  3.317   1.00 0.69 ? 87 GLU B N      1 
ATOM 865  C CA     . GLU B 1 42 ? 0.580   11.483  3.246   1.00 0.79 ? 87 GLU B CA     1 
ATOM 866  C C      . GLU B 1 42 ? -0.470  11.791  4.321   1.00 0.78 ? 87 GLU B C      1 
ATOM 867  O O      . GLU B 1 42 ? -0.471  12.855  4.921   1.00 0.90 ? 87 GLU B O      1 
ATOM 868  C CB     . GLU B 1 42 ? 0.040   11.786  1.845   1.00 0.82 ? 87 GLU B CB     1 
ATOM 869  C CG     . GLU B 1 42 ? -0.242  13.256  1.564   1.00 1.24 ? 87 GLU B CG     1 
ATOM 870  C CD     . GLU B 1 42 ? -0.607  13.506  0.112   1.00 1.36 ? 87 GLU B CD     1 
ATOM 871  O OE1    . GLU B 1 42 ? -1.783  13.294  -0.255  1.00 1.91 ? 87 GLU B OE1    1 
ATOM 872  O OE2    . GLU B 1 42 ? 0.285   13.911  -0.666  1.00 1.66 ? 87 GLU B OE2    1 
ATOM 873  H H      . GLU B 1 42 ? 0.747   9.470   2.610   1.00 0.64 ? 87 GLU B H      1 
ATOM 874  N N      . LYS B 1 43 ? -1.381  10.843  4.534   1.00 0.68 ? 88 LYS B N      1 
ATOM 875  C CA     . LYS B 1 43 ? -2.444  10.994  5.528   1.00 0.70 ? 88 LYS B CA     1 
ATOM 876  C C      . LYS B 1 43 ? -1.933  11.131  6.963   1.00 0.75 ? 88 LYS B C      1 
ATOM 877  O O      . LYS B 1 43 ? -2.495  11.889  7.752   1.00 0.87 ? 88 LYS B O      1 
ATOM 878  C CB     . LYS B 1 43 ? -3.493  9.883   5.413   1.00 0.65 ? 88 LYS B CB     1 
ATOM 879  C CG     . LYS B 1 43 ? -4.509  10.105  4.299   1.00 0.75 ? 88 LYS B CG     1 
ATOM 880  C CD     . LYS B 1 43 ? -5.523  8.970   4.234   1.00 0.67 ? 88 LYS B CD     1 
ATOM 881  C CE     . LYS B 1 43 ? -6.817  9.406   3.557   1.00 0.57 ? 88 LYS B CE     1 
ATOM 882  N NZ     . LYS B 1 43 ? -6.585  10.049  2.233   1.00 0.72 ? 88 LYS B NZ     1 
ATOM 883  H H      . LYS B 1 43 ? -1.346  10.022  3.998   1.00 0.60 ? 88 LYS B H      1 
ATOM 884  H HZ1    . LYS B 1 43 ? -6.218  11.014  2.365   1.00 1.08 ? 88 LYS B HZ1    1 
ATOM 885  H HZ2    . LYS B 1 43 ? -7.475  10.099  1.697   1.00 1.24 ? 88 LYS B HZ2    1 
ATOM 886  H HZ3    . LYS B 1 43 ? -5.889  9.498   1.681   1.00 1.32 ? 88 LYS B HZ3    1 
ATOM 887  N N      . LEU B 1 44 ? -0.898  10.375  7.307   1.00 0.75 ? 89 LEU B N      1 
ATOM 888  C CA     . LEU B 1 44 ? -0.346  10.417  8.659   1.00 0.83 ? 89 LEU B CA     1 
ATOM 889  C C      . LEU B 1 44 ? 0.824   11.394  8.799   1.00 0.86 ? 89 LEU B C      1 
ATOM 890  O O      . LEU B 1 44 ? 1.006   11.988  9.863   1.00 0.95 ? 89 LEU B O      1 
ATOM 891  C CB     . LEU B 1 44 ? 0.048   9.014   9.144   1.00 0.92 ? 89 LEU B CB     1 
ATOM 892  C CG     . LEU B 1 44 ? 0.808   8.126   8.151   1.00 0.94 ? 89 LEU B CG     1 
ATOM 893  C CD1    . LEU B 1 44 ? 2.313   8.277   8.326   1.00 1.17 ? 89 LEU B CD1    1 
ATOM 894  C CD2    . LEU B 1 44 ? 0.394   6.671   8.314   1.00 1.29 ? 89 LEU B CD2    1 
ATOM 895  H H      . LEU B 1 44 ? -0.491  9.789   6.639   1.00 0.77 ? 89 LEU B H      1 
ATOM 896  N N      . GLU B 1 45 ? 1.593   11.552  7.722   1.00 0.89 ? 90 GLU B N      1 
ATOM 897  C CA     . GLU B 1 45 ? 2.763   12.434  7.702   1.00 1.01 ? 90 GLU B CA     1 
ATOM 898  C C      . GLU B 1 45 ? 3.782   12.084  8.791   1.00 1.09 ? 90 GLU B C      1 
ATOM 899  O O      . GLU B 1 45 ? 3.829   12.779  9.828   1.00 1.30 ? 90 GLU B O      1 
ATOM 900  C CB     . GLU B 1 45 ? 2.393   13.924  7.686   1.00 1.13 ? 90 GLU B CB     1 
ATOM 901  C CG     . GLU B 1 45 ? 1.775   14.381  6.369   1.00 1.43 ? 90 GLU B CG     1 
ATOM 902  C CD     . GLU B 1 45 ? 1.728   15.890  6.211   1.00 1.69 ? 90 GLU B CD     1 
ATOM 903  O OE1    . GLU B 1 45 ? 0.790   16.524  6.744   1.00 2.35 ? 90 GLU B OE1    1 
ATOM 904  O OE2    . GLU B 1 45 ? 2.627   16.443  5.538   1.00 1.80 ? 90 GLU B OE2    1 
ATOM 905  O OXT    . GLU B 1 45 ? 4.537   11.099  8.593   1.00 1.45 ? 90 GLU B OXT    1 
ATOM 906  H H      . GLU B 1 45 ? 1.369   11.060  6.909   1.00 0.90 ? 90 GLU B H      1 
ATOM 907  O "O5'"  . DG  C 2 1  ? 16.851  -21.303 5.821   1.00 1.54 ? 1  DG  C "O5'"  1 
ATOM 908  C "C5'"  . DG  C 2 1  ? 16.577  -21.418 7.221   1.00 1.48 ? 1  DG  C "C5'"  1 
ATOM 909  C "C4'"  . DG  C 2 1  ? 15.909  -20.175 7.761   1.00 1.35 ? 1  DG  C "C4'"  1 
ATOM 910  O "O4'"  . DG  C 2 1  ? 16.778  -19.037 7.534   1.00 1.23 ? 1  DG  C "O4'"  1 
ATOM 911  C "C3'"  . DG  C 2 1  ? 14.581  -19.817 7.096   1.00 1.37 ? 1  DG  C "C3'"  1 
ATOM 912  O "O3'"  . DG  C 2 1  ? 13.716  -19.150 8.030   1.00 1.36 ? 1  DG  C "O3'"  1 
ATOM 913  C "C2'"  . DG  C 2 1  ? 15.008  -18.880 5.984   1.00 1.28 ? 1  DG  C "C2'"  1 
ATOM 914  C "C1'"  . DG  C 2 1  ? 16.186  -18.143 6.600   1.00 1.16 ? 1  DG  C "C1'"  1 
ATOM 915  N N9     . DG  C 2 1  ? 17.213  -17.748 5.636   1.00 1.14 ? 1  DG  C N9     1 
ATOM 916  C C8     . DG  C 2 1  ? 17.836  -18.554 4.715   1.00 1.22 ? 1  DG  C C8     1 
ATOM 917  N N7     . DG  C 2 1  ? 18.701  -17.918 3.974   1.00 1.21 ? 1  DG  C N7     1 
ATOM 918  C C5     . DG  C 2 1  ? 18.649  -16.609 4.435   1.00 1.11 ? 1  DG  C C5     1 
ATOM 919  C C6     . DG  C 2 1  ? 19.367  -15.457 4.015   1.00 1.09 ? 1  DG  C C6     1 
ATOM 920  O O6     . DG  C 2 1  ? 20.216  -15.364 3.118   1.00 1.17 ? 1  DG  C O6     1 
ATOM 921  N N1     . DG  C 2 1  ? 19.012  -14.327 4.749   1.00 1.02 ? 1  DG  C N1     1 
ATOM 922  C C2     . DG  C 2 1  ? 18.079  -14.319 5.762   1.00 0.98 ? 1  DG  C C2     1 
ATOM 923  N N2     . DG  C 2 1  ? 17.858  -13.138 6.355   1.00 0.96 ? 1  DG  C N2     1 
ATOM 924  N N3     . DG  C 2 1  ? 17.405  -15.385 6.162   1.00 1.00 ? 1  DG  C N3     1 
ATOM 925  C C4     . DG  C 2 1  ? 17.737  -16.487 5.461   1.00 1.06 ? 1  DG  C C4     1 
ATOM 926  H "H5'"  . DG  C 2 1  ? 17.512  -21.579 7.758   1.00 1.48 ? 1  DG  C "H5'"  1 
ATOM 927  H "H5''" . DG  C 2 1  ? 15.923  -22.273 7.392   1.00 1.60 ? 1  DG  C "H5''" 1 
ATOM 928  H "H4'"  . DG  C 2 1  ? 15.695  -20.349 8.817   1.00 1.38 ? 1  DG  C "H4'"  1 
ATOM 929  H "H3'"  . DG  C 2 1  ? 14.079  -20.705 6.712   1.00 1.50 ? 1  DG  C "H3'"  1 
ATOM 930  H "H2'"  . DG  C 2 1  ? 15.288  -19.431 5.087   1.00 1.35 ? 1  DG  C "H2'"  1 
ATOM 931  H "H2''" . DG  C 2 1  ? 14.207  -18.196 5.713   1.00 1.28 ? 1  DG  C "H2''" 1 
ATOM 932  H "H1'"  . DG  C 2 1  ? 15.854  -17.258 7.142   1.00 1.11 ? 1  DG  C "H1'"  1 
ATOM 933  H H8     . DG  C 2 1  ? 17.631  -19.610 4.615   1.00 1.31 ? 1  DG  C H8     1 
ATOM 934  H H1     . DG  C 2 1  ? 19.472  -13.456 4.523   1.00 1.04 ? 1  DG  C H1     1 
ATOM 935  H H21    . DG  C 2 1  ? 17.180  -13.066 7.102   1.00 0.96 ? 1  DG  C H21    1 
ATOM 936  H H22    . DG  C 2 1  ? 18.367  -12.316 6.056   1.00 0.97 ? 1  DG  C H22    1 
ATOM 937  H "HO5'" . DG  C 2 1  ? 16.033  -21.488 5.356   1.00 2.00 ? 1  DG  C "HO5'" 1 
ATOM 938  P P      . DC  C 2 2  ? 12.309  -18.525 7.544   1.00 1.42 ? 2  DC  C P      1 
ATOM 939  O OP1    . DC  C 2 2  ? 11.298  -18.844 8.583   1.00 1.59 ? 2  DC  C OP1    1 
ATOM 940  O OP2    . DC  C 2 2  ? 12.066  -18.934 6.134   1.00 1.47 ? 2  DC  C OP2    1 
ATOM 941  O "O5'"  . DC  C 2 2  ? 12.560  -16.953 7.561   1.00 1.30 ? 2  DC  C "O5'"  1 
ATOM 942  C "C5'"  . DC  C 2 2  ? 13.137  -16.319 8.703   1.00 1.34 ? 2  DC  C "C5'"  1 
ATOM 943  C "C4'"  . DC  C 2 2  ? 13.258  -14.829 8.476   1.00 1.19 ? 2  DC  C "C4'"  1 
ATOM 944  O "O4'"  . DC  C 2 2  ? 14.246  -14.586 7.445   1.00 1.11 ? 2  DC  C "O4'"  1 
ATOM 945  C "C3'"  . DC  C 2 2  ? 11.978  -14.139 8.001   1.00 1.19 ? 2  DC  C "C3'"  1 
ATOM 946  O "O3'"  . DC  C 2 2  ? 11.903  -12.809 8.533   1.00 1.16 ? 2  DC  C "O3'"  1 
ATOM 947  C "C2'"  . DC  C 2 2  ? 12.130  -14.115 6.490   1.00 1.13 ? 2  DC  C "C2'"  1 
ATOM 948  C "C1'"  . DC  C 2 2  ? 13.637  -14.042 6.282   1.00 1.05 ? 2  DC  C "C1'"  1 
ATOM 949  N N1     . DC  C 2 2  ? 14.135  -14.806 5.119   1.00 1.09 ? 2  DC  C N1     1 
ATOM 950  C C2     . DC  C 2 2  ? 15.154  -14.259 4.328   1.00 1.07 ? 2  DC  C C2     1 
ATOM 951  O O2     . DC  C 2 2  ? 15.609  -13.140 4.612   1.00 1.04 ? 2  DC  C O2     1 
ATOM 952  N N3     . DC  C 2 2  ? 15.618  -14.965 3.270   1.00 1.17 ? 2  DC  C N3     1 
ATOM 953  C C4     . DC  C 2 2  ? 15.103  -16.164 2.986   1.00 1.28 ? 2  DC  C C4     1 
ATOM 954  N N4     . DC  C 2 2  ? 15.601  -16.822 1.935   1.00 1.41 ? 2  DC  C N4     1 
ATOM 955  C C5     . DC  C 2 2  ? 14.062  -16.744 3.774   1.00 1.30 ? 2  DC  C C5     1 
ATOM 956  C C6     . DC  C 2 2  ? 13.616  -16.037 4.819   1.00 1.21 ? 2  DC  C C6     1 
ATOM 957  H "H5'"  . DC  C 2 2  ? 14.129  -16.732 8.887   1.00 1.46 ? 2  DC  C "H5'"  1 
ATOM 958  H "H5''" . DC  C 2 2  ? 12.511  -16.497 9.577   1.00 1.48 ? 2  DC  C "H5''" 1 
ATOM 959  H "H4'"  . DC  C 2 2  ? 13.519  -14.373 9.432   1.00 1.22 ? 2  DC  C "H4'"  1 
ATOM 960  H "H3'"  . DC  C 2 2  ? 11.095  -14.698 8.312   1.00 1.31 ? 2  DC  C "H3'"  1 
ATOM 961  H "H2'"  . DC  C 2 2  ? 11.690  -15.001 6.035   1.00 1.22 ? 2  DC  C "H2'"  1 
ATOM 962  H "H2''" . DC  C 2 2  ? 11.638  -13.246 6.057   1.00 1.11 ? 2  DC  C "H2''" 1 
ATOM 963  H "H1'"  . DC  C 2 2  ? 13.967  -13.008 6.182   1.00 1.00 ? 2  DC  C "H1'"  1 
ATOM 964  H H41    . DC  C 2 2  ? 15.245  -17.735 1.691   1.00 1.52 ? 2  DC  C H41    1 
ATOM 965  H H42    . DC  C 2 2  ? 16.337  -16.403 1.383   1.00 1.44 ? 2  DC  C H42    1 
ATOM 966  H H5     . DC  C 2 2  ? 13.643  -17.723 3.538   1.00 1.43 ? 2  DC  C H5     1 
ATOM 967  H H6     . DC  C 2 2  ? 12.830  -16.458 5.445   1.00 1.28 ? 2  DC  C H6     1 
ATOM 968  P P      . DG  C 2 3  ? 10.673  -11.842 8.139   1.00 1.25 ? 3  DG  C P      1 
ATOM 969  O OP1    . DG  C 2 3  ? 10.316  -11.049 9.343   1.00 1.43 ? 3  DG  C OP1    1 
ATOM 970  O OP2    . DG  C 2 3  ? 9.621   -12.646 7.459   1.00 1.32 ? 3  DG  C OP2    1 
ATOM 971  O "O5'"  . DG  C 2 3  ? 11.298  -10.850 7.070   1.00 1.17 ? 3  DG  C "O5'"  1 
ATOM 972  C "C5'"  . DG  C 2 3  ? 12.588  -10.268 7.275   1.00 1.15 ? 3  DG  C "C5'"  1 
ATOM 973  C "C4'"  . DG  C 2 3  ? 12.894  -9.272  6.181   1.00 1.18 ? 3  DG  C "C4'"  1 
ATOM 974  O "O4'"  . DG  C 2 3  ? 13.656  -9.938  5.141   1.00 1.07 ? 3  DG  C "O4'"  1 
ATOM 975  C "C3'"  . DG  C 2 3  ? 11.660  -8.680  5.494   1.00 1.28 ? 3  DG  C "C3'"  1 
ATOM 976  O "O3'"  . DG  C 2 3  ? 11.872  -7.289  5.192   1.00 1.38 ? 3  DG  C "O3'"  1 
ATOM 977  C "C2'"  . DG  C 2 3  ? 11.533  -9.521  4.233   1.00 1.19 ? 3  DG  C "C2'"  1 
ATOM 978  C "C1'"  . DG  C 2 3  ? 12.974  -9.853  3.900   1.00 1.06 ? 3  DG  C "C1'"  1 
ATOM 979  N N9     . DG  C 2 3  ? 13.155  -11.123 3.194   1.00 0.98 ? 3  DG  C N9     1 
ATOM 980  C C8     . DG  C 2 3  ? 12.542  -12.321 3.471   1.00 1.03 ? 3  DG  C C8     1 
ATOM 981  N N7     . DG  C 2 3  ? 12.901  -13.283 2.666   1.00 1.03 ? 3  DG  C N7     1 
ATOM 982  C C5     . DG  C 2 3  ? 13.809  -12.684 1.803   1.00 0.96 ? 3  DG  C C5     1 
ATOM 983  C C6     . DG  C 2 3  ? 14.538  -13.229 0.712   1.00 1.00 ? 3  DG  C C6     1 
ATOM 984  O O6     . DG  C 2 3  ? 14.523  -14.389 0.280   1.00 1.10 ? 3  DG  C O6     1 
ATOM 985  N N1     . DG  C 2 3  ? 15.349  -12.274 0.099   1.00 0.98 ? 3  DG  C N1     1 
ATOM 986  C C2     . DG  C 2 3  ? 15.437  -10.958 0.499   1.00 0.95 ? 3  DG  C C2     1 
ATOM 987  N N2     . DG  C 2 3  ? 16.265  -10.176 -0.211  1.00 1.01 ? 3  DG  C N2     1 
ATOM 988  N N3     . DG  C 2 3  ? 14.764  -10.442 1.513   1.00 0.93 ? 3  DG  C N3     1 
ATOM 989  C C4     . DG  C 2 3  ? 13.975  -11.353 2.116   1.00 0.93 ? 3  DG  C C4     1 
ATOM 990  H "H5'"  . DG  C 2 3  ? 13.348  -11.050 7.267   1.00 1.12 ? 3  DG  C "H5'"  1 
ATOM 991  H "H5''" . DG  C 2 3  ? 12.612  -9.758  8.238   1.00 1.27 ? 3  DG  C "H5''" 1 
ATOM 992  H "H4'"  . DG  C 2 3  ? 13.427  -8.436  6.636   1.00 1.25 ? 3  DG  C "H4'"  1 
ATOM 993  H "H3'"  . DG  C 2 3  ? 10.784  -8.774  6.133   1.00 1.37 ? 3  DG  C "H3'"  1 
ATOM 994  H "H2'"  . DG  C 2 3  ? 10.936  -10.415 4.413   1.00 1.20 ? 3  DG  C "H2'"  1 
ATOM 995  H "H2''" . DG  C 2 3  ? 11.057  -8.968  3.426   1.00 1.25 ? 3  DG  C "H2''" 1 
ATOM 996  H "H1'"  . DG  C 2 3  ? 13.436  -9.059  3.313   1.00 1.08 ? 3  DG  C "H1'"  1 
ATOM 997  H H8     . DG  C 2 3  ? 11.830  -12.451 4.272   1.00 1.11 ? 3  DG  C H8     1 
ATOM 998  H H1     . DG  C 2 3  ? 15.907  -12.566 -0.690  1.00 1.05 ? 3  DG  C H1     1 
ATOM 999  H H21    . DG  C 2 3  ? 16.367  -9.201  0.034   1.00 1.05 ? 3  DG  C H21    1 
ATOM 1000 H H22    . DG  C 2 3  ? 16.781  -10.557 -0.991  1.00 1.07 ? 3  DG  C H22    1 
ATOM 1001 P P      . DG  C 2 4  ? 10.866  -6.497  4.212   1.00 1.45 ? 4  DG  C P      1 
ATOM 1002 O OP1    . DG  C 2 4  ? 10.731  -5.108  4.729   1.00 1.67 ? 4  DG  C OP1    1 
ATOM 1003 O OP2    . DG  C 2 4  ? 9.647   -7.321  4.001   1.00 1.49 ? 4  DG  C OP2    1 
ATOM 1004 O "O5'"  . DG  C 2 4  ? 11.668  -6.416  2.850   1.00 1.30 ? 4  DG  C "O5'"  1 
ATOM 1005 C "C5'"  . DG  C 2 4  ? 13.082  -6.218  2.865   1.00 1.26 ? 4  DG  C "C5'"  1 
ATOM 1006 C "C4'"  . DG  C 2 4  ? 13.611  -6.096  1.459   1.00 1.21 ? 4  DG  C "C4'"  1 
ATOM 1007 O "O4'"  . DG  C 2 4  ? 13.774  -7.421  0.905   1.00 1.09 ? 4  DG  C "O4'"  1 
ATOM 1008 C "C3'"  . DG  C 2 4  ? 12.708  -5.332  0.492   1.00 1.24 ? 4  DG  C "C3'"  1 
ATOM 1009 O "O3'"  . DG  C 2 4  ? 13.504  -4.535  -0.392  1.00 1.30 ? 4  DG  C "O3'"  1 
ATOM 1010 C "C2'"  . DG  C 2 4  ? 11.964  -6.427  -0.256  1.00 1.15 ? 4  DG  C "C2'"  1 
ATOM 1011 C "C1'"  . DG  C 2 4  ? 12.902  -7.620  -0.197  1.00 1.08 ? 4  DG  C "C1'"  1 
ATOM 1012 N N9     . DG  C 2 4  ? 12.224  -8.899  -0.004  1.00 1.10 ? 4  DG  C N9     1 
ATOM 1013 C C8     . DG  C 2 4  ? 11.207  -9.175  0.877   1.00 1.19 ? 4  DG  C C8     1 
ATOM 1014 N N7     . DG  C 2 4  ? 10.794  -10.413 0.819   1.00 1.30 ? 4  DG  C N7     1 
ATOM 1015 C C5     . DG  C 2 4  ? 11.592  -10.988 -0.162  1.00 1.28 ? 4  DG  C C5     1 
ATOM 1016 C C6     . DG  C 2 4  ? 11.612  -12.313 -0.670  1.00 1.45 ? 4  DG  C C6     1 
ATOM 1017 O O6     . DG  C 2 4  ? 10.897  -13.271 -0.345  1.00 1.63 ? 4  DG  C O6     1 
ATOM 1018 N N1     . DG  C 2 4  ? 12.579  -12.476 -1.662  1.00 1.47 ? 4  DG  C N1     1 
ATOM 1019 C C2     . DG  C 2 4  ? 13.417  -11.475 -2.101  1.00 1.36 ? 4  DG  C C2     1 
ATOM 1020 N N2     . DG  C 2 4  ? 14.290  -11.809 -3.064  1.00 1.49 ? 4  DG  C N2     1 
ATOM 1021 N N3     . DG  C 2 4  ? 13.406  -10.240 -1.638  1.00 1.20 ? 4  DG  C N3     1 
ATOM 1022 C C4     . DG  C 2 4  ? 12.477  -10.067 -0.678  1.00 1.16 ? 4  DG  C C4     1 
ATOM 1023 H "H5'"  . DG  C 2 4  ? 13.562  -7.065  3.353   1.00 1.20 ? 4  DG  C "H5'"  1 
ATOM 1024 H "H5''" . DG  C 2 4  ? 13.320  -5.309  3.416   1.00 1.40 ? 4  DG  C "H5''" 1 
ATOM 1025 H "H4'"  . DG  C 2 4  ? 14.547  -5.538  1.511   1.00 1.32 ? 4  DG  C "H4'"  1 
ATOM 1026 H "H3'"  . DG  C 2 4  ? 12.020  -4.683  1.030   1.00 1.37 ? 4  DG  C "H3'"  1 
ATOM 1027 H "H2'"  . DG  C 2 4  ? 11.000  -6.637  0.206   1.00 1.22 ? 4  DG  C "H2'"  1 
ATOM 1028 H "H2''" . DG  C 2 4  ? 11.777  -6.149  -1.293  1.00 1.16 ? 4  DG  C "H2''" 1 
ATOM 1029 H "H1'"  . DG  C 2 4  ? 13.511  -7.683  -1.099  1.00 1.10 ? 4  DG  C "H1'"  1 
ATOM 1030 H H8     . DG  C 2 4  ? 10.787  -8.439  1.547   1.00 1.24 ? 4  DG  C H8     1 
ATOM 1031 H H1     . DG  C 2 4  ? 12.674  -13.390 -2.080  1.00 1.63 ? 4  DG  C H1     1 
ATOM 1032 H H21    . DG  C 2 4  ? 14.932  -11.116 -3.426  1.00 1.48 ? 4  DG  C H21    1 
ATOM 1033 H H22    . DG  C 2 4  ? 14.309  -12.749 -3.429  1.00 1.64 ? 4  DG  C H22    1 
ATOM 1034 P P      . DT  C 2 5  ? 12.835  -3.782  -1.647  1.00 1.28 ? 5  DT  C P      1 
ATOM 1035 O OP1    . DT  C 2 5  ? 13.493  -2.460  -1.764  1.00 1.37 ? 5  DT  C OP1    1 
ATOM 1036 O OP2    . DT  C 2 5  ? 11.357  -3.851  -1.505  1.00 1.31 ? 5  DT  C OP2    1 
ATOM 1037 O "O5'"  . DT  C 2 5  ? 13.270  -4.677  -2.886  1.00 1.26 ? 5  DT  C "O5'"  1 
ATOM 1038 C "C5'"  . DT  C 2 5  ? 14.575  -5.255  -2.934  1.00 1.19 ? 5  DT  C "C5'"  1 
ATOM 1039 C "C4'"  . DT  C 2 5  ? 14.928  -5.670  -4.343  1.00 1.12 ? 5  DT  C "C4'"  1 
ATOM 1040 O "O4'"  . DT  C 2 5  ? 14.617  -7.073  -4.510  1.00 1.02 ? 5  DT  C "O4'"  1 
ATOM 1041 C "C3'"  . DT  C 2 5  ? 14.175  -4.935  -5.448  1.00 1.14 ? 5  DT  C "C3'"  1 
ATOM 1042 O "O3'"  . DT  C 2 5  ? 15.020  -4.766  -6.592  1.00 1.20 ? 5  DT  C "O3'"  1 
ATOM 1043 C "C2'"  . DT  C 2 5  ? 13.013  -5.862  -5.763  1.00 1.07 ? 5  DT  C "C2'"  1 
ATOM 1044 C "C1'"  . DT  C 2 5  ? 13.567  -7.245  -5.451  1.00 1.01 ? 5  DT  C "C1'"  1 
ATOM 1045 N N1     . DT  C 2 5  ? 12.584  -8.179  -4.860  1.00 1.04 ? 5  DT  C N1     1 
ATOM 1046 C C2     . DT  C 2 5  ? 12.550  -9.474  -5.331  1.00 1.09 ? 5  DT  C C2     1 
ATOM 1047 O O2     . DT  C 2 5  ? 13.284  -9.887  -6.212  1.00 1.13 ? 5  DT  C O2     1 
ATOM 1048 N N3     . DT  C 2 5  ? 11.611  -10.275 -4.735  1.00 1.20 ? 5  DT  C N3     1 
ATOM 1049 C C4     . DT  C 2 5  ? 10.723  -9.923  -3.742  1.00 1.25 ? 5  DT  C C4     1 
ATOM 1050 O O4     . DT  C 2 5  ? 9.932   -10.759 -3.305  1.00 1.39 ? 5  DT  C O4     1 
ATOM 1051 C C5     . DT  C 2 5  ? 10.811  -8.550  -3.294  1.00 1.20 ? 5  DT  C C5     1 
ATOM 1052 C C7     . DT  C 2 5  ? 9.868   -8.075  -2.232  1.00 1.36 ? 5  DT  C C7     1 
ATOM 1053 C C6     . DT  C 2 5  ? 11.725  -7.752  -3.864  1.00 1.10 ? 5  DT  C C6     1 
ATOM 1054 H "H5'"  . DT  C 2 5  ? 14.609  -6.132  -2.286  1.00 1.15 ? 5  DT  C "H5'"  1 
ATOM 1055 H "H5''" . DT  C 2 5  ? 15.310  -4.529  -2.585  1.00 1.37 ? 5  DT  C "H5''" 1 
ATOM 1056 H "H4'"  . DT  C 2 5  ? 15.986  -5.448  -4.492  1.00 1.20 ? 5  DT  C "H4'"  1 
ATOM 1057 H "H3'"  . DT  C 2 5  ? 13.834  -3.957  -5.108  1.00 1.24 ? 5  DT  C "H3'"  1 
ATOM 1058 H "H2'"  . DT  C 2 5  ? 12.138  -5.621  -5.160  1.00 1.12 ? 5  DT  C "H2'"  1 
ATOM 1059 H "H2''" . DT  C 2 5  ? 12.717  -5.790  -6.810  1.00 1.09 ? 5  DT  C "H2''" 1 
ATOM 1060 H "H1'"  . DT  C 2 5  ? 13.989  -7.705  -6.346  1.00 1.04 ? 5  DT  C "H1'"  1 
ATOM 1061 H H3     . DT  C 2 5  ? 11.564  -11.229 -5.062  1.00 1.30 ? 5  DT  C H3     1 
ATOM 1062 H H71    . DT  C 2 5  ? 8.965   -8.685  -2.247  1.00 2.03 ? 5  DT  C H71    1 
ATOM 1063 H H72    . DT  C 2 5  ? 9.605   -7.033  -2.416  1.00 1.42 ? 5  DT  C H72    1 
ATOM 1064 H H73    . DT  C 2 5  ? 10.345  -8.160  -1.257  1.00 1.68 ? 5  DT  C H73    1 
ATOM 1065 H H6     . DT  C 2 5  ? 11.801  -6.721  -3.519  1.00 1.15 ? 5  DT  C H6     1 
ATOM 1066 P P      . DT  C 2 6  ? 14.497  -3.942  -7.872  1.00 1.25 ? 6  DT  C P      1 
ATOM 1067 O OP1    . DT  C 2 6  ? 15.626  -3.108  -8.359  1.00 1.32 ? 6  DT  C OP1    1 
ATOM 1068 O OP2    . DT  C 2 6  ? 13.199  -3.306  -7.537  1.00 1.39 ? 6  DT  C OP2    1 
ATOM 1069 O "O5'"  . DT  C 2 6  ? 14.228  -5.078  -8.948  1.00 1.14 ? 6  DT  C "O5'"  1 
ATOM 1070 C "C5'"  . DT  C 2 6  ? 15.121  -6.185  -9.068  1.00 1.11 ? 6  DT  C "C5'"  1 
ATOM 1071 C "C4'"  . DT  C 2 6  ? 14.867  -6.932  -10.355 1.00 1.21 ? 6  DT  C "C4'"  1 
ATOM 1072 O "O4'"  . DT  C 2 6  ? 14.166  -8.164  -10.051 1.00 1.13 ? 6  DT  C "O4'"  1 
ATOM 1073 C "C3'"  . DT  C 2 6  ? 14.000  -6.196  -11.380 1.00 1.34 ? 6  DT  C "C3'"  1 
ATOM 1074 O "O3'"  . DT  C 2 6  ? 14.444  -6.509  -12.705 1.00 1.54 ? 6  DT  C "O3'"  1 
ATOM 1075 C "C2'"  . DT  C 2 6  ? 12.614  -6.757  -11.117 1.00 1.20 ? 6  DT  C "C2'"  1 
ATOM 1076 C "C1'"  . DT  C 2 6  ? 12.913  -8.192  -10.718 1.00 1.10 ? 6  DT  C "C1'"  1 
ATOM 1077 N N1     . DT  C 2 6  ? 11.926  -8.806  -9.801  1.00 0.99 ? 6  DT  C N1     1 
ATOM 1078 C C2     . DT  C 2 6  ? 11.642  -10.146 -9.958  1.00 1.18 ? 6  DT  C C2     1 
ATOM 1079 O O2     . DT  C 2 6  ? 12.160  -10.844 -10.814 1.00 1.46 ? 6  DT  C O2     1 
ATOM 1080 N N3     . DT  C 2 6  ? 10.726  -10.646 -9.071  1.00 1.24 ? 6  DT  C N3     1 
ATOM 1081 C C4     . DT  C 2 6  ? 10.078  -9.959  -8.067  1.00 1.11 ? 6  DT  C C4     1 
ATOM 1082 O O4     . DT  C 2 6  ? 9.279   -10.547 -7.340  1.00 1.28 ? 6  DT  C O4     1 
ATOM 1083 C C5     . DT  C 2 6  ? 10.420  -8.561  -7.956  1.00 1.01 ? 6  DT  C C5     1 
ATOM 1084 C C7     . DT  C 2 6  ? 9.757   -7.737  -6.899  1.00 1.25 ? 6  DT  C C7     1 
ATOM 1085 C C6     . DT  C 2 6  ? 11.316  -8.054  -8.815  1.00 0.98 ? 6  DT  C C6     1 
ATOM 1086 H "H5'"  . DT  C 2 6  ? 14.974  -6.865  -8.228  1.00 1.05 ? 6  DT  C "H5'"  1 
ATOM 1087 H "H5''" . DT  C 2 6  ? 16.150  -5.827  -9.061  1.00 1.15 ? 6  DT  C "H5''" 1 
ATOM 1088 H "H4'"  . DT  C 2 6  ? 15.834  -7.099  -10.832 1.00 1.33 ? 6  DT  C "H4'"  1 
ATOM 1089 H "H3'"  . DT  C 2 6  ? 14.041  -5.117  -11.231 1.00 1.43 ? 6  DT  C "H3'"  1 
ATOM 1090 H "H2'"  . DT  C 2 6  ? 12.109  -6.202  -10.329 1.00 1.17 ? 6  DT  C "H2'"  1 
ATOM 1091 H "H2''" . DT  C 2 6  ? 11.988  -6.704  -12.006 1.00 1.31 ? 6  DT  C "H2''" 1 
ATOM 1092 H "H1'"  . DT  C 2 6  ? 13.015  -8.827  -11.598 1.00 1.19 ? 6  DT  C "H1'"  1 
ATOM 1093 H H3     . DT  C 2 6  ? 10.500  -11.624 -9.165  1.00 1.53 ? 6  DT  C H3     1 
ATOM 1094 H H71    . DT  C 2 6  ? 8.931   -7.179  -7.339  1.00 1.38 ? 6  DT  C H71    1 
ATOM 1095 H H72    . DT  C 2 6  ? 10.479  -7.041  -6.472  1.00 1.57 ? 6  DT  C H72    1 
ATOM 1096 H H73    . DT  C 2 6  ? 9.376   -8.392  -6.115  1.00 1.80 ? 6  DT  C H73    1 
ATOM 1097 H H6     . DT  C 2 6  ? 11.581  -7.001  -8.722  1.00 1.16 ? 6  DT  C H6     1 
ATOM 1098 P P      . DG  C 2 7  ? 13.734  -5.856  -13.996 1.00 1.72 ? 7  DG  C P      1 
ATOM 1099 O OP1    . DG  C 2 7  ? 14.774  -5.096  -14.737 1.00 2.03 ? 7  DG  C OP1    1 
ATOM 1100 O OP2    . DG  C 2 7  ? 12.481  -5.172  -13.577 1.00 1.67 ? 7  DG  C OP2    1 
ATOM 1101 O "O5'"  . DG  C 2 7  ? 13.341  -7.121  -14.871 1.00 1.72 ? 7  DG  C "O5'"  1 
ATOM 1102 C "C5'"  . DG  C 2 7  ? 14.066  -8.345  -14.735 1.00 1.86 ? 7  DG  C "C5'"  1 
ATOM 1103 C "C4'"  . DG  C 2 7  ? 13.274  -9.490  -15.315 1.00 1.78 ? 7  DG  C "C4'"  1 
ATOM 1104 O "O4'"  . DG  C 2 7  ? 12.305  -9.945  -14.333 1.00 1.60 ? 7  DG  C "O4'"  1 
ATOM 1105 C "C3'"  . DG  C 2 7  ? 12.471  -9.140  -16.564 1.00 1.77 ? 7  DG  C "C3'"  1 
ATOM 1106 O "O3'"  . DG  C 2 7  ? 12.420  -10.267 -17.448 1.00 1.80 ? 7  DG  C "O3'"  1 
ATOM 1107 C "C2'"  . DG  C 2 7  ? 11.099  -8.812  -16.004 1.00 1.60 ? 7  DG  C "C2'"  1 
ATOM 1108 C "C1'"  . DG  C 2 7  ? 10.985  -9.764  -14.825 1.00 1.48 ? 7  DG  C "C1'"  1 
ATOM 1109 N N9     . DG  C 2 7  ? 10.158  -9.269  -13.723 1.00 1.36 ? 7  DG  C N9     1 
ATOM 1110 C C8     . DG  C 2 7  ? 10.186  -8.014  -13.169 1.00 1.40 ? 7  DG  C C8     1 
ATOM 1111 N N7     . DG  C 2 7  ? 9.350   -7.865  -12.177 1.00 1.32 ? 7  DG  C N7     1 
ATOM 1112 C C5     . DG  C 2 7  ? 8.727   -9.102  -12.069 1.00 1.22 ? 7  DG  C C5     1 
ATOM 1113 C C6     . DG  C 2 7  ? 7.722   -9.548  -11.169 1.00 1.18 ? 7  DG  C C6     1 
ATOM 1114 O O6     . DG  C 2 7  ? 7.167   -8.917  -10.260 1.00 1.20 ? 7  DG  C O6     1 
ATOM 1115 N N1     . DG  C 2 7  ? 7.369   -10.876 -11.402 1.00 1.21 ? 7  DG  C N1     1 
ATOM 1116 C C2     . DG  C 2 7  ? 7.922   -11.667 -12.385 1.00 1.26 ? 7  DG  C C2     1 
ATOM 1117 N N2     . DG  C 2 7  ? 7.454   -12.922 -12.472 1.00 1.38 ? 7  DG  C N2     1 
ATOM 1118 N N3     . DG  C 2 7  ? 8.858   -11.262 -13.228 1.00 1.28 ? 7  DG  C N3     1 
ATOM 1119 C C4     . DG  C 2 7  ? 9.213   -9.978  -13.015 1.00 1.26 ? 7  DG  C C4     1 
ATOM 1120 H "H5'"  . DG  C 2 7  ? 14.256  -8.543  -13.679 1.00 1.87 ? 7  DG  C "H5'"  1 
ATOM 1121 H "H5''" . DG  C 2 7  ? 15.018  -8.268  -15.260 1.00 2.14 ? 7  DG  C "H5''" 1 
ATOM 1122 H "H4'"  . DG  C 2 7  ? 13.983  -10.266 -15.608 1.00 1.89 ? 7  DG  C "H4'"  1 
ATOM 1123 H "H3'"  . DG  C 2 7  ? 12.910  -8.291  -17.089 1.00 1.91 ? 7  DG  C "H3'"  1 
ATOM 1124 H "H2'"  . DG  C 2 7  ? 11.038  -7.768  -15.697 1.00 1.64 ? 7  DG  C "H2'"  1 
ATOM 1125 H "H2''" . DG  C 2 7  ? 10.319  -8.981  -16.742 1.00 1.57 ? 7  DG  C "H2''" 1 
ATOM 1126 H "H1'"  . DG  C 2 7  ? 10.604  -10.737 -15.141 1.00 1.44 ? 7  DG  C "H1'"  1 
ATOM 1127 H H8     . DG  C 2 7  ? 10.835  -7.225  -13.522 1.00 1.54 ? 7  DG  C H8     1 
ATOM 1128 H H1     . DG  C 2 7  ? 6.663   -11.287 -10.808 1.00 1.25 ? 7  DG  C H1     1 
ATOM 1129 H H21    . DG  C 2 7  ? 7.818   -13.547 -13.178 1.00 1.47 ? 7  DG  C H21    1 
ATOM 1130 H H22    . DG  C 2 7  ? 6.740   -13.244 -11.833 1.00 1.43 ? 7  DG  C H22    1 
ATOM 1131 P P      . DC  C 2 8  ? 11.572  -10.201 -18.817 1.00 1.76 ? 8  DC  C P      1 
ATOM 1132 O OP1    . DC  C 2 8  ? 12.474  -10.629 -19.915 1.00 1.94 ? 8  DC  C OP1    1 
ATOM 1133 O OP2    . DC  C 2 8  ? 10.893  -8.880  -18.897 1.00 1.78 ? 8  DC  C OP2    1 
ATOM 1134 O "O5'"  . DC  C 2 8  ? 10.459  -11.320 -18.618 1.00 1.62 ? 8  DC  C "O5'"  1 
ATOM 1135 C "C5'"  . DC  C 2 8  ? 10.751  -12.521 -17.899 1.00 1.63 ? 8  DC  C "C5'"  1 
ATOM 1136 C "C4'"  . DC  C 2 8  ? 9.480   -13.290 -17.611 1.00 1.52 ? 8  DC  C "C4'"  1 
ATOM 1137 O "O4'"  . DC  C 2 8  ? 8.765   -12.643 -16.528 1.00 1.40 ? 8  DC  C "O4'"  1 
ATOM 1138 C "C3'"  . DC  C 2 8  ? 8.488   -13.355 -18.770 1.00 1.49 ? 8  DC  C "C3'"  1 
ATOM 1139 O "O3'"  . DC  C 2 8  ? 7.713   -14.557 -18.693 1.00 1.50 ? 8  DC  C "O3'"  1 
ATOM 1140 C "C2'"  . DC  C 2 8  ? 7.618   -12.140 -18.523 1.00 1.38 ? 8  DC  C "C2'"  1 
ATOM 1141 C "C1'"  . DC  C 2 8  ? 7.527   -12.128 -17.003 1.00 1.31 ? 8  DC  C "C1'"  1 
ATOM 1142 N N1     . DC  C 2 8  ? 7.340   -10.792 -16.411 1.00 1.29 ? 8  DC  C N1     1 
ATOM 1143 C C2     . DC  C 2 8  ? 6.430   -10.624 -15.359 1.00 1.25 ? 8  DC  C C2     1 
ATOM 1144 O O2     . DC  C 2 8  ? 5.778   -11.602 -14.955 1.00 1.25 ? 8  DC  C O2     1 
ATOM 1145 N N3     . DC  C 2 8  ? 6.278   -9.396  -14.809 1.00 1.30 ? 8  DC  C N3     1 
ATOM 1146 C C4     . DC  C 2 8  ? 6.992   -8.365  -15.269 1.00 1.39 ? 8  DC  C C4     1 
ATOM 1147 N N4     . DC  C 2 8  ? 6.808   -7.176  -14.689 1.00 1.49 ? 8  DC  C N4     1 
ATOM 1148 C C5     . DC  C 2 8  ? 7.925   -8.511  -16.339 1.00 1.45 ? 8  DC  C C5     1 
ATOM 1149 C C6     . DC  C 2 8  ? 8.062   -9.728  -16.872 1.00 1.39 ? 8  DC  C C6     1 
ATOM 1150 H "H5'"  . DC  C 2 8  ? 11.238  -12.272 -16.956 1.00 1.64 ? 8  DC  C "H5'"  1 
ATOM 1151 H "H5''" . DC  C 2 8  ? 11.420  -13.147 -18.490 1.00 1.78 ? 8  DC  C "H5''" 1 
ATOM 1152 H "H4'"  . DC  C 2 8  ? 9.764   -14.319 -17.384 1.00 1.60 ? 8  DC  C "H4'"  1 
ATOM 1153 H "H3'"  . DC  C 2 8  ? 8.996   -13.309 -19.733 1.00 1.59 ? 8  DC  C "H3'"  1 
ATOM 1154 H "H2'"  . DC  C 2 8  ? 8.087   -11.238 -18.916 1.00 1.43 ? 8  DC  C "H2'"  1 
ATOM 1155 H "H2''" . DC  C 2 8  ? 6.651   -12.239 -19.012 1.00 1.34 ? 8  DC  C "H2''" 1 
ATOM 1156 H "H1'"  . DC  C 2 8  ? 6.729   -12.782 -16.650 1.00 1.28 ? 8  DC  C "H1'"  1 
ATOM 1157 H H41    . DC  C 2 8  ? 7.331   -6.371  -15.005 1.00 1.61 ? 8  DC  C H41    1 
ATOM 1158 H H42    . DC  C 2 8  ? 6.146   -7.081  -13.932 1.00 1.50 ? 8  DC  C H42    1 
ATOM 1159 H H5     . DC  C 2 8  ? 8.513   -7.669  -16.706 1.00 1.58 ? 8  DC  C H5     1 
ATOM 1160 H H6     . DC  C 2 8  ? 8.767   -9.871  -17.691 1.00 1.48 ? 8  DC  C H6     1 
ATOM 1161 P P      . DA  C 2 9  ? 6.963   -15.124 -19.998 1.00 1.49 ? 9  DA  C P      1 
ATOM 1162 O OP1    . DA  C 2 9  ? 7.912   -16.017 -20.709 1.00 1.64 ? 9  DA  C OP1    1 
ATOM 1163 O OP2    . DA  C 2 9  ? 6.340   -13.988 -20.727 1.00 1.50 ? 9  DA  C OP2    1 
ATOM 1164 O "O5'"  . DA  C 2 9  ? 5.796   -16.028 -19.404 1.00 1.38 ? 9  DA  C "O5'"  1 
ATOM 1165 C "C5'"  . DA  C 2 9  ? 5.918   -16.628 -18.111 1.00 1.38 ? 9  DA  C "C5'"  1 
ATOM 1166 C "C4'"  . DA  C 2 9  ? 4.551   -16.817 -17.488 1.00 1.38 ? 9  DA  C "C4'"  1 
ATOM 1167 O "O4'"  . DA  C 2 9  ? 4.198   -15.622 -16.745 1.00 1.29 ? 9  DA  C "O4'"  1 
ATOM 1168 C "C3'"  . DA  C 2 9  ? 3.418   -17.021 -18.488 1.00 1.38 ? 9  DA  C "C3'"  1 
ATOM 1169 O "O3'"  . DA  C 2 9  ? 2.372   -17.815 -17.911 1.00 1.50 ? 9  DA  C "O3'"  1 
ATOM 1170 C "C2'"  . DA  C 2 9  ? 2.947   -15.605 -18.743 1.00 1.24 ? 9  DA  C "C2'"  1 
ATOM 1171 C "C1'"  . DA  C 2 9  ? 3.114   -14.951 -17.378 1.00 1.21 ? 9  DA  C "C1'"  1 
ATOM 1172 N N9     . DA  C 2 9  ? 3.438   -13.524 -17.436 1.00 1.15 ? 9  DA  C N9     1 
ATOM 1173 C C8     . DA  C 2 9  ? 4.482   -12.936 -18.099 1.00 1.28 ? 9  DA  C C8     1 
ATOM 1174 N N7     . DA  C 2 9  ? 4.523   -11.631 -17.977 1.00 1.28 ? 9  DA  C N7     1 
ATOM 1175 C C5     . DA  C 2 9  ? 3.431   -11.338 -17.177 1.00 1.14 ? 9  DA  C C5     1 
ATOM 1176 C C6     . DA  C 2 9  ? 2.926   -10.125 -16.682 1.00 1.18 ? 9  DA  C C6     1 
ATOM 1177 N N6     . DA  C 2 9  ? 3.478   -8.937  -16.938 1.00 1.32 ? 9  DA  C N6     1 
ATOM 1178 N N1     . DA  C 2 9  ? 1.820   -10.173 -15.911 1.00 1.21 ? 9  DA  C N1     1 
ATOM 1179 C C2     . DA  C 2 9  ? 1.264   -11.368 -15.661 1.00 1.18 ? 9  DA  C C2     1 
ATOM 1180 N N3     . DA  C 2 9  ? 1.647   -12.578 -16.071 1.00 1.11 ? 9  DA  C N3     1 
ATOM 1181 C C4     . DA  C 2 9  ? 2.750   -12.493 -16.833 1.00 1.08 ? 9  DA  C C4     1 
ATOM 1182 H "H5'"  . DA  C 2 9  ? 6.517   -15.987 -17.465 1.00 1.35 ? 9  DA  C "H5'"  1 
ATOM 1183 H "H5''" . DA  C 2 9  ? 6.406   -17.599 -18.202 1.00 1.49 ? 9  DA  C "H5''" 1 
ATOM 1184 H "H4'"  . DA  C 2 9  ? 4.590   -17.713 -16.869 1.00 1.49 ? 9  DA  C "H4'"  1 
ATOM 1185 H "H3'"  . DA  C 2 9  ? 3.776   -17.503 -19.398 1.00 1.45 ? 9  DA  C "H3'"  1 
ATOM 1186 H "H2'"  . DA  C 2 9  ? 3.552   -15.121 -19.509 1.00 1.22 ? 9  DA  C "H2'"  1 
ATOM 1187 H "H2''" . DA  C 2 9  ? 1.916   -15.591 -19.087 1.00 1.24 ? 9  DA  C "H2''" 1 
ATOM 1188 H "H1'"  . DA  C 2 9  ? 2.224   -15.087 -16.763 1.00 1.25 ? 9  DA  C "H1'"  1 
ATOM 1189 H H8     . DA  C 2 9  ? 5.204   -13.498 -18.670 1.00 1.44 ? 9  DA  C H8     1 
ATOM 1190 H H61    . DA  C 2 9  ? 4.304   -8.879  -17.518 1.00 1.40 ? 9  DA  C H61    1 
ATOM 1191 H H62    . DA  C 2 9  ? 3.071   -8.096  -16.556 1.00 1.39 ? 9  DA  C H62    1 
ATOM 1192 H H2     . DA  C 2 9  ? 0.372   -11.348 -15.036 1.00 1.32 ? 9  DA  C H2     1 
ATOM 1193 P P      . DC  C 2 10 ? 0.997   -18.058 -18.717 1.00 1.55 ? 10 DC  C P      1 
ATOM 1194 O OP1    . DC  C 2 10 ? 0.562   -19.450 -18.448 1.00 1.81 ? 10 DC  C OP1    1 
ATOM 1195 O OP2    . DC  C 2 10 ? 1.187   -17.610 -20.123 1.00 1.47 ? 10 DC  C OP2    1 
ATOM 1196 O "O5'"  . DC  C 2 10 ? -0.035  -17.062 -18.023 1.00 1.50 ? 10 DC  C "O5'"  1 
ATOM 1197 C "C5'"  . DC  C 2 10 ? -0.170  -17.017 -16.600 1.00 1.51 ? 10 DC  C "C5'"  1 
ATOM 1198 C "C4'"  . DC  C 2 10 ? -1.295  -16.087 -16.205 1.00 1.48 ? 10 DC  C "C4'"  1 
ATOM 1199 O "O4'"  . DC  C 2 10 ? -0.873  -14.716 -16.417 1.00 1.35 ? 10 DC  C "O4'"  1 
ATOM 1200 C "C3'"  . DC  C 2 10 ? -2.579  -16.249 -17.016 1.00 1.50 ? 10 DC  C "C3'"  1 
ATOM 1201 O "O3'"  . DC  C 2 10 ? -3.723  -15.920 -16.219 1.00 1.58 ? 10 DC  C "O3'"  1 
ATOM 1202 C "C2'"  . DC  C 2 10 ? -2.399  -15.243 -18.134 1.00 1.34 ? 10 DC  C "C2'"  1 
ATOM 1203 C "C1'"  . DC  C 2 10 ? -1.648  -14.114 -17.445 1.00 1.26 ? 10 DC  C "C1'"  1 
ATOM 1204 N N1     . DC  C 2 10 ? -0.726  -13.369 -18.322 1.00 1.18 ? 10 DC  C N1     1 
ATOM 1205 C C2     . DC  C 2 10 ? -0.710  -11.970 -18.271 1.00 1.15 ? 10 DC  C C2     1 
ATOM 1206 O O2     . DC  C 2 10 ? -1.497  -11.381 -17.516 1.00 1.18 ? 10 DC  C O2     1 
ATOM 1207 N N3     . DC  C 2 10 ? 0.162   -11.291 -19.054 1.00 1.19 ? 10 DC  C N3     1 
ATOM 1208 C C4     . DC  C 2 10 ? 0.992   -11.956 -19.863 1.00 1.23 ? 10 DC  C C4     1 
ATOM 1209 N N4     . DC  C 2 10 ? 1.836   -11.237 -20.610 1.00 1.34 ? 10 DC  C N4     1 
ATOM 1210 C C5     . DC  C 2 10 ? 0.993   -13.382 -19.935 1.00 1.26 ? 10 DC  C C5     1 
ATOM 1211 C C6     . DC  C 2 10 ? 0.125   -14.037 -19.156 1.00 1.24 ? 10 DC  C C6     1 
ATOM 1212 H "H5'"  . DC  C 2 10 ? 0.759   -16.663 -16.154 1.00 1.47 ? 10 DC  C "H5'"  1 
ATOM 1213 H "H5''" . DC  C 2 10 ? -0.386  -18.017 -16.221 1.00 1.66 ? 10 DC  C "H5''" 1 
ATOM 1214 H "H4'"  . DC  C 2 10 ? -1.551  -16.301 -15.166 1.00 1.61 ? 10 DC  C "H4'"  1 
ATOM 1215 H "H3'"  . DC  C 2 10 ? -2.682  -17.267 -17.393 1.00 1.60 ? 10 DC  C "H3'"  1 
ATOM 1216 H "H2'"  . DC  C 2 10 ? -1.836  -15.670 -18.963 1.00 1.36 ? 10 DC  C "H2'"  1 
ATOM 1217 H "H2''" . DC  C 2 10 ? -3.358  -14.914 -18.525 1.00 1.34 ? 10 DC  C "H2''" 1 
ATOM 1218 H "H1'"  . DC  C 2 10 ? -2.338  -13.408 -16.980 1.00 1.27 ? 10 DC  C "H1'"  1 
ATOM 1219 H H41    . DC  C 2 10 ? 2.483   -11.701 -21.234 1.00 1.41 ? 10 DC  C H41    1 
ATOM 1220 H H42    . DC  C 2 10 ? 1.830   -10.228 -20.551 1.00 1.38 ? 10 DC  C H42    1 
ATOM 1221 H H5     . DC  C 2 10 ? 1.682   -13.921 -20.588 1.00 1.36 ? 10 DC  C H5     1 
ATOM 1222 H H6     . DC  C 2 10 ? 0.093   -15.125 -19.193 1.00 1.34 ? 10 DC  C H6     1 
ATOM 1223 P P      . DC  C 2 11 ? -5.208  -16.233 -16.763 1.00 1.59 ? 11 DC  C P      1 
ATOM 1224 O OP1    . DC  C 2 11 ? -5.689  -17.453 -16.073 1.00 1.73 ? 11 DC  C OP1    1 
ATOM 1225 O OP2    . DC  C 2 11 ? -5.192  -16.185 -18.252 1.00 1.60 ? 11 DC  C OP2    1 
ATOM 1226 O "O5'"  . DC  C 2 11 ? -6.073  -15.001 -16.252 1.00 1.53 ? 11 DC  C "O5'"  1 
ATOM 1227 C "C5'"  . DC  C 2 11 ? -5.796  -14.378 -14.996 1.00 1.59 ? 11 DC  C "C5'"  1 
ATOM 1228 C "C4'"  . DC  C 2 11 ? -6.218  -12.928 -15.028 1.00 1.48 ? 11 DC  C "C4'"  1 
ATOM 1229 O "O4'"  . DC  C 2 11 ? -5.293  -12.186 -15.862 1.00 1.39 ? 11 DC  C "O4'"  1 
ATOM 1230 C "C3'"  . DC  C 2 11 ? -7.612  -12.677 -15.606 1.00 1.46 ? 11 DC  C "C3'"  1 
ATOM 1231 O "O3'"  . DC  C 2 11 ? -8.271  -11.638 -14.876 1.00 1.40 ? 11 DC  C "O3'"  1 
ATOM 1232 C "C2'"  . DC  C 2 11 ? -7.338  -12.242 -17.035 1.00 1.41 ? 11 DC  C "C2'"  1 
ATOM 1233 C "C1'"  . DC  C 2 11 ? -5.975  -11.576 -16.946 1.00 1.34 ? 11 DC  C "C1'"  1 
ATOM 1234 N N1     . DC  C 2 11 ? -5.141  -11.746 -18.151 1.00 1.34 ? 11 DC  C N1     1 
ATOM 1235 C C2     . DC  C 2 11 ? -4.481  -10.636 -18.694 1.00 1.30 ? 11 DC  C C2     1 
ATOM 1236 O O2     . DC  C 2 11 ? -4.627  -9.523  -18.166 1.00 1.28 ? 11 DC  C O2     1 
ATOM 1237 N N3     . DC  C 2 11 ? -3.707  -10.802 -19.793 1.00 1.33 ? 11 DC  C N3     1 
ATOM 1238 C C4     . DC  C 2 11 ? -3.584  -12.011 -20.348 1.00 1.38 ? 11 DC  C C4     1 
ATOM 1239 N N4     . DC  C 2 11 ? -2.811  -12.120 -21.434 1.00 1.42 ? 11 DC  C N4     1 
ATOM 1240 C C5     . DC  C 2 11 ? -4.250  -13.156 -19.815 1.00 1.44 ? 11 DC  C C5     1 
ATOM 1241 C C6     . DC  C 2 11 ? -5.006  -12.978 -18.729 1.00 1.42 ? 11 DC  C C6     1 
ATOM 1242 H "H5'"  . DC  C 2 11 ? -4.728  -14.433 -14.787 1.00 1.66 ? 11 DC  C "H5'"  1 
ATOM 1243 H "H5''" . DC  C 2 11 ? -6.341  -14.892 -14.204 1.00 1.78 ? 11 DC  C "H5''" 1 
ATOM 1244 H "H4'"  . DC  C 2 11 ? -6.242  -12.573 -13.997 1.00 1.51 ? 11 DC  C "H4'"  1 
ATOM 1245 H "H3'"  . DC  C 2 11 ? -8.220  -13.581 -15.567 1.00 1.55 ? 11 DC  C "H3'"  1 
ATOM 1246 H "H2'"  . DC  C 2 11 ? -7.341  -13.092 -17.715 1.00 1.47 ? 11 DC  C "H2'"  1 
ATOM 1247 H "H2''" . DC  C 2 11 ? -8.091  -11.537 -17.386 1.00 1.38 ? 11 DC  C "H2''" 1 
ATOM 1248 H "H1'"  . DC  C 2 11 ? -6.070  -10.511 -16.732 1.00 1.28 ? 11 DC  C "H1'"  1 
ATOM 1249 H H41    . DC  C 2 11 ? -2.693  -13.016 -21.886 1.00 1.48 ? 11 DC  C H41    1 
ATOM 1250 H H42    . DC  C 2 11 ? -2.344  -11.304 -21.804 1.00 1.42 ? 11 DC  C H42    1 
ATOM 1251 H H5     . DC  C 2 11 ? -4.152  -14.141 -20.275 1.00 1.51 ? 11 DC  C H5     1 
ATOM 1252 H H6     . DC  C 2 11 ? -5.525  -13.833 -18.296 1.00 1.49 ? 11 DC  C H6     1 
ATOM 1253 P P      . DT  C 2 12 ? -9.802  -11.259 -15.204 1.00 1.36 ? 12 DT  C P      1 
ATOM 1254 O OP1    . DT  C 2 12 ? -10.575 -11.414 -13.946 1.00 1.47 ? 12 DT  C OP1    1 
ATOM 1255 O OP2    . DT  C 2 12 ? -10.230 -11.992 -16.425 1.00 1.46 ? 12 DT  C OP2    1 
ATOM 1256 O "O5'"  . DT  C 2 12 ? -9.735  -9.709  -15.553 1.00 1.18 ? 12 DT  C "O5'"  1 
ATOM 1257 C "C5'"  . DT  C 2 12 ? -8.678  -8.895  -15.043 1.00 1.15 ? 12 DT  C "C5'"  1 
ATOM 1258 C "C4'"  . DT  C 2 12 ? -8.772  -7.495  -15.601 1.00 1.08 ? 12 DT  C "C4'"  1 
ATOM 1259 O "O4'"  . DT  C 2 12 ? -7.865  -7.379  -16.725 1.00 1.03 ? 12 DT  C "O4'"  1 
ATOM 1260 C "C3'"  . DT  C 2 12 ? -10.156 -7.095  -16.119 1.00 1.06 ? 12 DT  C "C3'"  1 
ATOM 1261 O "O3'"  . DT  C 2 12 ? -10.433 -5.732  -15.772 1.00 1.08 ? 12 DT  C "O3'"  1 
ATOM 1262 C "C2'"  . DT  C 2 12 ? -10.043 -7.270  -17.625 1.00 1.01 ? 12 DT  C "C2'"  1 
ATOM 1263 C "C1'"  . DT  C 2 12 ? -8.570  -7.033  -17.907 1.00 0.99 ? 12 DT  C "C1'"  1 
ATOM 1264 N N1     . DT  C 2 12 ? -8.024  -7.846  -19.016 1.00 1.03 ? 12 DT  C N1     1 
ATOM 1265 C C2     . DT  C 2 12 ? -7.275  -7.212  -19.984 1.00 1.11 ? 12 DT  C C2     1 
ATOM 1266 O O2     . DT  C 2 12 ? -7.057  -6.014  -19.983 1.00 1.15 ? 12 DT  C O2     1 
ATOM 1267 N N3     . DT  C 2 12 ? -6.796  -8.035  -20.969 1.00 1.21 ? 12 DT  C N3     1 
ATOM 1268 C C4     . DT  C 2 12 ? -6.987  -9.395  -21.085 1.00 1.25 ? 12 DT  C C4     1 
ATOM 1269 O O4     . DT  C 2 12 ? -6.484  -10.002 -22.027 1.00 1.38 ? 12 DT  C O4     1 
ATOM 1270 C C5     . DT  C 2 12 ? -7.785  -9.998  -20.042 1.00 1.18 ? 12 DT  C C5     1 
ATOM 1271 C C7     . DT  C 2 12 ? -8.063  -11.469 -20.104 1.00 1.29 ? 12 DT  C C7     1 
ATOM 1272 C C6     . DT  C 2 12 ? -8.260  -9.207  -19.066 1.00 1.07 ? 12 DT  C C6     1 
ATOM 1273 H "H5'"  . DT  C 2 12 ? -7.718  -9.327  -15.323 1.00 1.18 ? 12 DT  C "H5'"  1 
ATOM 1274 H "H5''" . DT  C 2 12 ? -8.743  -8.850  -13.956 1.00 1.21 ? 12 DT  C "H5''" 1 
ATOM 1275 H "H4'"  . DT  C 2 12 ? -8.535  -6.805  -14.790 1.00 1.14 ? 12 DT  C "H4'"  1 
ATOM 1276 H "H3'"  . DT  C 2 12 ? -10.930 -7.734  -15.695 1.00 1.11 ? 12 DT  C "H3'"  1 
ATOM 1277 H "H2'"  . DT  C 2 12 ? -10.369 -8.262  -17.935 1.00 1.05 ? 12 DT  C "H2'"  1 
ATOM 1278 H "H2''" . DT  C 2 12 ? -10.651 -6.541  -18.160 1.00 1.01 ? 12 DT  C "H2''" 1 
ATOM 1279 H "H1'"  . DT  C 2 12 ? -8.376  -5.980  -18.120 1.00 0.98 ? 12 DT  C "H1'"  1 
ATOM 1280 H H3     . DT  C 2 12 ? -6.244  -7.594  -21.691 1.00 1.31 ? 12 DT  C H3     1 
ATOM 1281 H H71    . DT  C 2 12 ? -8.891  -11.713 -19.439 1.00 1.56 ? 12 DT  C H71    1 
ATOM 1282 H H72    . DT  C 2 12 ? -7.175  -12.019 -19.795 1.00 1.55 ? 12 DT  C H72    1 
ATOM 1283 H H73    . DT  C 2 12 ? -8.324  -11.747 -21.125 1.00 1.70 ? 12 DT  C H73    1 
ATOM 1284 H H6     . DT  C 2 12 ? -8.856  -9.661  -18.274 1.00 1.08 ? 12 DT  C H6     1 
ATOM 1285 P P      . DT  C 2 13 ? -11.762 -5.000  -16.314 1.00 1.13 ? 13 DT  C P      1 
ATOM 1286 O OP1    . DT  C 2 13 ? -12.296 -4.205  -15.178 1.00 1.35 ? 13 DT  C OP1    1 
ATOM 1287 O OP2    . DT  C 2 13 ? -12.628 -5.997  -16.988 1.00 1.17 ? 13 DT  C OP2    1 
ATOM 1288 O "O5'"  . DT  C 2 13 ? -11.203 -3.990  -17.399 1.00 1.01 ? 13 DT  C "O5'"  1 
ATOM 1289 C "C5'"  . DT  C 2 13 ? -10.004 -3.255  -17.152 1.00 1.10 ? 13 DT  C "C5'"  1 
ATOM 1290 C "C4'"  . DT  C 2 13 ? -9.618  -2.461  -18.374 1.00 1.07 ? 13 DT  C "C4'"  1 
ATOM 1291 O "O4'"  . DT  C 2 13 ? -9.167  -3.378  -19.401 1.00 1.07 ? 13 DT  C "O4'"  1 
ATOM 1292 C "C3'"  . DT  C 2 13 ? -10.755 -1.643  -18.994 1.00 1.08 ? 13 DT  C "C3'"  1 
ATOM 1293 O "O3'"  . DT  C 2 13 ? -10.264 -0.374  -19.441 1.00 1.16 ? 13 DT  C "O3'"  1 
ATOM 1294 C "C2'"  . DT  C 2 13 ? -11.212 -2.495  -20.166 1.00 1.04 ? 13 DT  C "C2'"  1 
ATOM 1295 C "C1'"  . DT  C 2 13 ? -9.948  -3.231  -20.574 1.00 1.04 ? 13 DT  C "C1'"  1 
ATOM 1296 N N1     . DT  C 2 13 ? -10.177 -4.581  -21.132 1.00 1.06 ? 13 DT  C N1     1 
ATOM 1297 C C2     . DT  C 2 13 ? -9.501  -4.937  -22.279 1.00 1.21 ? 13 DT  C C2     1 
ATOM 1298 O O2     . DT  C 2 13 ? -8.738  -4.187  -22.867 1.00 1.34 ? 13 DT  C O2     1 
ATOM 1299 N N3     . DT  C 2 13 ? -9.758  -6.206  -22.724 1.00 1.30 ? 13 DT  C N3     1 
ATOM 1300 C C4     . DT  C 2 13 ? -10.604 -7.133  -22.155 1.00 1.23 ? 13 DT  C C4     1 
ATOM 1301 O O4     . DT  C 2 13 ? -10.734 -8.239  -22.675 1.00 1.36 ? 13 DT  C O4     1 
ATOM 1302 C C5     . DT  C 2 13 ? -11.285 -6.697  -20.956 1.00 1.09 ? 13 DT  C C5     1 
ATOM 1303 C C7     . DT  C 2 13 ? -12.237 -7.635  -20.280 1.00 1.15 ? 13 DT  C C7     1 
ATOM 1304 C C6     . DT  C 2 13 ? -11.041 -5.457  -20.505 1.00 1.03 ? 13 DT  C C6     1 
ATOM 1305 H "H5'"  . DT  C 2 13 ? -9.197  -3.943  -16.904 1.00 1.21 ? 13 DT  C "H5'"  1 
ATOM 1306 H "H5''" . DT  C 2 13 ? -10.159 -2.571  -16.317 1.00 1.24 ? 13 DT  C "H5''" 1 
ATOM 1307 H "H4'"  . DT  C 2 13 ? -8.851  -1.747  -18.071 1.00 1.14 ? 13 DT  C "H4'"  1 
ATOM 1308 H "H3'"  . DT  C 2 13 ? -11.557 -1.481  -18.274 1.00 1.13 ? 13 DT  C "H3'"  1 
ATOM 1309 H "H2'"  . DT  C 2 13 ? -12.012 -3.174  -19.875 1.00 1.04 ? 13 DT  C "H2'"  1 
ATOM 1310 H "H2''" . DT  C 2 13 ? -11.583 -1.879  -20.985 1.00 1.10 ? 13 DT  C "H2''" 1 
ATOM 1311 H "H1'"  . DT  C 2 13 ? -9.370  -2.649  -21.293 1.00 1.10 ? 13 DT  C "H1'"  1 
ATOM 1312 H H3     . DT  C 2 13 ? -9.271  -6.494  -23.560 1.00 1.47 ? 13 DT  C H3     1 
ATOM 1313 H H71    . DT  C 2 13 ? -12.003 -8.661  -20.568 1.00 1.68 ? 13 DT  C H71    1 
ATOM 1314 H H72    . DT  C 2 13 ? -13.256 -7.397  -20.583 1.00 1.40 ? 13 DT  C H72    1 
ATOM 1315 H H73    . DT  C 2 13 ? -12.147 -7.532  -19.199 1.00 1.44 ? 13 DT  C H73    1 
ATOM 1316 H H6     . DT  C 2 13 ? -11.549 -5.128  -19.597 1.00 1.04 ? 13 DT  C H6     1 
ATOM 1317 P P      . DT  C 2 14 ? -11.249 0.669   -20.177 1.00 1.24 ? 14 DT  C P      1 
ATOM 1318 O OP1    . DT  C 2 14 ? -10.950 2.023   -19.649 1.00 1.37 ? 14 DT  C OP1    1 
ATOM 1319 O OP2    . DT  C 2 14 ? -12.638 0.147   -20.105 1.00 1.27 ? 14 DT  C OP2    1 
ATOM 1320 O "O5'"  . DT  C 2 14 ? -10.778 0.617   -21.696 1.00 1.29 ? 14 DT  C "O5'"  1 
ATOM 1321 C "C5'"  . DT  C 2 14 ? -9.387  0.606   -22.022 1.00 1.28 ? 14 DT  C "C5'"  1 
ATOM 1322 C "C4'"  . DT  C 2 14 ? -9.175  1.032   -23.457 1.00 1.41 ? 14 DT  C "C4'"  1 
ATOM 1323 O "O4'"  . DT  C 2 14 ? -9.308  -0.125  -24.317 1.00 1.38 ? 14 DT  C "O4'"  1 
ATOM 1324 C "C3'"  . DT  C 2 14 ? -10.179 2.058   -23.986 1.00 1.53 ? 14 DT  C "C3'"  1 
ATOM 1325 O "O3'"  . DT  C 2 14 ? -9.566  2.915   -24.953 1.00 1.71 ? 14 DT  C "O3'"  1 
ATOM 1326 C "C2'"  . DT  C 2 14 ? -11.245 1.191   -24.630 1.00 1.47 ? 14 DT  C "C2'"  1 
ATOM 1327 C "C1'"  . DT  C 2 14 ? -10.437 0.018   -25.167 1.00 1.41 ? 14 DT  C "C1'"  1 
ATOM 1328 N N1     . DT  C 2 14 ? -11.156 -1.274  -25.183 1.00 1.29 ? 14 DT  C N1     1 
ATOM 1329 C C2     . DT  C 2 14 ? -11.065 -2.051  -26.317 1.00 1.36 ? 14 DT  C C2     1 
ATOM 1330 O O2     . DT  C 2 14 ? -10.426 -1.722  -27.303 1.00 1.51 ? 14 DT  C O2     1 
ATOM 1331 N N3     . DT  C 2 14 ? -11.751 -3.234  -26.259 1.00 1.29 ? 14 DT  C N3     1 
ATOM 1332 C C4     . DT  C 2 14 ? -12.502 -3.710  -25.206 1.00 1.17 ? 14 DT  C C4     1 
ATOM 1333 O O4     . DT  C 2 14 ? -13.056 -4.804  -25.299 1.00 1.18 ? 14 DT  C O4     1 
ATOM 1334 C C5     . DT  C 2 14 ? -12.559 -2.848  -24.046 1.00 1.13 ? 14 DT  C C5     1 
ATOM 1335 C C7     . DT  C 2 14 ? -13.367 -3.281  -22.862 1.00 1.11 ? 14 DT  C C7     1 
ATOM 1336 C C6     . DT  C 2 14 ? -11.891 -1.684  -24.086 1.00 1.19 ? 14 DT  C C6     1 
ATOM 1337 H "H5'"  . DT  C 2 14 ? -8.989  -0.400  -21.888 1.00 1.22 ? 14 DT  C "H5'"  1 
ATOM 1338 H "H5''" . DT  C 2 14 ? -8.851  1.291   -21.365 1.00 1.31 ? 14 DT  C "H5''" 1 
ATOM 1339 H "H4'"  . DT  C 2 14 ? -8.192  1.499   -23.517 1.00 1.49 ? 14 DT  C "H4'"  1 
ATOM 1340 H "H3'"  . DT  C 2 14 ? -10.584 2.663   -23.175 1.00 1.55 ? 14 DT  C "H3'"  1 
ATOM 1341 H "HO3'" . DT  C 2 14 ? -8.689  3.132   -24.627 1.00 1.74 ? 14 DT  C "HO3'" 1 
ATOM 1342 H "H2'"  . DT  C 2 14 ? -11.995 0.881   -23.904 1.00 1.39 ? 14 DT  C "H2'"  1 
ATOM 1343 H "H2''" . DT  C 2 14 ? -11.761 1.726   -25.427 1.00 1.59 ? 14 DT  C "H2''" 1 
ATOM 1344 H "H1'"  . DT  C 2 14 ? -10.075 0.224   -26.175 1.00 1.53 ? 14 DT  C "H1'"  1 
ATOM 1345 H H3     . DT  C 2 14 ? -11.705 -3.818  -27.080 1.00 1.39 ? 14 DT  C H3     1 
ATOM 1346 H H71    . DT  C 2 14 ? -13.197 -2.596  -22.031 1.00 1.53 ? 14 DT  C H71    1 
ATOM 1347 H H72    . DT  C 2 14 ? -13.071 -4.288  -22.568 1.00 1.68 ? 14 DT  C H72    1 
ATOM 1348 H H73    . DT  C 2 14 ? -14.426 -3.277  -23.123 1.00 1.27 ? 14 DT  C H73    1 
ATOM 1349 H H6     . DT  C 2 14 ? -11.927 -1.035  -23.211 1.00 1.22 ? 14 DT  C H6     1 
ATOM 1350 O "O5'"  . DA  D 3 1  ? -6.711  -11.042 -32.283 1.00 2.32 ? 15 DA  D "O5'"  1 
ATOM 1351 C "C5'"  . DA  D 3 1  ? -6.407  -10.436 -33.541 1.00 2.41 ? 15 DA  D "C5'"  1 
ATOM 1352 C "C4'"  . DA  D 3 1  ? -5.639  -9.144  -33.367 1.00 2.30 ? 15 DA  D "C4'"  1 
ATOM 1353 O "O4'"  . DA  D 3 1  ? -6.496  -8.173  -32.719 1.00 2.24 ? 15 DA  D "O4'"  1 
ATOM 1354 C "C3'"  . DA  D 3 1  ? -4.389  -9.247  -32.495 1.00 2.18 ? 15 DA  D "C3'"  1 
ATOM 1355 O "O3'"  . DA  D 3 1  ? -3.381  -8.343  -32.968 1.00 2.16 ? 15 DA  D "O3'"  1 
ATOM 1356 C "C2'"  . DA  D 3 1  ? -4.889  -8.837  -31.120 1.00 2.06 ? 15 DA  D "C2'"  1 
ATOM 1357 C "C1'"  . DA  D 3 1  ? -5.988  -7.835  -31.436 1.00 2.09 ? 15 DA  D "C1'"  1 
ATOM 1358 N N9     . DA  D 3 1  ? -7.111  -7.856  -30.494 1.00 2.06 ? 15 DA  D N9     1 
ATOM 1359 C C8     . DA  D 3 1  ? -7.821  -8.949  -30.061 1.00 2.11 ? 15 DA  D C8     1 
ATOM 1360 N N7     . DA  D 3 1  ? -8.782  -8.656  -29.219 1.00 2.08 ? 15 DA  D N7     1 
ATOM 1361 C C5     . DA  D 3 1  ? -8.701  -7.277  -29.089 1.00 2.00 ? 15 DA  D C5     1 
ATOM 1362 C C6     . DA  D 3 1  ? -9.448  -6.356  -28.336 1.00 1.95 ? 15 DA  D C6     1 
ATOM 1363 N N6     . DA  D 3 1  ? -10.466 -6.703  -27.544 1.00 1.96 ? 15 DA  D N6     1 
ATOM 1364 N N1     . DA  D 3 1  ? -9.113  -5.051  -28.426 1.00 1.90 ? 15 DA  D N1     1 
ATOM 1365 C C2     . DA  D 3 1  ? -8.092  -4.706  -29.225 1.00 1.90 ? 15 DA  D C2     1 
ATOM 1366 N N3     . DA  D 3 1  ? -7.316  -5.480  -29.981 1.00 1.95 ? 15 DA  D N3     1 
ATOM 1367 C C4     . DA  D 3 1  ? -7.676  -6.770  -29.868 1.00 1.99 ? 15 DA  D C4     1 
ATOM 1368 H "H5'"  . DA  D 3 1  ? -7.334  -10.225 -34.074 1.00 2.45 ? 15 DA  D "H5'"  1 
ATOM 1369 H "H5''" . DA  D 3 1  ? -5.808  -11.123 -34.139 1.00 2.58 ? 15 DA  D "H5''" 1 
ATOM 1370 H "H4'"  . DA  D 3 1  ? -5.305  -8.827  -34.356 1.00 2.38 ? 15 DA  D "H4'"  1 
ATOM 1371 H "H3'"  . DA  D 3 1  ? -3.990  -10.261 -32.497 1.00 2.23 ? 15 DA  D "H3'"  1 
ATOM 1372 H "H2'"  . DA  D 3 1  ? -5.258  -9.693  -30.557 1.00 2.08 ? 15 DA  D "H2'"  1 
ATOM 1373 H "H2''" . DA  D 3 1  ? -4.096  -8.375  -30.532 1.00 1.97 ? 15 DA  D "H2''" 1 
ATOM 1374 H "H1'"  . DA  D 3 1  ? -5.593  -6.820  -31.483 1.00 2.04 ? 15 DA  D "H1'"  1 
ATOM 1375 H H8     . DA  D 3 1  ? -7.608  -9.956  -30.387 1.00 2.18 ? 15 DA  D H8     1 
ATOM 1376 H H61    . DA  D 3 1  ? -10.734 -7.673  -27.463 1.00 2.01 ? 15 DA  D H61    1 
ATOM 1377 H H62    . DA  D 3 1  ? -10.965 -5.996  -27.025 1.00 1.93 ? 15 DA  D H62    1 
ATOM 1378 H H2     . DA  D 3 1  ? -7.865  -3.641  -29.260 1.00 1.88 ? 15 DA  D H2     1 
ATOM 1379 H "HO5'" . DA  D 3 1  ? -6.068  -10.714 -31.650 1.00 2.37 ? 15 DA  D "HO5'" 1 
ATOM 1380 P P      . DA  D 3 2  ? -2.010  -8.141  -32.142 1.00 2.05 ? 16 DA  D P      1 
ATOM 1381 O OP1    . DA  D 3 2  ? -0.943  -7.836  -33.128 1.00 2.08 ? 16 DA  D OP1    1 
ATOM 1382 O OP2    . DA  D 3 2  ? -1.841  -9.296  -31.223 1.00 2.03 ? 16 DA  D OP2    1 
ATOM 1383 O "O5'"  . DA  D 3 2  ? -2.275  -6.835  -31.270 1.00 1.99 ? 16 DA  D "O5'"  1 
ATOM 1384 C "C5'"  . DA  D 3 2  ? -2.711  -5.619  -31.885 1.00 2.01 ? 16 DA  D "C5'"  1 
ATOM 1385 C "C4'"  . DA  D 3 2  ? -2.635  -4.468  -30.906 1.00 1.95 ? 16 DA  D "C4'"  1 
ATOM 1386 O "O4'"  . DA  D 3 2  ? -3.743  -4.556  -29.975 1.00 1.90 ? 16 DA  D "O4'"  1 
ATOM 1387 C "C3'"  . DA  D 3 2  ? -1.378  -4.431  -30.041 1.00 1.91 ? 16 DA  D "C3'"  1 
ATOM 1388 O "O3'"  . DA  D 3 2  ? -1.048  -3.076  -29.703 1.00 1.91 ? 16 DA  D "O3'"  1 
ATOM 1389 C "C2'"  . DA  D 3 2  ? -1.794  -5.214  -28.809 1.00 1.87 ? 16 DA  D "C2'"  1 
ATOM 1390 C "C1'"  . DA  D 3 2  ? -3.271  -4.863  -28.669 1.00 1.85 ? 16 DA  D "C1'"  1 
ATOM 1391 N N9     . DA  D 3 2  ? -4.106  -5.944  -28.133 1.00 1.85 ? 16 DA  D N9     1 
ATOM 1392 C C8     . DA  D 3 2  ? -3.945  -7.295  -28.313 1.00 1.90 ? 16 DA  D C8     1 
ATOM 1393 N N7     . DA  D 3 2  ? -4.866  -8.023  -27.725 1.00 1.92 ? 16 DA  D N7     1 
ATOM 1394 C C5     . DA  D 3 2  ? -5.689  -7.089  -27.116 1.00 1.86 ? 16 DA  D C5     1 
ATOM 1395 C C6     . DA  D 3 2  ? -6.850  -7.223  -26.334 1.00 1.86 ? 16 DA  D C6     1 
ATOM 1396 N N6     . DA  D 3 2  ? -7.404  -8.399  -26.030 1.00 1.92 ? 16 DA  D N6     1 
ATOM 1397 N N1     . DA  D 3 2  ? -7.433  -6.094  -25.876 1.00 1.83 ? 16 DA  D N1     1 
ATOM 1398 C C2     . DA  D 3 2  ? -6.879  -4.914  -26.191 1.00 1.80 ? 16 DA  D C2     1 
ATOM 1399 N N3     . DA  D 3 2  ? -5.791  -4.659  -26.917 1.00 1.79 ? 16 DA  D N3     1 
ATOM 1400 C C4     . DA  D 3 2  ? -5.234  -5.803  -27.357 1.00 1.82 ? 16 DA  D C4     1 
ATOM 1401 H "H5'"  . DA  D 3 2  ? -3.742  -5.732  -32.222 1.00 2.05 ? 16 DA  D "H5'"  1 
ATOM 1402 H "H5''" . DA  D 3 2  ? -2.079  -5.396  -32.745 1.00 2.06 ? 16 DA  D "H5''" 1 
ATOM 1403 H "H4'"  . DA  D 3 2  ? -2.638  -3.545  -31.487 1.00 2.00 ? 16 DA  D "H4'"  1 
ATOM 1404 H "H3'"  . DA  D 3 2  ? -0.534  -4.892  -30.553 1.00 1.95 ? 16 DA  D "H3'"  1 
ATOM 1405 H "H2'"  . DA  D 3 2  ? -1.635  -6.282  -28.949 1.00 1.89 ? 16 DA  D "H2'"  1 
ATOM 1406 H "H2''" . DA  D 3 2  ? -1.218  -4.911  -27.936 1.00 1.85 ? 16 DA  D "H2''" 1 
ATOM 1407 H "H1'"  . DA  D 3 2  ? -3.404  -3.977  -28.046 1.00 1.84 ? 16 DA  D "H1'"  1 
ATOM 1408 H H8     . DA  D 3 2  ? -3.133  -7.722  -28.884 1.00 1.94 ? 16 DA  D H8     1 
ATOM 1409 H H61    . DA  D 3 2  ? -6.987  -9.255  -26.366 1.00 1.97 ? 16 DA  D H61    1 
ATOM 1410 H H62    . DA  D 3 2  ? -8.239  -8.433  -25.463 1.00 1.94 ? 16 DA  D H62    1 
ATOM 1411 H H2     . DA  D 3 2  ? -7.392  -4.038  -25.794 1.00 1.79 ? 16 DA  D H2     1 
ATOM 1412 P P      . DA  D 3 3  ? 0.348   -2.730  -28.977 1.00 1.86 ? 17 DA  D P      1 
ATOM 1413 O OP1    . DA  D 3 3  ? 1.111   -1.839  -29.889 1.00 2.03 ? 17 DA  D OP1    1 
ATOM 1414 O OP2    . DA  D 3 3  ? 0.973   -3.993  -28.504 1.00 1.93 ? 17 DA  D OP2    1 
ATOM 1415 O "O5'"  . DA  D 3 3  ? -0.092  -1.879  -27.706 1.00 1.63 ? 17 DA  D "O5'"  1 
ATOM 1416 C "C5'"  . DA  D 3 3  ? -1.188  -0.965  -27.787 1.00 1.55 ? 17 DA  D "C5'"  1 
ATOM 1417 C "C4'"  . DA  D 3 3  ? -1.673  -0.583  -26.405 1.00 1.43 ? 17 DA  D "C4'"  1 
ATOM 1418 O "O4'"  . DA  D 3 3  ? -2.578  -1.609  -25.917 1.00 1.33 ? 17 DA  D "O4'"  1 
ATOM 1419 C "C3'"  . DA  D 3 3  ? -0.581  -0.452  -25.342 1.00 1.42 ? 17 DA  D "C3'"  1 
ATOM 1420 O "O3'"  . DA  D 3 3  ? -0.935  0.575   -24.405 1.00 1.37 ? 17 DA  D "O3'"  1 
ATOM 1421 C "C2'"  . DA  D 3 3  ? -0.579  -1.821  -24.687 1.00 1.37 ? 17 DA  D "C2'"  1 
ATOM 1422 C "C1'"  . DA  D 3 3  ? -2.044  -2.224  -24.750 1.00 1.29 ? 17 DA  D "C1'"  1 
ATOM 1423 N N9     . DA  D 3 3  ? -2.272  -3.670  -24.859 1.00 1.33 ? 17 DA  D N9     1 
ATOM 1424 C C8     . DA  D 3 3  ? -1.509  -4.589  -25.535 1.00 1.44 ? 17 DA  D C8     1 
ATOM 1425 N N7     . DA  D 3 3  ? -1.970  -5.816  -25.466 1.00 1.49 ? 17 DA  D N7     1 
ATOM 1426 C C5     . DA  D 3 3  ? -3.115  -5.698  -24.694 1.00 1.41 ? 17 DA  D C5     1 
ATOM 1427 C C6     . DA  D 3 3  ? -4.058  -6.644  -24.255 1.00 1.46 ? 17 DA  D C6     1 
ATOM 1428 N N6     . DA  D 3 3  ? -3.996  -7.943  -24.557 1.00 1.59 ? 17 DA  D N6     1 
ATOM 1429 N N1     . DA  D 3 3  ? -5.084  -6.205  -23.495 1.00 1.42 ? 17 DA  D N1     1 
ATOM 1430 C C2     . DA  D 3 3  ? -5.148  -4.899  -23.202 1.00 1.33 ? 17 DA  D C2     1 
ATOM 1431 N N3     . DA  D 3 3  ? -4.325  -3.913  -23.556 1.00 1.27 ? 17 DA  D N3     1 
ATOM 1432 C C4     . DA  D 3 3  ? -3.315  -4.383  -24.309 1.00 1.31 ? 17 DA  D C4     1 
ATOM 1433 H "H5'"  . DA  D 3 3  ? -2.008  -1.428  -28.336 1.00 1.51 ? 17 DA  D "H5'"  1 
ATOM 1434 H "H5''" . DA  D 3 3  ? -0.873  -0.064  -28.314 1.00 1.72 ? 17 DA  D "H5''" 1 
ATOM 1435 H "H4'"  . DA  D 3 3  ? -2.144  0.397   -26.485 1.00 1.45 ? 17 DA  D "H4'"  1 
ATOM 1436 H "H3'"  . DA  D 3 3  ? 0.382   -0.213  -25.794 1.00 1.52 ? 17 DA  D "H3'"  1 
ATOM 1437 H "H2'"  . DA  D 3 3  ? 0.064   -2.516  -25.228 1.00 1.45 ? 17 DA  D "H2'"  1 
ATOM 1438 H "H2''" . DA  D 3 3  ? -0.214  -1.771  -23.663 1.00 1.33 ? 17 DA  D "H2''" 1 
ATOM 1439 H "H1'"  . DA  D 3 3  ? -2.594  -1.847  -23.887 1.00 1.21 ? 17 DA  D "H1'"  1 
ATOM 1440 H H8     . DA  D 3 3  ? -0.609  -4.328  -26.072 1.00 1.52 ? 17 DA  D H8     1 
ATOM 1441 H H61    . DA  D 3 3  ? -3.240  -8.293  -25.129 1.00 1.66 ? 17 DA  D H61    1 
ATOM 1442 H H62    . DA  D 3 3  ? -4.705  -8.576  -24.216 1.00 1.65 ? 17 DA  D H62    1 
ATOM 1443 H H2     . DA  D 3 3  ? -5.997  -4.599  -22.586 1.00 1.36 ? 17 DA  D H2     1 
ATOM 1444 P P      . DG  D 3 4  ? 0.041   0.957   -23.177 1.00 1.36 ? 18 DG  D P      1 
ATOM 1445 O OP1    . DG  D 3 4  ? 0.351   2.405   -23.294 1.00 1.56 ? 18 DG  D OP1    1 
ATOM 1446 O OP2    . DG  D 3 4  ? 1.155   -0.025  -23.113 1.00 1.39 ? 18 DG  D OP2    1 
ATOM 1447 O "O5'"  . DG  D 3 4  ? -0.882  0.751   -21.898 1.00 1.21 ? 18 DG  D "O5'"  1 
ATOM 1448 C "C5'"  . DG  D 3 4  ? -2.294  0.950   -21.989 1.00 1.32 ? 18 DG  D "C5'"  1 
ATOM 1449 C "C4'"  . DG  D 3 4  ? -2.987  0.458   -20.737 1.00 1.16 ? 18 DG  D "C4'"  1 
ATOM 1450 O "O4'"  . DG  D 3 4  ? -3.258  -0.959  -20.871 1.00 1.21 ? 18 DG  D "O4'"  1 
ATOM 1451 C "C3'"  . DG  D 3 4  ? -2.181  0.612   -19.448 1.00 1.05 ? 18 DG  D "C3'"  1 
ATOM 1452 O "O3'"  . DG  D 3 4  ? -3.064  0.877   -18.346 1.00 0.98 ? 18 DG  D "O3'"  1 
ATOM 1453 C "C2'"  . DG  D 3 4  ? -1.509  -0.742  -19.303 1.00 1.08 ? 18 DG  D "C2'"  1 
ATOM 1454 C "C1'"  . DG  D 3 4  ? -2.533  -1.698  -19.896 1.00 1.14 ? 18 DG  D "C1'"  1 
ATOM 1455 N N9     . DG  D 3 4  ? -1.954  -2.866  -20.563 1.00 1.28 ? 18 DG  D N9     1 
ATOM 1456 C C8     . DG  D 3 4  ? -0.919  -2.871  -21.461 1.00 1.51 ? 18 DG  D C8     1 
ATOM 1457 N N7     . DG  D 3 4  ? -0.625  -4.062  -21.908 1.00 1.62 ? 18 DG  D N7     1 
ATOM 1458 C C5     . DG  D 3 4  ? -1.525  -4.899  -21.261 1.00 1.46 ? 18 DG  D C5     1 
ATOM 1459 C C6     . DG  D 3 4  ? -1.690  -6.307  -21.342 1.00 1.53 ? 18 DG  D C6     1 
ATOM 1460 O O6     . DG  D 3 4  ? -1.058  -7.120  -22.031 1.00 1.71 ? 18 DG  D O6     1 
ATOM 1461 N N1     . DG  D 3 4  ? -2.721  -6.757  -20.516 1.00 1.44 ? 18 DG  D N1     1 
ATOM 1462 C C2     . DG  D 3 4  ? -3.489  -5.940  -19.718 1.00 1.32 ? 18 DG  D C2     1 
ATOM 1463 N N2     . DG  D 3 4  ? -4.431  -6.544  -18.979 1.00 1.41 ? 18 DG  D N2     1 
ATOM 1464 N N3     . DG  D 3 4  ? -3.344  -4.629  -19.637 1.00 1.20 ? 18 DG  D N3     1 
ATOM 1465 C C4     . DG  D 3 4  ? -2.352  -4.177  -20.427 1.00 1.27 ? 18 DG  D C4     1 
ATOM 1466 H "H5'"  . DG  D 3 4  ? -2.683  0.403   -22.848 1.00 1.48 ? 18 DG  D "H5'"  1 
ATOM 1467 H "H5''" . DG  D 3 4  ? -2.507  2.012   -22.118 1.00 1.52 ? 18 DG  D "H5''" 1 
ATOM 1468 H "H4'"  . DG  D 3 4  ? -3.891  1.056   -20.609 1.00 1.17 ? 18 DG  D "H4'"  1 
ATOM 1469 H "H3'"  . DG  D 3 4  ? -1.455  1.420   -19.531 1.00 1.08 ? 18 DG  D "H3'"  1 
ATOM 1470 H "H2'"  . DG  D 3 4  ? -0.560  -0.770  -19.839 1.00 1.17 ? 18 DG  D "H2'"  1 
ATOM 1471 H "H2''" . DG  D 3 4  ? -1.300  -0.969  -18.260 1.00 1.05 ? 18 DG  D "H2''" 1 
ATOM 1472 H "H1'"  . DG  D 3 4  ? -3.239  -2.040  -19.137 1.00 1.12 ? 18 DG  D "H1'"  1 
ATOM 1473 H H8     . DG  D 3 4  ? -0.393  -1.977  -21.763 1.00 1.64 ? 18 DG  D H8     1 
ATOM 1474 H H1     . DG  D 3 4  ? -2.913  -7.748  -20.502 1.00 1.54 ? 18 DG  D H1     1 
ATOM 1475 H H21    . DG  D 3 4  ? -5.022  -5.995  -18.371 1.00 1.41 ? 18 DG  D H21    1 
ATOM 1476 H H22    . DG  D 3 4  ? -4.548  -7.547  -19.024 1.00 1.54 ? 18 DG  D H22    1 
ATOM 1477 P P      . DG  D 3 5  ? -2.492  1.103   -16.859 1.00 0.97 ? 19 DG  D P      1 
ATOM 1478 O OP1    . DG  D 3 5  ? -3.079  2.365   -16.337 1.00 1.04 ? 19 DG  D OP1    1 
ATOM 1479 O OP2    . DG  D 3 5  ? -1.012  0.941   -16.864 1.00 1.13 ? 19 DG  D OP2    1 
ATOM 1480 O "O5'"  . DG  D 3 5  ? -3.110  -0.100  -16.027 1.00 0.92 ? 19 DG  D "O5'"  1 
ATOM 1481 C "C5'"  . DG  D 3 5  ? -4.364  -0.679  -16.398 1.00 0.90 ? 19 DG  D "C5'"  1 
ATOM 1482 C "C4'"  . DG  D 3 5  ? -4.569  -1.996  -15.690 1.00 0.90 ? 19 DG  D "C4'"  1 
ATOM 1483 O "O4'"  . DG  D 3 5  ? -3.940  -3.053  -16.460 1.00 0.96 ? 19 DG  D "O4'"  1 
ATOM 1484 C "C3'"  . DG  D 3 5  ? -3.954  -2.074  -14.291 1.00 0.92 ? 19 DG  D "C3'"  1 
ATOM 1485 O "O3'"  . DG  D 3 5  ? -4.810  -2.819  -13.416 1.00 0.96 ? 19 DG  D "O3'"  1 
ATOM 1486 C "C2'"  . DG  D 3 5  ? -2.642  -2.803  -14.527 1.00 0.97 ? 19 DG  D "C2'"  1 
ATOM 1487 C "C1'"  . DG  D 3 5  ? -2.997  -3.745  -15.659 1.00 0.99 ? 19 DG  D "C1'"  1 
ATOM 1488 N N9     . DG  D 3 5  ? -1.869  -4.118  -16.512 1.00 1.09 ? 19 DG  D N9     1 
ATOM 1489 C C8     . DG  D 3 5  ? -0.944  -3.277  -17.075 1.00 1.25 ? 19 DG  D C8     1 
ATOM 1490 N N7     . DG  D 3 5  ? -0.062  -3.895  -17.810 1.00 1.36 ? 19 DG  D N7     1 
ATOM 1491 C C5     . DG  D 3 5  ? -0.427  -5.232  -17.725 1.00 1.28 ? 19 DG  D C5     1 
ATOM 1492 C C6     . DG  D 3 5  ? 0.158   -6.383  -18.313 1.00 1.40 ? 19 DG  D C6     1 
ATOM 1493 O O6     . DG  D 3 5  ? 1.145   -6.450  -19.056 1.00 1.56 ? 19 DG  D O6     1 
ATOM 1494 N N1     . DG  D 3 5  ? -0.525  -7.548  -17.966 1.00 1.38 ? 19 DG  D N1     1 
ATOM 1495 C C2     . DG  D 3 5  ? -1.636  -7.585  -17.153 1.00 1.27 ? 19 DG  D C2     1 
ATOM 1496 N N2     . DG  D 3 5  ? -2.164  -8.796  -16.921 1.00 1.39 ? 19 DG  D N2     1 
ATOM 1497 N N3     . DG  D 3 5  ? -2.189  -6.519  -16.602 1.00 1.14 ? 19 DG  D N3     1 
ATOM 1498 C C4     . DG  D 3 5  ? -1.539  -5.386  -16.926 1.00 1.14 ? 19 DG  D C4     1 
ATOM 1499 H "H5'"  . DG  D 3 5  ? -4.385  -0.846  -17.475 1.00 0.89 ? 19 DG  D "H5'"  1 
ATOM 1500 H "H5''" . DG  D 3 5  ? -5.174  0.000   -16.127 1.00 0.96 ? 19 DG  D "H5''" 1 
ATOM 1501 H "H4'"  . DG  D 3 5  ? -5.643  -2.136  -15.566 1.00 0.91 ? 19 DG  D "H4'"  1 
ATOM 1502 H "H3'"  . DG  D 3 5  ? -3.799  -1.079  -13.877 1.00 0.96 ? 19 DG  D "H3'"  1 
ATOM 1503 H "H2'"  . DG  D 3 5  ? -1.848  -2.109  -14.800 1.00 1.01 ? 19 DG  D "H2'"  1 
ATOM 1504 H "H2''" . DG  D 3 5  ? -2.315  -3.342  -13.639 1.00 1.00 ? 19 DG  D "H2''" 1 
ATOM 1505 H "H1'"  . DG  D 3 5  ? -3.470  -4.653  -15.285 1.00 1.03 ? 19 DG  D "H1'"  1 
ATOM 1506 H H8     . DG  D 3 5  ? -0.941  -2.209  -16.915 1.00 1.32 ? 19 DG  D H8     1 
ATOM 1507 H H1     . DG  D 3 5  ? -0.180  -8.423  -18.335 1.00 1.50 ? 19 DG  D H1     1 
ATOM 1508 H H21    . DG  D 3 5  ? -2.980  -8.883  -16.330 1.00 1.38 ? 19 DG  D H21    1 
ATOM 1509 H H22    . DG  D 3 5  ? -1.748  -9.622  -17.328 1.00 1.52 ? 19 DG  D H22    1 
ATOM 1510 P P      . DT  D 3 6  ? -4.362  -3.110  -11.900 1.00 1.00 ? 20 DT  D P      1 
ATOM 1511 O OP1    . DT  D 3 6  ? -5.560  -2.915  -11.041 1.00 1.20 ? 20 DT  D OP1    1 
ATOM 1512 O OP2    . DT  D 3 6  ? -3.118  -2.350  -11.614 1.00 1.05 ? 20 DT  D OP2    1 
ATOM 1513 O "O5'"  . DT  D 3 6  ? -4.025  -4.658  -11.896 1.00 1.05 ? 20 DT  D "O5'"  1 
ATOM 1514 C "C5'"  . DT  D 3 6  ? -4.922  -5.594  -12.496 1.00 1.21 ? 20 DT  D "C5'"  1 
ATOM 1515 C "C4'"  . DT  D 3 6  ? -4.335  -6.983  -12.445 1.00 1.10 ? 20 DT  D "C4'"  1 
ATOM 1516 O "O4'"  . DT  D 3 6  ? -3.288  -7.082  -13.438 1.00 1.16 ? 20 DT  D "O4'"  1 
ATOM 1517 C "C3'"  . DT  D 3 6  ? -3.701  -7.357  -11.100 1.00 1.06 ? 20 DT  D "C3'"  1 
ATOM 1518 O "O3'"  . DT  D 3 6  ? -4.302  -8.556  -10.595 1.00 1.08 ? 20 DT  D "O3'"  1 
ATOM 1519 C "C2'"  . DT  D 3 6  ? -2.222  -7.565  -11.411 1.00 1.09 ? 20 DT  D "C2'"  1 
ATOM 1520 C "C1'"  . DT  D 3 6  ? -2.183  -7.786  -12.908 1.00 1.12 ? 20 DT  D "C1'"  1 
ATOM 1521 N N1     . DT  D 3 6  ? -0.958  -7.272  -13.554 1.00 1.24 ? 20 DT  D N1     1 
ATOM 1522 C C2     . DT  D 3 6  ? -0.145  -8.157  -14.230 1.00 1.40 ? 20 DT  D C2     1 
ATOM 1523 O O2     . DT  D 3 6  ? -0.392  -9.346  -14.337 1.00 1.57 ? 20 DT  D O2     1 
ATOM 1524 N N3     . DT  D 3 6  ? 0.978   -7.596  -14.778 1.00 1.53 ? 20 DT  D N3     1 
ATOM 1525 C C4     . DT  D 3 6  ? 1.362   -6.273  -14.720 1.00 1.56 ? 20 DT  D C4     1 
ATOM 1526 O O4     . DT  D 3 6  ? 2.412   -5.916  -15.252 1.00 1.73 ? 20 DT  D O4     1 
ATOM 1527 C C5     . DT  D 3 6  ? 0.464   -5.401  -13.997 1.00 1.54 ? 20 DT  D C5     1 
ATOM 1528 C C7     . DT  D 3 6  ? 0.802   -3.949  -13.879 1.00 1.86 ? 20 DT  D C7     1 
ATOM 1529 C C6     . DT  D 3 6  ? -0.639  -5.934  -13.456 1.00 1.37 ? 20 DT  D C6     1 
ATOM 1530 H "H5'"  . DT  D 3 6  ? -5.097  -5.319  -13.536 1.00 1.42 ? 20 DT  D "H5'"  1 
ATOM 1531 H "H5''" . DT  D 3 6  ? -5.871  -5.586  -11.961 1.00 1.39 ? 20 DT  D "H5''" 1 
ATOM 1532 H "H4'"  . DT  D 3 6  ? -5.151  -7.689  -12.609 1.00 1.12 ? 20 DT  D "H4'"  1 
ATOM 1533 H "H3'"  . DT  D 3 6  ? -3.847  -6.558  -10.373 1.00 1.11 ? 20 DT  D "H3'"  1 
ATOM 1534 H "H2'"  . DT  D 3 6  ? -1.628  -6.704  -11.105 1.00 1.17 ? 20 DT  D "H2'"  1 
ATOM 1535 H "H2''" . DT  D 3 6  ? -1.822  -8.439  -10.900 1.00 1.11 ? 20 DT  D "H2''" 1 
ATOM 1536 H "H1'"  . DT  D 3 6  ? -2.298  -8.843  -13.157 1.00 1.13 ? 20 DT  D "H1'"  1 
ATOM 1537 H H3     . DT  D 3 6  ? 1.593   -8.224  -15.276 1.00 1.71 ? 20 DT  D H3     1 
ATOM 1538 H H71    . DT  D 3 6  ? 1.792   -3.839  -13.437 1.00 1.96 ? 20 DT  D H71    1 
ATOM 1539 H H72    . DT  D 3 6  ? 0.794   -3.494  -14.870 1.00 2.34 ? 20 DT  D H72    1 
ATOM 1540 H H73    . DT  D 3 6  ? 0.065   -3.456  -13.246 1.00 2.22 ? 20 DT  D H73    1 
ATOM 1541 H H6     . DT  D 3 6  ? -1.321  -5.278  -12.915 1.00 1.46 ? 20 DT  D H6     1 
ATOM 1542 P P      . DG  D 3 7  ? -3.641  -9.347  -9.358  1.00 1.12 ? 21 DG  D P      1 
ATOM 1543 O OP1    . DG  D 3 7  ? -4.748  -9.972  -8.596  1.00 1.56 ? 21 DG  D OP1    1 
ATOM 1544 O OP2    . DG  D 3 7  ? -2.692  -8.438  -8.660  1.00 1.36 ? 21 DG  D OP2    1 
ATOM 1545 O "O5'"  . DG  D 3 7  ? -2.810  -10.500 -10.061 1.00 0.88 ? 21 DG  D "O5'"  1 
ATOM 1546 C "C5'"  . DG  D 3 7  ? -3.470  -11.483 -10.864 1.00 0.96 ? 21 DG  D "C5'"  1 
ATOM 1547 C "C4'"  . DG  D 3 7  ? -2.833  -12.836 -10.660 1.00 0.96 ? 21 DG  D "C4'"  1 
ATOM 1548 O "O4'"  . DG  D 3 7  ? -1.606  -12.895 -11.421 1.00 0.96 ? 21 DG  D "O4'"  1 
ATOM 1549 C "C3'"  . DG  D 3 7  ? -2.430  -13.148 -9.225  1.00 0.89 ? 21 DG  D "C3'"  1 
ATOM 1550 O "O3'"  . DG  D 3 7  ? -2.437  -14.567 -9.001  1.00 1.02 ? 21 DG  D "O3'"  1 
ATOM 1551 C "C2'"  . DG  D 3 7  ? -1.025  -12.575 -9.141  1.00 0.82 ? 21 DG  D "C2'"  1 
ATOM 1552 C "C1'"  . DG  D 3 7  ? -0.488  -12.715 -10.563 1.00 0.89 ? 21 DG  D "C1'"  1 
ATOM 1553 N N9     . DG  D 3 7  ? 0.257   -11.545 -11.035 1.00 0.85 ? 21 DG  D N9     1 
ATOM 1554 C C8     . DG  D 3 7  ? -0.007  -10.228 -10.751 1.00 0.84 ? 21 DG  D C8     1 
ATOM 1555 N N7     . DG  D 3 7  ? 0.834   -9.400  -11.306 1.00 0.85 ? 21 DG  D N7     1 
ATOM 1556 C C5     . DG  D 3 7  ? 1.711   -10.220 -12.003 1.00 0.87 ? 21 DG  D C5     1 
ATOM 1557 C C6     . DG  D 3 7  ? 2.837   -9.891  -12.802 1.00 0.94 ? 21 DG  D C6     1 
ATOM 1558 O O6     . DG  D 3 7  ? 3.295   -8.770  -13.057 1.00 1.00 ? 21 DG  D O6     1 
ATOM 1559 N N1     . DG  D 3 7  ? 3.451   -11.026 -13.328 1.00 1.01 ? 21 DG  D N1     1 
ATOM 1560 C C2     . DG  D 3 7  ? 3.023   -12.316 -13.106 1.00 1.00 ? 21 DG  D C2     1 
ATOM 1561 N N2     . DG  D 3 7  ? 3.734   -13.286 -13.697 1.00 1.11 ? 21 DG  D N2     1 
ATOM 1562 N N3     . DG  D 3 7  ? 1.974   -12.634 -12.362 1.00 0.93 ? 21 DG  D N3     1 
ATOM 1563 C C4     . DG  D 3 7  ? 1.369   -11.547 -11.846 1.00 0.87 ? 21 DG  D C4     1 
ATOM 1564 H "H5'"  . DG  D 3 7  ? -3.392  -11.208 -11.916 1.00 0.97 ? 21 DG  D "H5'"  1 
ATOM 1565 H "H5''" . DG  D 3 7  ? -4.523  -11.539 -10.587 1.00 1.19 ? 21 DG  D "H5''" 1 
ATOM 1566 H "H4'"  . DG  D 3 7  ? -3.560  -13.593 -10.955 1.00 1.11 ? 21 DG  D "H4'"  1 
ATOM 1567 H "H3'"  . DG  D 3 7  ? -3.106  -12.670 -8.515  1.00 0.89 ? 21 DG  D "H3'"  1 
ATOM 1568 H "H2'"  . DG  D 3 7  ? -1.045  -11.538 -8.811  1.00 0.76 ? 21 DG  D "H2'"  1 
ATOM 1569 H "H2''" . DG  D 3 7  ? -0.409  -13.130 -8.435  1.00 0.88 ? 21 DG  D "H2''" 1 
ATOM 1570 H "H1'"  . DG  D 3 7  ? 0.151   -13.594 -10.656 1.00 1.03 ? 21 DG  D "H1'"  1 
ATOM 1571 H H8     . DG  D 3 7  ? -0.830  -9.911  -10.127 1.00 0.87 ? 21 DG  D H8     1 
ATOM 1572 H H1     . DG  D 3 7  ? 4.266   -10.893 -13.913 1.00 1.09 ? 21 DG  D H1     1 
ATOM 1573 H H21    . DG  D 3 7  ? 3.469   -14.254 -13.573 1.00 1.13 ? 21 DG  D H21    1 
ATOM 1574 H H22    . DG  D 3 7  ? 4.534   -13.052 -14.269 1.00 1.19 ? 21 DG  D H22    1 
ATOM 1575 P P      . DC  D 3 8  ? -1.754  -15.198 -7.684  1.00 1.06 ? 22 DC  D P      1 
ATOM 1576 O OP1    . DC  D 3 8  ? -2.570  -16.370 -7.271  1.00 1.20 ? 22 DC  D OP1    1 
ATOM 1577 O OP2    . DC  D 3 8  ? -1.489  -14.108 -6.708  1.00 1.15 ? 22 DC  D OP2    1 
ATOM 1578 O "O5'"  . DC  D 3 8  ? -0.356  -15.735 -8.220  1.00 1.12 ? 22 DC  D "O5'"  1 
ATOM 1579 C "C5'"  . DC  D 3 8  ? -0.258  -16.318 -9.522  1.00 1.08 ? 22 DC  D "C5'"  1 
ATOM 1580 C "C4'"  . DC  D 3 8  ? 1.100   -16.948 -9.729  1.00 1.17 ? 22 DC  D "C4'"  1 
ATOM 1581 O "O4'"  . DC  D 3 8  ? 1.989   -15.980 -10.337 1.00 1.07 ? 22 DC  D "O4'"  1 
ATOM 1582 C "C3'"  . DC  D 3 8  ? 1.800   -17.420 -8.457  1.00 1.36 ? 22 DC  D "C3'"  1 
ATOM 1583 O "O3'"  . DC  D 3 8  ? 2.574   -18.589 -8.735  1.00 1.57 ? 22 DC  D "O3'"  1 
ATOM 1584 C "C2'"  . DC  D 3 8  ? 2.695   -16.248 -8.096  1.00 1.25 ? 22 DC  D "C2'"  1 
ATOM 1585 C "C1'"  . DC  D 3 8  ? 3.049   -15.646 -9.449  1.00 1.07 ? 22 DC  D "C1'"  1 
ATOM 1586 N N1     . DC  D 3 8  ? 3.172   -14.179 -9.443  1.00 0.93 ? 22 DC  D N1     1 
ATOM 1587 C C2     . DC  D 3 8  ? 4.302   -13.573 -10.010 1.00 0.91 ? 22 DC  D C2     1 
ATOM 1588 O O2     . DC  D 3 8  ? 5.187   -14.285 -10.508 1.00 1.03 ? 22 DC  D O2     1 
ATOM 1589 N N3     . DC  D 3 8  ? 4.397   -12.223 -10.006 1.00 0.89 ? 22 DC  D N3     1 
ATOM 1590 C C4     . DC  D 3 8  ? 3.422   -11.486 -9.466  1.00 0.96 ? 22 DC  D C4     1 
ATOM 1591 N N4     . DC  D 3 8  ? 3.560   -10.157 -9.495  1.00 1.10 ? 22 DC  D N4     1 
ATOM 1592 C C5     . DC  D 3 8  ? 2.262   -12.083 -8.883  1.00 1.04 ? 22 DC  D C5     1 
ATOM 1593 C C6     . DC  D 3 8  ? 2.187   -13.415 -8.894  1.00 0.98 ? 22 DC  D C6     1 
ATOM 1594 H "H5'"  . DC  D 3 8  ? -0.413  -15.548 -10.278 1.00 1.06 ? 22 DC  D "H5'"  1 
ATOM 1595 H "H5''" . DC  D 3 8  ? -1.026  -17.085 -9.636  1.00 1.12 ? 22 DC  D "H5''" 1 
ATOM 1596 H "H4'"  . DC  D 3 8  ? 0.954   -17.837 -10.346 1.00 1.28 ? 22 DC  D "H4'"  1 
ATOM 1597 H "H3'"  . DC  D 3 8  ? 1.081   -17.643 -7.670  1.00 1.47 ? 22 DC  D "H3'"  1 
ATOM 1598 H "H2'"  . DC  D 3 8  ? 2.178   -15.540 -7.449  1.00 1.24 ? 22 DC  D "H2'"  1 
ATOM 1599 H "H2''" . DC  D 3 8  ? 3.587   -16.581 -7.566  1.00 1.38 ? 22 DC  D "H2''" 1 
ATOM 1600 H "H1'"  . DC  D 3 8  ? 3.972   -16.074 -9.844  1.00 1.16 ? 22 DC  D "H1'"  1 
ATOM 1601 H H41    . DC  D 3 8  ? 2.843   -9.564  -9.104  1.00 1.27 ? 22 DC  D H41    1 
ATOM 1602 H H42    . DC  D 3 8  ? 4.385   -9.744  -9.909  1.00 1.10 ? 22 DC  D H42    1 
ATOM 1603 H H5     . DC  D 3 8  ? 1.464   -11.483 -8.445  1.00 1.22 ? 22 DC  D H5     1 
ATOM 1604 H H6     . DC  D 3 8  ? 1.317   -13.903 -8.453  1.00 1.09 ? 22 DC  D H6     1 
ATOM 1605 P P      . DA  D 3 9  ? 3.208   -19.458 -7.536  1.00 1.81 ? 23 DA  D P      1 
ATOM 1606 O OP1    . DA  D 3 9  ? 2.395   -20.694 -7.400  1.00 2.14 ? 23 DA  D OP1    1 
ATOM 1607 O OP2    . DA  D 3 9  ? 3.410   -18.579 -6.354  1.00 1.87 ? 23 DA  D OP2    1 
ATOM 1608 O "O5'"  . DA  D 3 9  ? 4.634   -19.871 -8.101  1.00 1.79 ? 23 DA  D "O5'"  1 
ATOM 1609 C "C5'"  . DA  D 3 9  ? 4.902   -19.814 -9.504  1.00 1.86 ? 23 DA  D "C5'"  1 
ATOM 1610 C "C4'"  . DA  D 3 9  ? 6.354   -19.477 -9.752  1.00 1.83 ? 23 DA  D "C4'"  1 
ATOM 1611 O "O4'"  . DA  D 3 9  ? 6.511   -18.034 -9.798  1.00 1.63 ? 23 DA  D "O4'"  1 
ATOM 1612 C "C3'"  . DA  D 3 9  ? 7.323   -19.966 -8.677  1.00 1.93 ? 23 DA  D "C3'"  1 
ATOM 1613 O "O3'"  . DA  D 3 9  ? 8.567   -20.339 -9.281  1.00 2.02 ? 23 DA  D "O3'"  1 
ATOM 1614 C "C2'"  . DA  D 3 9  ? 7.485   -18.746 -7.790  1.00 1.79 ? 23 DA  D "C2'"  1 
ATOM 1615 C "C1'"  . DA  D 3 9  ? 7.434   -17.617 -8.802  1.00 1.59 ? 23 DA  D "C1'"  1 
ATOM 1616 N N9     . DA  D 3 9  ? 6.977   -16.331 -8.266  1.00 1.44 ? 23 DA  D N9     1 
ATOM 1617 C C8     . DA  D 3 9  ? 5.985   -16.109 -7.342  1.00 1.52 ? 23 DA  D C8     1 
ATOM 1618 N N7     . DA  D 3 9  ? 5.786   -14.839 -7.072  1.00 1.42 ? 23 DA  D N7     1 
ATOM 1619 C C5     . DA  D 3 9  ? 6.709   -14.182 -7.871  1.00 1.24 ? 23 DA  D C5     1 
ATOM 1620 C C6     . DA  D 3 9  ? 7.005   -12.819 -8.049  1.00 1.13 ? 23 DA  D C6     1 
ATOM 1621 N N6     . DA  D 3 9  ? 6.367   -11.833 -7.413  1.00 1.19 ? 23 DA  D N6     1 
ATOM 1622 N N1     . DA  D 3 9  ? 7.985   -12.497 -8.920  1.00 1.06 ? 23 DA  D N1     1 
ATOM 1623 C C2     . DA  D 3 9  ? 8.617   -13.484 -9.567  1.00 1.11 ? 23 DA  D C2     1 
ATOM 1624 N N3     . DA  D 3 9  ? 8.430   -14.799 -9.486  1.00 1.21 ? 23 DA  D N3     1 
ATOM 1625 C C4     . DA  D 3 9  ? 7.450   -15.087 -8.611  1.00 1.26 ? 23 DA  D C4     1 
ATOM 1626 H "H5'"  . DA  D 3 9  ? 4.276   -19.050 -9.964  1.00 1.77 ? 23 DA  D "H5'"  1 
ATOM 1627 H "H5''" . DA  D 3 9  ? 4.678   -20.779 -9.957  1.00 2.22 ? 23 DA  D "H5''" 1 
ATOM 1628 H "H4'"  . DA  D 3 9  ? 6.648   -19.969 -10.680 1.00 1.94 ? 23 DA  D "H4'"  1 
ATOM 1629 H "H3'"  . DA  D 3 9  ? 6.914   -20.818 -8.132  1.00 2.07 ? 23 DA  D "H3'"  1 
ATOM 1630 H "H2'"  . DA  D 3 9  ? 6.679   -18.681 -7.058  1.00 1.83 ? 23 DA  D "H2'"  1 
ATOM 1631 H "H2''" . DA  D 3 9  ? 8.422   -18.777 -7.236  1.00 1.86 ? 23 DA  D "H2''" 1 
ATOM 1632 H "H1'"  . DA  D 3 9  ? 8.404   -17.474 -9.280  1.00 1.59 ? 23 DA  D "H1'"  1 
ATOM 1633 H H8     . DA  D 3 9  ? 5.425   -16.905 -6.877  1.00 1.70 ? 23 DA  D H8     1 
ATOM 1634 H H61    . DA  D 3 9  ? 5.625   -12.050 -6.764  1.00 1.31 ? 23 DA  D H61    1 
ATOM 1635 H H62    . DA  D 3 9  ? 6.629   -10.872 -7.580  1.00 1.17 ? 23 DA  D H62    1 
ATOM 1636 H H2     . DA  D 3 9  ? 9.397   -13.166 -10.258 1.00 1.14 ? 23 DA  D H2     1 
ATOM 1637 P P      . DA  D 3 10 ? 9.730   -21.031 -8.412  1.00 2.13 ? 24 DA  D P      1 
ATOM 1638 O OP1    . DA  D 3 10 ? 9.885   -22.425 -8.899  1.00 2.44 ? 24 DA  D OP1    1 
ATOM 1639 O OP2    . DA  D 3 10 ? 9.471   -20.787 -6.970  1.00 2.21 ? 24 DA  D OP2    1 
ATOM 1640 O "O5'"  . DA  D 3 10 ? 11.027  -20.214 -8.828  1.00 1.93 ? 24 DA  D "O5'"  1 
ATOM 1641 C "C5'"  . DA  D 3 10 ? 11.094  -19.549 -10.094 1.00 1.93 ? 24 DA  D "C5'"  1 
ATOM 1642 C "C4'"  . DA  D 3 10 ? 12.326  -18.676 -10.164 1.00 1.85 ? 24 DA  D "C4'"  1 
ATOM 1643 O "O4'"  . DA  D 3 10 ? 11.974  -17.324 -9.775  1.00 1.65 ? 24 DA  D "O4'"  1 
ATOM 1644 C "C3'"  . DA  D 3 10 ? 13.450  -19.086 -9.221  1.00 1.91 ? 24 DA  D "C3'"  1 
ATOM 1645 O "O3'"  . DA  D 3 10 ? 14.720  -18.689 -9.750  1.00 1.94 ? 24 DA  D "O3'"  1 
ATOM 1646 C "C2'"  . DA  D 3 10 ? 13.121  -18.310 -7.965  1.00 1.76 ? 24 DA  D "C2'"  1 
ATOM 1647 C "C1'"  . DA  D 3 10 ? 12.569  -17.006 -8.523  1.00 1.58 ? 24 DA  D "C1'"  1 
ATOM 1648 N N9     . DA  D 3 10 ? 11.544  -16.378 -7.684  1.00 1.49 ? 24 DA  D N9     1 
ATOM 1649 C C8     . DA  D 3 10 ? 10.428  -16.967 -7.144  1.00 1.65 ? 24 DA  D C8     1 
ATOM 1650 N N7     . DA  D 3 10 ? 9.684   -16.147 -6.441  1.00 1.59 ? 24 DA  D N7     1 
ATOM 1651 C C5     . DA  D 3 10 ? 10.355  -14.937 -6.521  1.00 1.38 ? 24 DA  D C5     1 
ATOM 1652 C C6     . DA  D 3 10 ? 10.079  -13.666 -5.987  1.00 1.33 ? 24 DA  D C6     1 
ATOM 1653 N N6     . DA  D 3 10 ? 9.007   -13.395 -5.241  1.00 1.43 ? 24 DA  D N6     1 
ATOM 1654 N N1     . DA  D 3 10 ? 10.950  -12.669 -6.254  1.00 1.31 ? 24 DA  D N1     1 
ATOM 1655 C C2     . DA  D 3 10 ? 12.024  -12.941 -7.010  1.00 1.31 ? 24 DA  D C2     1 
ATOM 1656 N N3     . DA  D 3 10 ? 12.389  -14.093 -7.569  1.00 1.31 ? 24 DA  D N3     1 
ATOM 1657 C C4     . DA  D 3 10 ? 11.503  -15.062 -7.284  1.00 1.34 ? 24 DA  D C4     1 
ATOM 1658 H "H5'"  . DA  D 3 10 ? 10.208  -18.927 -10.225 1.00 1.87 ? 24 DA  D "H5'"  1 
ATOM 1659 H "H5''" . DA  D 3 10 ? 11.133  -20.287 -10.894 1.00 2.18 ? 24 DA  D "H5''" 1 
ATOM 1660 H "H4'"  . DA  D 3 10 ? 12.723  -18.744 -11.177 1.00 1.96 ? 24 DA  D "H4'"  1 
ATOM 1661 H "H3'"  . DA  D 3 10 ? 13.450  -20.163 -9.051  1.00 2.09 ? 24 DA  D "H3'"  1 
ATOM 1662 H "H2'"  . DA  D 3 10 ? 12.390  -18.841 -7.355  1.00 1.83 ? 24 DA  D "H2'"  1 
ATOM 1663 H "H2''" . DA  D 3 10 ? 14.008  -18.161 -7.354  1.00 1.78 ? 24 DA  D "H2''" 1 
ATOM 1664 H "H1'"  . DA  D 3 10 ? 13.367  -16.285 -8.701  1.00 1.54 ? 24 DA  D "H1'"  1 
ATOM 1665 H H8     . DA  D 3 10 ? 10.187  -18.010 -7.286  1.00 1.86 ? 24 DA  D H8     1 
ATOM 1666 H H61    . DA  D 3 10 ? 8.340   -14.125 -5.033  1.00 1.55 ? 24 DA  D H61    1 
ATOM 1667 H H62    . DA  D 3 10 ? 8.861   -12.462 -4.885  1.00 1.45 ? 24 DA  D H62    1 
ATOM 1668 H H2     . DA  D 3 10 ? 12.693  -12.100 -7.193  1.00 1.42 ? 24 DA  D H2     1 
ATOM 1669 P P      . DC  D 3 11 ? 16.077  -19.058 -8.966  1.00 1.97 ? 25 DC  D P      1 
ATOM 1670 O OP1    . DC  D 3 11 ? 16.959  -19.779 -9.914  1.00 2.21 ? 25 DC  D OP1    1 
ATOM 1671 O OP2    . DC  D 3 11 ? 15.721  -19.685 -7.662  1.00 2.08 ? 25 DC  D OP2    1 
ATOM 1672 O "O5'"  . DC  D 3 11 ? 16.726  -17.640 -8.661  1.00 1.72 ? 25 DC  D "O5'"  1 
ATOM 1673 C "C5'"  . DC  D 3 11 ? 16.711  -16.604 -9.644  1.00 1.67 ? 25 DC  D "C5'"  1 
ATOM 1674 C "C4'"  . DC  D 3 11 ? 17.379  -15.362 -9.105  1.00 1.50 ? 25 DC  D "C4'"  1 
ATOM 1675 O "O4'"  . DC  D 3 11 ? 16.434  -14.636 -8.282  1.00 1.38 ? 25 DC  D "O4'"  1 
ATOM 1676 C "C3'"  . DC  D 3 11 ? 18.586  -15.623 -8.207  1.00 1.47 ? 25 DC  D "C3'"  1 
ATOM 1677 O "O3'"  . DC  D 3 11 ? 19.522  -14.544 -8.300  1.00 1.42 ? 25 DC  D "O3'"  1 
ATOM 1678 C "C2'"  . DC  D 3 11 ? 17.971  -15.681 -6.824  1.00 1.41 ? 25 DC  D "C2'"  1 
ATOM 1679 C "C1'"  . DC  D 3 11 ? 16.832  -14.674 -6.918  1.00 1.33 ? 25 DC  D "C1'"  1 
ATOM 1680 N N1     . DC  D 3 11 ? 15.647  -15.022 -6.114  1.00 1.39 ? 25 DC  D N1     1 
ATOM 1681 C C2     . DC  D 3 11 ? 15.064  -14.045 -5.296  1.00 1.34 ? 25 DC  D C2     1 
ATOM 1682 O O2     . DC  D 3 11 ? 15.565  -12.914 -5.255  1.00 1.31 ? 25 DC  D O2     1 
ATOM 1683 N N3     . DC  D 3 11 ? 13.967  -14.363 -4.567  1.00 1.46 ? 25 DC  D N3     1 
ATOM 1684 C C4     . DC  D 3 11 ? 13.454  -15.595 -4.633  1.00 1.60 ? 25 DC  D C4     1 
ATOM 1685 N N4     . DC  D 3 11 ? 12.369  -15.857 -3.897  1.00 1.75 ? 25 DC  D N4     1 
ATOM 1686 C C5     . DC  D 3 11 ? 14.029  -16.607 -5.459  1.00 1.71 ? 25 DC  D C5     1 
ATOM 1687 C C6     . DC  D 3 11 ? 15.113  -16.278 -6.172  1.00 1.61 ? 25 DC  D C6     1 
ATOM 1688 H "H5'"  . DC  D 3 11 ? 15.681  -16.367 -9.911  1.00 1.61 ? 25 DC  D "H5'"  1 
ATOM 1689 H "H5''" . DC  D 3 11 ? 17.243  -16.937 -10.536 1.00 1.92 ? 25 DC  D "H5''" 1 
ATOM 1690 H "H4'"  . DC  D 3 11 ? 17.741  -14.784 -9.957  1.00 1.58 ? 25 DC  D "H4'"  1 
ATOM 1691 H "H3'"  . DC  D 3 11 ? 19.083  -16.555 -8.474  1.00 1.61 ? 25 DC  D "H3'"  1 
ATOM 1692 H "H2'"  . DC  D 3 11 ? 17.618  -16.684 -6.590  1.00 1.53 ? 25 DC  D "H2'"  1 
ATOM 1693 H "H2''" . DC  D 3 11 ? 18.692  -15.400 -6.060  1.00 1.38 ? 25 DC  D "H2''" 1 
ATOM 1694 H "H1'"  . DC  D 3 11 ? 17.167  -13.676 -6.634  1.00 1.29 ? 25 DC  D "H1'"  1 
ATOM 1695 H H41    . DC  D 3 11 ? 11.948  -16.776 -3.922  1.00 1.91 ? 25 DC  D H41    1 
ATOM 1696 H H42    . DC  D 3 11 ? 11.965  -15.135 -3.318  1.00 1.76 ? 25 DC  D H42    1 
ATOM 1697 H H5     . DC  D 3 11 ? 13.602  -17.610 -5.515  1.00 1.94 ? 25 DC  D H5     1 
ATOM 1698 H H6     . DC  D 3 11 ? 15.577  -17.028 -6.812  1.00 1.78 ? 25 DC  D H6     1 
ATOM 1699 P P      . DC  D 3 12 ? 20.996  -14.691 -7.667  1.00 1.37 ? 26 DC  D P      1 
ATOM 1700 O OP1    . DC  D 3 12 ? 21.939  -14.936 -8.785  1.00 1.51 ? 26 DC  D OP1    1 
ATOM 1701 O OP2    . DC  D 3 12 ? 20.937  -15.654 -6.533  1.00 1.42 ? 26 DC  D OP2    1 
ATOM 1702 O "O5'"  . DC  D 3 12 ? 21.301  -13.250 -7.068  1.00 1.22 ? 26 DC  D "O5'"  1 
ATOM 1703 C "C5'"  . DC  D 3 12 ? 20.720  -12.078 -7.642  1.00 1.26 ? 26 DC  D "C5'"  1 
ATOM 1704 C "C4'"  . DC  D 3 12 ? 20.496  -11.030 -6.578  1.00 1.08 ? 26 DC  D "C4'"  1 
ATOM 1705 O "O4'"  . DC  D 3 12 ? 19.355  -11.414 -5.771  1.00 1.01 ? 26 DC  D "O4'"  1 
ATOM 1706 C "C3'"  . DC  D 3 12 ? 21.660  -10.842 -5.605  1.00 1.08 ? 26 DC  D "C3'"  1 
ATOM 1707 O "O3'"  . DC  D 3 12 ? 21.787  -9.461  -5.242  1.00 1.04 ? 26 DC  D "O3'"  1 
ATOM 1708 C "C2'"  . DC  D 3 12 ? 21.258  -11.681 -4.406  1.00 1.05 ? 26 DC  D "C2'"  1 
ATOM 1709 C "C1'"  . DC  D 3 12 ? 19.740  -11.575 -4.413  1.00 0.98 ? 26 DC  D "C1'"  1 
ATOM 1710 N N1     . DC  D 3 12 ? 19.036  -12.762 -3.884  1.00 1.04 ? 26 DC  D N1     1 
ATOM 1711 C C2     . DC  D 3 12 ? 17.886  -12.587 -3.098  1.00 1.02 ? 26 DC  D C2     1 
ATOM 1712 O O2     . DC  D 3 12 ? 17.490  -11.438 -2.849  1.00 1.01 ? 26 DC  D O2     1 
ATOM 1713 N N3     . DC  D 3 12 ? 17.240  -13.677 -2.622  1.00 1.13 ? 26 DC  D N3     1 
ATOM 1714 C C4     . DC  D 3 12 ? 17.698  -14.901 -2.900  1.00 1.26 ? 26 DC  D C4     1 
ATOM 1715 N N4     . DC  D 3 12 ? 17.022  -15.944 -2.406  1.00 1.40 ? 26 DC  D N4     1 
ATOM 1716 C C5     . DC  D 3 12 ? 18.866  -15.108 -3.695  1.00 1.33 ? 26 DC  D C5     1 
ATOM 1717 C C6     . DC  D 3 12 ? 19.493  -14.022 -4.160  1.00 1.22 ? 26 DC  D C6     1 
ATOM 1718 H "H5'"  . DC  D 3 12 ? 19.765  -12.329 -8.102  1.00 1.40 ? 26 DC  D "H5'"  1 
ATOM 1719 H "H5''" . DC  D 3 12 ? 21.388  -11.677 -8.405  1.00 1.47 ? 26 DC  D "H5''" 1 
ATOM 1720 H "H4'"  . DC  D 3 12 ? 20.358  -10.075 -7.086  1.00 1.09 ? 26 DC  D "H4'"  1 
ATOM 1721 H "H3'"  . DC  D 3 12 ? 22.598  -11.184 -6.044  1.00 1.20 ? 26 DC  D "H3'"  1 
ATOM 1722 H "H2'"  . DC  D 3 12 ? 21.603  -12.708 -4.513  1.00 1.15 ? 26 DC  D "H2'"  1 
ATOM 1723 H "H2''" . DC  D 3 12 ? 21.690  -11.288 -3.488  1.00 1.06 ? 26 DC  D "H2''" 1 
ATOM 1724 H "H1'"  . DC  D 3 12 ? 19.405  -10.696 -3.861  1.00 0.94 ? 26 DC  D "H1'"  1 
ATOM 1725 H H41    . DC  D 3 12 ? 17.336  -16.886 -2.591  1.00 1.54 ? 26 DC  D H41    1 
ATOM 1726 H H42    . DC  D 3 12 ? 16.200  -15.788 -1.841  1.00 1.40 ? 26 DC  D H42    1 
ATOM 1727 H H5     . DC  D 3 12 ? 19.239  -16.109 -3.916  1.00 1.52 ? 26 DC  D H5     1 
ATOM 1728 H H6     . DC  D 3 12 ? 20.384  -14.148 -4.775  1.00 1.33 ? 26 DC  D H6     1 
ATOM 1729 P P      . DG  D 3 13 ? 23.016  -8.975  -4.317  1.00 1.15 ? 27 DG  D P      1 
ATOM 1730 O OP1    . DG  D 3 13 ? 23.647  -7.809  -4.989  1.00 1.36 ? 27 DG  D OP1    1 
ATOM 1731 O OP2    . DG  D 3 13 ? 23.848  -10.154 -3.964  1.00 1.19 ? 27 DG  D OP2    1 
ATOM 1732 O "O5'"  . DG  D 3 13 ? 22.312  -8.457  -2.988  1.00 1.19 ? 27 DG  D "O5'"  1 
ATOM 1733 C "C5'"  . DG  D 3 13 ? 21.077  -7.740  -3.046  1.00 1.16 ? 27 DG  D "C5'"  1 
ATOM 1734 C "C4'"  . DG  D 3 13 ? 20.681  -7.259  -1.666  1.00 1.16 ? 27 DG  D "C4'"  1 
ATOM 1735 O "O4'"  . DG  D 3 13 ? 19.738  -8.200  -1.090  1.00 1.09 ? 27 DG  D "O4'"  1 
ATOM 1736 C "C3'"  . DG  D 3 13 ? 21.829  -7.163  -0.663  1.00 1.21 ? 27 DG  D "C3'"  1 
ATOM 1737 O "O3'"  . DG  D 3 13 ? 21.580  -6.106  0.277   1.00 1.28 ? 27 DG  D "O3'"  1 
ATOM 1738 C "C2'"  . DG  D 3 13 ? 21.794  -8.521  0.011   1.00 1.14 ? 27 DG  D "C2'"  1 
ATOM 1739 C "C1'"  . DG  D 3 13 ? 20.304  -8.827  0.052   1.00 1.07 ? 27 DG  D "C1'"  1 
ATOM 1740 N N9     . DG  D 3 13 ? 19.977  -10.253 -0.011  1.00 1.02 ? 27 DG  D N9     1 
ATOM 1741 C C8     . DG  D 3 13 ? 20.419  -11.158 -0.941  1.00 1.04 ? 27 DG  D C8     1 
ATOM 1742 N N7     . DG  D 3 13 ? 19.940  -12.359 -0.766  1.00 1.05 ? 27 DG  D N7     1 
ATOM 1743 C C5     . DG  D 3 13 ? 19.128  -12.242 0.354   1.00 1.04 ? 27 DG  D C5     1 
ATOM 1744 C C6     . DG  D 3 13 ? 18.341  -13.217 1.024   1.00 1.10 ? 27 DG  D C6     1 
ATOM 1745 O O6     . DG  D 3 13 ? 18.198  -14.414 0.740   1.00 1.17 ? 27 DG  D O6     1 
ATOM 1746 N N1     . DG  D 3 13 ? 17.669  -12.680 2.120   1.00 1.13 ? 27 DG  D N1     1 
ATOM 1747 C C2     . DG  D 3 13 ? 17.753  -11.362 2.514   1.00 1.12 ? 27 DG  D C2     1 
ATOM 1748 N N2     . DG  D 3 13 ? 17.033  -11.018 3.590   1.00 1.21 ? 27 DG  D N2     1 
ATOM 1749 N N3     . DG  D 3 13 ? 18.485  -10.446 1.897   1.00 1.07 ? 27 DG  D N3     1 
ATOM 1750 C C4     . DG  D 3 13 ? 19.141  -10.950 0.833   1.00 1.02 ? 27 DG  D C4     1 
ATOM 1751 H "H5'"  . DG  D 3 13 ? 20.294  -8.390  -3.434  1.00 1.17 ? 27 DG  D "H5'"  1 
ATOM 1752 H "H5''" . DG  D 3 13 ? 21.185  -6.879  -3.705  1.00 1.18 ? 27 DG  D "H5''" 1 
ATOM 1753 H "H4'"  . DG  D 3 13 ? 20.274  -6.254  -1.773  1.00 1.22 ? 27 DG  D "H4'"  1 
ATOM 1754 H "H3'"  . DG  D 3 13 ? 22.778  -6.981  -1.167  1.00 1.27 ? 27 DG  D "H3'"  1 
ATOM 1755 H "H2'"  . DG  D 3 13 ? 22.351  -9.260  -0.564  1.00 1.14 ? 27 DG  D "H2'"  1 
ATOM 1756 H "H2''" . DG  D 3 13 ? 22.237  -8.481  1.003   1.00 1.16 ? 27 DG  D "H2''" 1 
ATOM 1757 H "H1'"  . DG  D 3 13 ? 19.839  -8.399  0.942   1.00 1.09 ? 27 DG  D "H1'"  1 
ATOM 1758 H H8     . DG  D 3 13 ? 21.099  -10.901 -1.740  1.00 1.09 ? 27 DG  D H8     1 
ATOM 1759 H H1     . DG  D 3 13 ? 17.078  -13.298 2.661   1.00 1.21 ? 27 DG  D H1     1 
ATOM 1760 H H21    . DG  D 3 13 ? 17.050  -10.065 3.925   1.00 1.24 ? 27 DG  D H21    1 
ATOM 1761 H H22    . DG  D 3 13 ? 16.466  -11.708 4.065   1.00 1.28 ? 27 DG  D H22    1 
ATOM 1762 P P      . DC  D 3 14 ? 22.552  -5.888  1.543   1.00 1.34 ? 28 DC  D P      1 
ATOM 1763 O OP1    . DC  D 3 14 ? 22.713  -4.425  1.729   1.00 1.54 ? 28 DC  D OP1    1 
ATOM 1764 O OP2    . DC  D 3 14 ? 23.760  -6.737  1.368   1.00 1.36 ? 28 DC  D OP2    1 
ATOM 1765 O "O5'"  . DC  D 3 14 ? 21.711  -6.461  2.769   1.00 1.19 ? 28 DC  D "O5'"  1 
ATOM 1766 C "C5'"  . DC  D 3 14 ? 20.343  -6.087  2.947   1.00 1.22 ? 28 DC  D "C5'"  1 
ATOM 1767 C "C4'"  . DC  D 3 14 ? 19.814  -6.592  4.272   1.00 1.18 ? 28 DC  D "C4'"  1 
ATOM 1768 O "O4'"  . DC  D 3 14 ? 19.536  -8.007  4.165   1.00 1.05 ? 28 DC  D "O4'"  1 
ATOM 1769 C "C3'"  . DC  D 3 14 ? 20.769  -6.452  5.456   1.00 1.21 ? 28 DC  D "C3'"  1 
ATOM 1770 O "O3'"  . DC  D 3 14 ? 20.040  -6.264  6.674   1.00 1.26 ? 28 DC  D "O3'"  1 
ATOM 1771 C "C2'"  . DC  D 3 14 ? 21.499  -7.781  5.465   1.00 1.10 ? 28 DC  D "C2'"  1 
ATOM 1772 C "C1'"  . DC  D 3 14 ? 20.434  -8.755  4.972   1.00 1.01 ? 28 DC  D "C1'"  1 
ATOM 1773 N N1     . DC  D 3 14 ? 20.946  -9.869  4.152   1.00 0.96 ? 28 DC  D N1     1 
ATOM 1774 C C2     . DC  D 3 14 ? 20.470  -11.163 4.390   1.00 0.96 ? 28 DC  D C2     1 
ATOM 1775 O O2     . DC  D 3 14 ? 19.644  -11.348 5.299   1.00 0.99 ? 28 DC  D O2     1 
ATOM 1776 N N3     . DC  D 3 14 ? 20.918  -12.184 3.623   1.00 1.00 ? 28 DC  D N3     1 
ATOM 1777 C C4     . DC  D 3 14 ? 21.805  -11.951 2.652   1.00 1.04 ? 28 DC  D C4     1 
ATOM 1778 N N4     . DC  D 3 14 ? 22.212  -12.996 1.922   1.00 1.14 ? 28 DC  D N4     1 
ATOM 1779 C C5     . DC  D 3 14 ? 22.308  -10.640 2.387   1.00 1.04 ? 28 DC  D C5     1 
ATOM 1780 C C6     . DC  D 3 14 ? 21.855  -9.641  3.155   1.00 1.01 ? 28 DC  D C6     1 
ATOM 1781 H "H5'"  . DC  D 3 14 ? 19.743  -6.508  2.141   1.00 1.20 ? 28 DC  D "H5'"  1 
ATOM 1782 H "H5''" . DC  D 3 14 ? 20.256  -5.000  2.922   1.00 1.34 ? 28 DC  D "H5''" 1 
ATOM 1783 H "H4'"  . DC  D 3 14 ? 18.930  -6.002  4.515   1.00 1.26 ? 28 DC  D "H4'"  1 
ATOM 1784 H "H3'"  . DC  D 3 14 ? 21.451  -5.614  5.313   1.00 1.32 ? 28 DC  D "H3'"  1 
ATOM 1785 H "HO3'" . DC  D 3 14 ? 19.254  -6.813  6.618   1.00 1.56 ? 28 DC  D "HO3'" 1 
ATOM 1786 H "H2'"  . DC  D 3 14 ? 22.372  -7.759  4.814   1.00 1.14 ? 28 DC  D "H2'"  1 
ATOM 1787 H "H2''" . DC  D 3 14 ? 21.843  -8.038  6.467   1.00 1.10 ? 28 DC  D "H2''" 1 
ATOM 1788 H "H1'"  . DC  D 3 14 ? 19.870  -9.170  5.808   1.00 1.00 ? 28 DC  D "H1'"  1 
ATOM 1789 H H41    . DC  D 3 14 ? 22.881  -12.865 1.177   1.00 1.21 ? 28 DC  D H41    1 
ATOM 1790 H H42    . DC  D 3 14 ? 21.850  -13.919 2.119   1.00 1.18 ? 28 DC  D H42    1 
ATOM 1791 H H5     . DC  D 3 14 ? 23.025  -10.453 1.586   1.00 1.12 ? 28 DC  D H5     1 
ATOM 1792 H H6     . DC  D 3 14 ? 22.219  -8.629  2.982   1.00 1.06 ? 28 DC  D H6     1 
# 
